data_2KER
#
_entry.id   2KER
#
_entity_poly.entity_id   1
_entity_poly.type   'polypeptide(L)'
_entity_poly.pdbx_seq_one_letter_code
;ATGSPVAECVEYFQSWRYTDVHNGCADAVSVTVEYTHGQWAPCRVIEPGGWATFAGYGTDGNYVTGLHTCDPATPSGV
;
_entity_poly.pdbx_strand_id   A
#
# COMPACT_ATOMS: atom_id res chain seq x y z
N ALA A 1 -5.41 -15.95 0.69
CA ALA A 1 -5.84 -16.86 -0.40
C ALA A 1 -6.75 -16.14 -1.40
N THR A 2 -7.85 -15.58 -0.91
CA THR A 2 -8.78 -14.86 -1.76
C THR A 2 -8.20 -13.53 -2.23
N GLY A 3 -7.99 -12.62 -1.30
CA GLY A 3 -7.42 -11.33 -1.63
C GLY A 3 -5.91 -11.41 -1.79
N SER A 4 -5.45 -11.41 -3.02
CA SER A 4 -4.01 -11.53 -3.30
C SER A 4 -3.56 -10.40 -4.22
N PRO A 5 -3.30 -9.21 -3.65
CA PRO A 5 -2.86 -8.04 -4.41
C PRO A 5 -1.33 -7.89 -4.46
N VAL A 6 -0.64 -8.30 -3.40
CA VAL A 6 0.80 -8.12 -3.28
C VAL A 6 1.44 -9.39 -2.70
N ALA A 7 2.46 -9.20 -1.85
CA ALA A 7 3.16 -10.27 -1.13
C ALA A 7 2.23 -11.10 -0.21
N GLU A 8 0.91 -10.90 -0.33
CA GLU A 8 -0.10 -11.68 0.41
C GLU A 8 -0.17 -11.32 1.89
N CYS A 9 0.97 -11.30 2.56
CA CYS A 9 1.00 -11.14 4.01
C CYS A 9 0.72 -9.70 4.42
N VAL A 10 0.67 -8.80 3.46
CA VAL A 10 0.43 -7.41 3.76
C VAL A 10 -1.06 -7.13 3.58
N GLU A 11 -1.67 -6.47 4.56
CA GLU A 11 -3.11 -6.31 4.61
C GLU A 11 -3.47 -4.86 4.90
N TYR A 12 -4.10 -4.18 3.95
CA TYR A 12 -4.57 -2.83 4.21
C TYR A 12 -5.99 -2.79 4.75
N PHE A 13 -6.28 -1.72 5.45
CA PHE A 13 -7.62 -1.40 5.88
C PHE A 13 -7.84 0.08 5.59
N GLN A 14 -9.07 0.47 5.38
CA GLN A 14 -9.35 1.85 5.04
C GLN A 14 -10.04 2.57 6.20
N SER A 15 -9.28 3.42 6.88
CA SER A 15 -9.82 4.22 7.93
C SER A 15 -9.92 5.68 7.48
N TRP A 16 -10.92 5.93 6.64
CA TRP A 16 -11.18 7.26 6.07
C TRP A 16 -10.07 7.70 5.12
N ARG A 17 -9.02 8.31 5.66
CA ARG A 17 -7.95 8.84 4.82
C ARG A 17 -6.64 8.14 5.12
N TYR A 18 -6.74 6.93 5.63
CA TYR A 18 -5.59 6.16 6.07
C TYR A 18 -5.74 4.73 5.61
N THR A 19 -5.07 4.38 4.54
CA THR A 19 -5.02 3.00 4.12
C THR A 19 -3.82 2.32 4.77
N ASP A 20 -4.10 1.66 5.90
CA ASP A 20 -3.08 0.99 6.69
C ASP A 20 -2.78 -0.39 6.15
N VAL A 21 -1.62 -0.55 5.54
CA VAL A 21 -1.20 -1.87 5.10
C VAL A 21 -0.24 -2.46 6.13
N HIS A 22 -0.76 -3.44 6.82
CA HIS A 22 -0.01 -4.15 7.84
C HIS A 22 0.49 -5.47 7.30
N ASN A 23 1.80 -5.57 7.10
CA ASN A 23 2.41 -6.80 6.63
C ASN A 23 2.61 -7.78 7.80
N GLY A 24 2.74 -9.06 7.50
CA GLY A 24 3.07 -10.03 8.54
C GLY A 24 3.83 -11.22 7.99
N CYS A 25 4.50 -11.02 6.85
CA CYS A 25 5.23 -12.09 6.18
C CYS A 25 6.54 -12.42 6.90
N ALA A 26 6.97 -11.49 7.75
CA ALA A 26 8.21 -11.59 8.54
C ALA A 26 9.41 -11.13 7.74
N ASP A 27 9.17 -10.78 6.48
CA ASP A 27 10.22 -10.22 5.64
C ASP A 27 9.74 -8.92 5.02
N ALA A 28 10.69 -8.08 4.65
CA ALA A 28 10.41 -6.81 4.01
C ALA A 28 9.93 -7.02 2.57
N VAL A 29 8.78 -6.46 2.25
CA VAL A 29 8.23 -6.56 0.90
C VAL A 29 7.78 -5.21 0.40
N SER A 30 8.03 -4.95 -0.87
CA SER A 30 7.67 -3.68 -1.46
C SER A 30 6.26 -3.77 -1.99
N VAL A 31 5.43 -2.86 -1.54
CA VAL A 31 4.05 -2.84 -1.94
C VAL A 31 3.70 -1.50 -2.57
N THR A 32 2.82 -1.53 -3.53
CA THR A 32 2.32 -0.35 -4.19
C THR A 32 0.80 -0.32 -4.12
N VAL A 33 0.20 0.85 -4.30
CA VAL A 33 -1.24 0.98 -4.22
C VAL A 33 -1.76 1.75 -5.39
N GLU A 34 -2.86 1.30 -5.94
CA GLU A 34 -3.44 1.93 -7.10
C GLU A 34 -4.69 2.68 -6.69
N TYR A 35 -4.67 3.99 -6.85
CA TYR A 35 -5.77 4.81 -6.37
C TYR A 35 -6.81 5.06 -7.44
N THR A 36 -7.96 5.50 -6.99
CA THR A 36 -9.02 5.99 -7.85
C THR A 36 -8.52 7.09 -8.81
N HIS A 37 -7.41 7.74 -8.46
CA HIS A 37 -6.74 8.64 -9.39
C HIS A 37 -5.23 8.40 -9.34
N GLY A 38 -4.60 8.85 -8.28
CA GLY A 38 -3.19 8.63 -8.10
C GLY A 38 -2.52 9.75 -7.33
N GLN A 39 -2.64 9.73 -6.01
CA GLN A 39 -2.01 10.73 -5.16
C GLN A 39 -0.50 10.50 -5.02
N TRP A 40 0.06 9.75 -5.98
CA TRP A 40 1.49 9.47 -6.04
C TRP A 40 2.00 8.76 -4.78
N ALA A 41 1.90 7.42 -4.82
CA ALA A 41 2.45 6.57 -3.76
C ALA A 41 2.46 5.08 -4.14
N PRO A 42 2.58 4.71 -5.44
CA PRO A 42 2.45 3.32 -5.85
C PRO A 42 3.79 2.59 -5.81
N CYS A 43 4.46 2.64 -4.65
CA CYS A 43 5.66 1.84 -4.36
C CYS A 43 6.28 2.24 -3.01
N ARG A 44 6.21 1.32 -2.04
CA ARG A 44 6.84 1.52 -0.73
C ARG A 44 7.12 0.16 -0.11
N VAL A 45 8.33 -0.04 0.39
CA VAL A 45 8.68 -1.32 1.00
C VAL A 45 8.19 -1.36 2.45
N ILE A 46 7.74 -2.53 2.86
CA ILE A 46 7.22 -2.72 4.18
C ILE A 46 8.25 -3.39 5.05
N GLU A 47 8.23 -3.05 6.30
CA GLU A 47 9.00 -3.77 7.28
C GLU A 47 8.15 -4.93 7.79
N PRO A 48 8.77 -6.08 8.06
CA PRO A 48 8.10 -7.24 8.65
C PRO A 48 7.12 -6.87 9.77
N GLY A 49 5.84 -6.74 9.41
CA GLY A 49 4.85 -6.45 10.42
C GLY A 49 4.56 -4.97 10.54
N GLY A 50 5.14 -4.21 9.63
CA GLY A 50 4.97 -2.78 9.64
C GLY A 50 3.79 -2.31 8.83
N TRP A 51 3.67 -0.99 8.74
CA TRP A 51 2.58 -0.37 8.02
C TRP A 51 3.09 0.49 6.89
N ALA A 52 2.17 0.88 6.03
CA ALA A 52 2.45 1.84 4.98
C ALA A 52 1.20 2.67 4.78
N THR A 53 1.28 3.93 5.15
CA THR A 53 0.16 4.84 5.09
C THR A 53 -0.06 5.30 3.67
N PHE A 54 -1.29 5.20 3.21
CA PHE A 54 -1.60 5.60 1.86
C PHE A 54 -2.90 6.38 1.87
N ALA A 55 -2.90 7.49 1.14
CA ALA A 55 -4.05 8.38 1.11
C ALA A 55 -5.31 7.61 0.78
N GLY A 56 -6.12 7.40 1.81
CA GLY A 56 -7.34 6.64 1.65
C GLY A 56 -8.35 7.34 0.78
N TYR A 57 -9.61 6.99 0.92
CA TYR A 57 -10.66 7.53 0.07
C TYR A 57 -11.15 8.89 0.58
N GLY A 58 -10.23 9.73 1.01
CA GLY A 58 -10.59 11.03 1.50
C GLY A 58 -10.99 11.98 0.38
N THR A 59 -11.70 13.05 0.71
CA THR A 59 -12.13 14.02 -0.27
C THR A 59 -10.94 14.83 -0.78
N ASP A 60 -9.88 14.85 0.01
CA ASP A 60 -8.65 15.54 -0.34
C ASP A 60 -7.69 14.55 -1.00
N GLY A 61 -8.18 13.34 -1.20
CA GLY A 61 -7.40 12.28 -1.78
C GLY A 61 -8.15 11.59 -2.90
N ASN A 62 -8.08 10.27 -2.94
CA ASN A 62 -8.77 9.51 -3.98
C ASN A 62 -9.46 8.32 -3.34
N TYR A 63 -8.78 7.19 -3.41
CA TYR A 63 -9.20 5.92 -2.81
C TYR A 63 -8.31 4.82 -3.34
N VAL A 64 -7.50 4.23 -2.49
CA VAL A 64 -6.72 3.09 -2.90
C VAL A 64 -7.67 1.94 -3.18
N THR A 65 -7.52 1.30 -4.33
CA THR A 65 -8.44 0.25 -4.70
C THR A 65 -7.74 -1.10 -4.73
N GLY A 66 -6.50 -1.09 -5.19
CA GLY A 66 -5.78 -2.34 -5.27
C GLY A 66 -4.34 -2.18 -4.87
N LEU A 67 -3.85 -3.13 -4.09
CA LEU A 67 -2.44 -3.20 -3.77
C LEU A 67 -1.73 -3.98 -4.87
N HIS A 68 -0.48 -3.67 -5.05
CA HIS A 68 0.35 -4.28 -6.08
C HIS A 68 1.72 -4.57 -5.48
N THR A 69 2.40 -5.63 -5.86
CA THR A 69 3.72 -5.86 -5.30
C THR A 69 4.77 -5.08 -6.07
N CYS A 70 5.51 -4.28 -5.33
CA CYS A 70 6.49 -3.37 -5.91
C CYS A 70 7.86 -4.05 -5.97
N ASP A 71 8.75 -3.58 -6.83
CA ASP A 71 10.11 -4.09 -6.85
C ASP A 71 11.04 -3.10 -6.17
N PRO A 72 12.03 -3.62 -5.41
CA PRO A 72 13.05 -2.89 -4.66
C PRO A 72 13.36 -1.49 -5.16
N ALA A 73 12.49 -0.56 -4.79
CA ALA A 73 12.63 0.82 -5.20
C ALA A 73 11.72 1.74 -4.39
N THR A 74 12.22 2.22 -3.26
CA THR A 74 11.49 3.15 -2.43
C THR A 74 11.80 4.59 -2.84
N PRO A 75 10.80 5.47 -2.86
CA PRO A 75 10.99 6.88 -3.15
C PRO A 75 11.82 7.59 -2.08
N SER A 76 13.08 7.86 -2.41
CA SER A 76 14.04 8.47 -1.50
C SER A 76 14.42 7.50 -0.38
N GLY A 77 15.50 6.76 -0.62
CA GLY A 77 15.97 5.78 0.34
C GLY A 77 17.24 6.24 1.03
N VAL A 78 17.12 7.28 1.84
CA VAL A 78 18.25 7.82 2.58
C VAL A 78 18.34 7.19 3.96
N ALA A 1 -9.66 -13.96 1.33
CA ALA A 1 -11.13 -13.82 1.24
C ALA A 1 -11.55 -13.58 -0.22
N THR A 2 -11.52 -12.33 -0.65
CA THR A 2 -11.90 -12.00 -2.03
C THR A 2 -10.74 -12.16 -3.00
N GLY A 3 -9.61 -11.55 -2.67
CA GLY A 3 -8.45 -11.62 -3.53
C GLY A 3 -7.16 -11.43 -2.77
N SER A 4 -6.04 -11.57 -3.46
CA SER A 4 -4.74 -11.44 -2.83
C SER A 4 -3.88 -10.38 -3.53
N PRO A 5 -3.71 -9.23 -2.89
CA PRO A 5 -2.84 -8.15 -3.37
C PRO A 5 -1.41 -8.29 -2.83
N VAL A 6 -0.45 -7.85 -3.65
CA VAL A 6 0.98 -7.83 -3.29
C VAL A 6 1.47 -9.17 -2.72
N ALA A 7 2.44 -9.08 -1.82
CA ALA A 7 3.07 -10.24 -1.16
C ALA A 7 2.10 -11.13 -0.36
N GLU A 8 0.80 -10.79 -0.36
CA GLU A 8 -0.23 -11.54 0.38
C GLU A 8 -0.14 -11.31 1.90
N CYS A 9 1.07 -11.14 2.39
CA CYS A 9 1.30 -11.05 3.83
C CYS A 9 0.90 -9.69 4.37
N VAL A 10 0.68 -8.74 3.48
CA VAL A 10 0.35 -7.38 3.89
C VAL A 10 -1.16 -7.20 3.80
N GLU A 11 -1.72 -6.45 4.73
CA GLU A 11 -3.15 -6.28 4.82
C GLU A 11 -3.52 -4.83 5.07
N TYR A 12 -4.15 -4.18 4.09
CA TYR A 12 -4.61 -2.81 4.31
C TYR A 12 -6.03 -2.76 4.87
N PHE A 13 -6.33 -1.62 5.44
CA PHE A 13 -7.67 -1.31 5.91
C PHE A 13 -7.89 0.17 5.62
N GLN A 14 -9.09 0.67 5.85
CA GLN A 14 -9.36 2.06 5.57
C GLN A 14 -9.78 2.78 6.84
N SER A 15 -8.87 3.55 7.41
CA SER A 15 -9.12 4.26 8.65
C SER A 15 -9.34 5.74 8.37
N TRP A 16 -10.30 6.02 7.47
CA TRP A 16 -10.62 7.38 7.04
C TRP A 16 -9.41 8.07 6.39
N ARG A 17 -9.28 7.90 5.08
CA ARG A 17 -8.19 8.52 4.30
C ARG A 17 -6.82 8.00 4.74
N TYR A 18 -6.82 6.90 5.49
CA TYR A 18 -5.60 6.29 6.00
C TYR A 18 -5.66 4.82 5.68
N THR A 19 -5.06 4.43 4.59
CA THR A 19 -4.99 3.05 4.23
C THR A 19 -3.80 2.39 4.89
N ASP A 20 -4.10 1.74 6.01
CA ASP A 20 -3.09 1.05 6.80
C ASP A 20 -2.80 -0.33 6.24
N VAL A 21 -1.65 -0.51 5.64
CA VAL A 21 -1.24 -1.83 5.18
C VAL A 21 -0.27 -2.42 6.17
N HIS A 22 -0.79 -3.38 6.90
CA HIS A 22 -0.05 -4.06 7.92
C HIS A 22 0.45 -5.39 7.38
N ASN A 23 1.75 -5.48 7.17
CA ASN A 23 2.36 -6.73 6.71
C ASN A 23 2.55 -7.65 7.91
N GLY A 24 2.64 -8.95 7.66
CA GLY A 24 2.91 -9.89 8.74
C GLY A 24 3.86 -11.00 8.33
N CYS A 25 4.53 -10.83 7.20
CA CYS A 25 5.57 -11.77 6.80
C CYS A 25 6.89 -11.39 7.45
N ALA A 26 7.77 -12.35 7.57
CA ALA A 26 9.05 -12.15 8.25
C ALA A 26 10.02 -11.34 7.39
N ASP A 27 9.66 -11.10 6.14
CA ASP A 27 10.54 -10.37 5.24
C ASP A 27 9.90 -9.06 4.78
N ALA A 28 10.78 -8.12 4.46
CA ALA A 28 10.37 -6.82 3.91
C ALA A 28 9.85 -7.00 2.49
N VAL A 29 8.65 -6.52 2.24
CA VAL A 29 8.09 -6.63 0.90
C VAL A 29 7.67 -5.27 0.37
N SER A 30 7.98 -5.03 -0.89
CA SER A 30 7.66 -3.77 -1.51
C SER A 30 6.24 -3.81 -2.06
N VAL A 31 5.43 -2.89 -1.59
CA VAL A 31 4.06 -2.83 -2.02
C VAL A 31 3.75 -1.46 -2.62
N THR A 32 2.86 -1.45 -3.57
CA THR A 32 2.39 -0.25 -4.21
C THR A 32 0.87 -0.21 -4.16
N VAL A 33 0.27 0.96 -4.32
CA VAL A 33 -1.17 1.07 -4.21
C VAL A 33 -1.74 1.85 -5.37
N GLU A 34 -2.77 1.29 -5.95
CA GLU A 34 -3.41 1.87 -7.11
C GLU A 34 -4.71 2.53 -6.67
N TYR A 35 -4.73 3.87 -6.70
CA TYR A 35 -5.88 4.63 -6.23
C TYR A 35 -6.89 4.86 -7.33
N THR A 36 -8.07 5.27 -6.91
CA THR A 36 -9.11 5.78 -7.79
C THR A 36 -8.57 6.90 -8.69
N HIS A 37 -7.59 7.65 -8.20
CA HIS A 37 -6.89 8.63 -9.02
C HIS A 37 -5.39 8.40 -8.97
N GLY A 38 -4.77 8.80 -7.87
CA GLY A 38 -3.35 8.61 -7.73
C GLY A 38 -2.70 9.75 -6.97
N GLN A 39 -2.84 9.74 -5.66
CA GLN A 39 -2.27 10.79 -4.81
C GLN A 39 -0.75 10.63 -4.63
N TRP A 40 -0.13 9.89 -5.55
CA TRP A 40 1.31 9.69 -5.59
C TRP A 40 1.82 8.90 -4.39
N ALA A 41 1.80 7.56 -4.52
CA ALA A 41 2.36 6.67 -3.49
C ALA A 41 2.44 5.21 -3.93
N PRO A 42 2.57 4.88 -5.24
CA PRO A 42 2.49 3.50 -5.71
C PRO A 42 3.85 2.80 -5.70
N CYS A 43 4.50 2.78 -4.53
CA CYS A 43 5.71 1.95 -4.29
C CYS A 43 6.34 2.28 -2.92
N ARG A 44 6.32 1.32 -2.01
CA ARG A 44 6.94 1.46 -0.70
C ARG A 44 7.23 0.06 -0.14
N VAL A 45 8.44 -0.16 0.36
CA VAL A 45 8.75 -1.43 0.99
C VAL A 45 8.24 -1.45 2.42
N ILE A 46 7.69 -2.59 2.80
CA ILE A 46 7.13 -2.77 4.11
C ILE A 46 8.14 -3.46 4.99
N GLU A 47 8.12 -3.08 6.23
CA GLU A 47 8.87 -3.80 7.23
C GLU A 47 8.04 -4.99 7.67
N PRO A 48 8.67 -6.14 7.92
CA PRO A 48 8.00 -7.33 8.44
C PRO A 48 7.12 -7.03 9.65
N GLY A 49 5.86 -6.74 9.39
CA GLY A 49 4.93 -6.46 10.47
C GLY A 49 4.62 -4.99 10.59
N GLY A 50 5.13 -4.20 9.64
CA GLY A 50 4.96 -2.77 9.68
C GLY A 50 3.79 -2.29 8.86
N TRP A 51 3.67 -0.97 8.73
CA TRP A 51 2.59 -0.34 8.00
C TRP A 51 3.11 0.49 6.85
N ALA A 52 2.19 0.87 5.99
CA ALA A 52 2.45 1.81 4.92
C ALA A 52 1.22 2.67 4.76
N THR A 53 1.36 3.94 5.08
CA THR A 53 0.25 4.87 5.06
C THR A 53 0.00 5.36 3.66
N PHE A 54 -1.24 5.25 3.23
CA PHE A 54 -1.59 5.66 1.89
C PHE A 54 -2.92 6.39 1.91
N ALA A 55 -3.02 7.44 1.12
CA ALA A 55 -4.22 8.26 1.06
C ALA A 55 -5.42 7.39 0.73
N GLY A 56 -6.20 7.07 1.74
CA GLY A 56 -7.30 6.17 1.58
C GLY A 56 -8.46 6.84 0.90
N TYR A 57 -9.65 6.30 1.04
CA TYR A 57 -10.80 6.98 0.53
C TYR A 57 -11.30 7.92 1.61
N GLY A 58 -11.47 9.17 1.24
CA GLY A 58 -11.89 10.18 2.18
C GLY A 58 -12.15 11.51 1.52
N THR A 59 -12.24 12.56 2.32
CA THR A 59 -12.52 13.88 1.80
C THR A 59 -11.26 14.46 1.16
N ASP A 60 -11.40 14.93 -0.09
CA ASP A 60 -10.29 15.56 -0.82
C ASP A 60 -9.18 14.56 -1.13
N GLY A 61 -9.54 13.28 -1.15
CA GLY A 61 -8.58 12.25 -1.49
C GLY A 61 -9.08 11.40 -2.64
N ASN A 62 -8.67 10.14 -2.70
CA ASN A 62 -9.17 9.25 -3.73
C ASN A 62 -9.75 8.01 -3.07
N TYR A 63 -9.06 6.89 -3.29
CA TYR A 63 -9.41 5.59 -2.74
C TYR A 63 -8.47 4.55 -3.30
N VAL A 64 -7.57 4.04 -2.47
CA VAL A 64 -6.74 2.94 -2.90
C VAL A 64 -7.65 1.75 -3.17
N THR A 65 -7.48 1.11 -4.32
CA THR A 65 -8.39 0.06 -4.72
C THR A 65 -7.61 -1.11 -5.30
N GLY A 66 -6.31 -1.09 -5.13
CA GLY A 66 -5.51 -2.21 -5.53
C GLY A 66 -4.10 -2.15 -5.00
N LEU A 67 -3.74 -3.13 -4.20
CA LEU A 67 -2.37 -3.25 -3.74
C LEU A 67 -1.58 -4.09 -4.73
N HIS A 68 -0.47 -3.55 -5.16
CA HIS A 68 0.37 -4.17 -6.16
C HIS A 68 1.74 -4.46 -5.55
N THR A 69 2.40 -5.53 -5.94
CA THR A 69 3.73 -5.78 -5.39
C THR A 69 4.77 -4.97 -6.15
N CYS A 70 5.52 -4.16 -5.42
CA CYS A 70 6.49 -3.25 -6.00
C CYS A 70 7.87 -3.92 -6.04
N ASP A 71 8.77 -3.40 -6.88
CA ASP A 71 10.15 -3.86 -6.87
C ASP A 71 11.00 -2.87 -6.08
N PRO A 72 12.02 -3.38 -5.37
CA PRO A 72 13.03 -2.62 -4.62
C PRO A 72 13.31 -1.23 -5.14
N ALA A 73 12.43 -0.31 -4.78
CA ALA A 73 12.56 1.08 -5.20
C ALA A 73 11.59 1.98 -4.45
N THR A 74 12.10 2.66 -3.43
CA THR A 74 11.33 3.68 -2.74
C THR A 74 11.55 5.03 -3.41
N PRO A 75 10.48 5.82 -3.61
CA PRO A 75 10.58 7.16 -4.20
C PRO A 75 11.27 8.17 -3.29
N SER A 76 12.49 7.84 -2.86
CA SER A 76 13.29 8.74 -2.08
C SER A 76 14.04 9.70 -2.99
N GLY A 77 13.40 10.81 -3.31
CA GLY A 77 13.97 11.74 -4.28
C GLY A 77 14.59 12.96 -3.63
N VAL A 78 15.73 13.36 -4.16
CA VAL A 78 16.42 14.56 -3.70
C VAL A 78 16.85 15.38 -4.91
N ALA A 1 -6.27 -11.66 4.95
CA ALA A 1 -5.97 -12.06 3.56
C ALA A 1 -7.23 -12.60 2.88
N THR A 2 -7.33 -12.38 1.57
CA THR A 2 -8.49 -12.82 0.79
C THR A 2 -8.13 -12.85 -0.69
N GLY A 3 -7.72 -11.70 -1.20
CA GLY A 3 -7.23 -11.63 -2.55
C GLY A 3 -5.72 -11.58 -2.57
N SER A 4 -5.14 -11.65 -3.76
CA SER A 4 -3.69 -11.62 -3.88
C SER A 4 -3.25 -10.32 -4.57
N PRO A 5 -3.05 -9.25 -3.79
CA PRO A 5 -2.66 -7.95 -4.34
C PRO A 5 -1.14 -7.79 -4.43
N VAL A 6 -0.44 -8.19 -3.37
CA VAL A 6 1.01 -8.04 -3.30
C VAL A 6 1.62 -9.33 -2.73
N ALA A 7 2.59 -9.18 -1.84
CA ALA A 7 3.21 -10.30 -1.11
C ALA A 7 2.20 -11.16 -0.31
N GLU A 8 0.91 -10.79 -0.39
CA GLU A 8 -0.20 -11.52 0.25
C GLU A 8 -0.26 -11.31 1.76
N CYS A 9 0.89 -11.28 2.42
CA CYS A 9 0.93 -11.19 3.86
C CYS A 9 0.60 -9.78 4.35
N VAL A 10 0.61 -8.83 3.42
CA VAL A 10 0.32 -7.44 3.75
C VAL A 10 -1.15 -7.15 3.44
N GLU A 11 -1.82 -6.44 4.35
CA GLU A 11 -3.24 -6.18 4.19
C GLU A 11 -3.58 -4.77 4.67
N TYR A 12 -4.28 -4.01 3.86
CA TYR A 12 -4.67 -2.65 4.22
C TYR A 12 -6.07 -2.57 4.82
N PHE A 13 -6.32 -1.43 5.43
CA PHE A 13 -7.63 -1.04 5.90
C PHE A 13 -7.72 0.47 5.72
N GLN A 14 -8.92 0.99 5.57
CA GLN A 14 -9.07 2.43 5.36
C GLN A 14 -9.59 3.12 6.61
N SER A 15 -8.70 3.87 7.24
CA SER A 15 -9.05 4.71 8.38
C SER A 15 -9.22 6.14 7.87
N TRP A 16 -9.28 7.11 8.76
CA TRP A 16 -9.48 8.50 8.37
C TRP A 16 -8.24 9.04 7.65
N ARG A 17 -8.33 9.08 6.31
CA ARG A 17 -7.24 9.54 5.43
C ARG A 17 -6.03 8.63 5.55
N TYR A 18 -6.25 7.37 5.86
CA TYR A 18 -5.16 6.47 6.20
C TYR A 18 -5.44 5.06 5.74
N THR A 19 -4.84 4.67 4.64
CA THR A 19 -4.88 3.28 4.22
C THR A 19 -3.70 2.53 4.84
N ASP A 20 -3.99 1.87 5.96
CA ASP A 20 -2.98 1.14 6.72
C ASP A 20 -2.76 -0.26 6.18
N VAL A 21 -1.63 -0.47 5.54
CA VAL A 21 -1.25 -1.80 5.08
C VAL A 21 -0.30 -2.41 6.08
N HIS A 22 -0.81 -3.39 6.80
CA HIS A 22 -0.04 -4.14 7.77
C HIS A 22 0.42 -5.45 7.16
N ASN A 23 1.73 -5.60 6.99
CA ASN A 23 2.31 -6.82 6.46
C ASN A 23 2.44 -7.85 7.59
N GLY A 24 2.62 -9.11 7.23
CA GLY A 24 2.92 -10.14 8.22
C GLY A 24 3.70 -11.30 7.64
N CYS A 25 4.43 -11.03 6.56
CA CYS A 25 5.20 -12.06 5.86
C CYS A 25 6.50 -12.36 6.60
N ALA A 26 6.83 -11.48 7.54
CA ALA A 26 8.02 -11.61 8.40
C ALA A 26 9.27 -11.10 7.68
N ASP A 27 9.11 -10.76 6.41
CA ASP A 27 10.19 -10.14 5.67
C ASP A 27 9.72 -8.83 5.04
N ALA A 28 10.67 -7.97 4.73
CA ALA A 28 10.40 -6.68 4.10
C ALA A 28 9.97 -6.86 2.66
N VAL A 29 8.76 -6.38 2.34
CA VAL A 29 8.26 -6.49 0.98
C VAL A 29 7.82 -5.15 0.45
N SER A 30 8.11 -4.91 -0.81
CA SER A 30 7.78 -3.66 -1.44
C SER A 30 6.38 -3.73 -1.99
N VAL A 31 5.54 -2.85 -1.52
CA VAL A 31 4.18 -2.83 -1.97
C VAL A 31 3.87 -1.50 -2.65
N THR A 32 2.81 -1.50 -3.42
CA THR A 32 2.33 -0.31 -4.10
C THR A 32 0.80 -0.33 -4.11
N VAL A 33 0.17 0.82 -4.32
CA VAL A 33 -1.29 0.90 -4.25
C VAL A 33 -1.85 1.65 -5.43
N GLU A 34 -3.01 1.21 -5.85
CA GLU A 34 -3.69 1.78 -6.99
C GLU A 34 -4.98 2.45 -6.54
N TYR A 35 -5.01 3.77 -6.61
CA TYR A 35 -6.17 4.52 -6.14
C TYR A 35 -7.17 4.75 -7.25
N THR A 36 -8.39 5.07 -6.83
CA THR A 36 -9.46 5.47 -7.72
C THR A 36 -9.04 6.53 -8.74
N HIS A 37 -8.22 7.50 -8.33
CA HIS A 37 -7.76 8.53 -9.25
C HIS A 37 -6.34 8.23 -9.71
N GLY A 38 -5.37 8.47 -8.84
CA GLY A 38 -3.99 8.17 -9.17
C GLY A 38 -3.01 8.96 -8.33
N GLN A 39 -3.25 9.00 -7.02
CA GLN A 39 -2.38 9.73 -6.11
C GLN A 39 -0.99 9.10 -6.13
N TRP A 40 0.04 9.94 -6.17
CA TRP A 40 1.41 9.45 -6.27
C TRP A 40 1.88 8.82 -4.96
N ALA A 41 1.85 7.49 -4.93
CA ALA A 41 2.36 6.71 -3.80
C ALA A 41 2.50 5.20 -4.11
N PRO A 42 2.55 4.76 -5.39
CA PRO A 42 2.47 3.34 -5.69
C PRO A 42 3.84 2.66 -5.65
N CYS A 43 4.51 2.73 -4.49
CA CYS A 43 5.73 1.96 -4.20
C CYS A 43 6.31 2.32 -2.83
N ARG A 44 6.30 1.35 -1.93
CA ARG A 44 6.82 1.51 -0.58
C ARG A 44 7.19 0.14 0.00
N VAL A 45 8.39 -0.01 0.52
CA VAL A 45 8.79 -1.27 1.14
C VAL A 45 8.32 -1.33 2.58
N ILE A 46 7.75 -2.46 2.93
CA ILE A 46 7.21 -2.68 4.24
C ILE A 46 8.23 -3.36 5.11
N GLU A 47 8.15 -3.07 6.39
CA GLU A 47 8.89 -3.82 7.37
C GLU A 47 8.05 -5.03 7.78
N PRO A 48 8.67 -6.16 8.09
CA PRO A 48 7.99 -7.33 8.63
C PRO A 48 6.95 -6.98 9.70
N GLY A 49 5.69 -6.89 9.29
CA GLY A 49 4.64 -6.62 10.26
C GLY A 49 4.41 -5.14 10.41
N GLY A 50 4.99 -4.37 9.52
CA GLY A 50 4.89 -2.93 9.59
C GLY A 50 3.77 -2.39 8.73
N TRP A 51 3.67 -1.07 8.71
CA TRP A 51 2.62 -0.39 7.96
C TRP A 51 3.18 0.45 6.82
N ALA A 52 2.28 0.86 5.96
CA ALA A 52 2.58 1.80 4.90
C ALA A 52 1.36 2.68 4.72
N THR A 53 1.55 3.97 4.94
CA THR A 53 0.44 4.90 4.91
C THR A 53 0.18 5.37 3.51
N PHE A 54 -1.07 5.29 3.12
CA PHE A 54 -1.46 5.66 1.78
C PHE A 54 -2.74 6.47 1.85
N ALA A 55 -2.93 7.35 0.89
CA ALA A 55 -4.02 8.29 0.91
C ALA A 55 -5.35 7.57 0.85
N GLY A 56 -5.95 7.39 2.03
CA GLY A 56 -7.23 6.76 2.10
C GLY A 56 -8.31 7.63 1.48
N TYR A 57 -9.56 7.17 1.45
CA TYR A 57 -10.61 7.89 0.75
C TYR A 57 -11.22 8.98 1.65
N GLY A 58 -10.35 9.69 2.35
CA GLY A 58 -10.78 10.65 3.33
C GLY A 58 -11.38 11.89 2.68
N THR A 59 -12.68 12.11 2.89
CA THR A 59 -13.35 13.30 2.38
C THR A 59 -13.59 13.21 0.86
N ASP A 60 -13.71 11.97 0.37
CA ASP A 60 -14.07 11.72 -1.04
C ASP A 60 -12.98 12.20 -1.98
N GLY A 61 -11.96 11.38 -2.15
CA GLY A 61 -10.89 11.71 -3.05
C GLY A 61 -10.36 10.47 -3.74
N ASN A 62 -9.10 10.13 -3.47
CA ASN A 62 -8.54 8.90 -3.95
C ASN A 62 -8.90 7.78 -3.00
N TYR A 63 -9.22 6.64 -3.55
CA TYR A 63 -9.50 5.46 -2.76
C TYR A 63 -8.65 4.32 -3.27
N VAL A 64 -7.69 3.90 -2.47
CA VAL A 64 -6.87 2.76 -2.84
C VAL A 64 -7.79 1.55 -3.02
N THR A 65 -7.65 0.88 -4.14
CA THR A 65 -8.53 -0.23 -4.46
C THR A 65 -7.74 -1.52 -4.59
N GLY A 66 -6.53 -1.41 -5.10
CA GLY A 66 -5.72 -2.59 -5.30
C GLY A 66 -4.29 -2.37 -4.90
N LEU A 67 -3.78 -3.27 -4.10
CA LEU A 67 -2.37 -3.28 -3.77
C LEU A 67 -1.63 -4.03 -4.88
N HIS A 68 -0.41 -3.62 -5.12
CA HIS A 68 0.43 -4.18 -6.16
C HIS A 68 1.81 -4.44 -5.56
N THR A 69 2.52 -5.46 -5.99
CA THR A 69 3.85 -5.67 -5.44
C THR A 69 4.88 -4.78 -6.13
N CYS A 70 5.67 -4.08 -5.34
CA CYS A 70 6.66 -3.16 -5.86
C CYS A 70 8.02 -3.86 -5.93
N ASP A 71 8.93 -3.34 -6.74
CA ASP A 71 10.30 -3.83 -6.77
C ASP A 71 11.22 -2.72 -6.30
N PRO A 72 12.33 -3.08 -5.61
CA PRO A 72 13.37 -2.20 -5.10
C PRO A 72 13.49 -0.85 -5.81
N ALA A 73 12.58 0.05 -5.45
CA ALA A 73 12.53 1.37 -6.03
C ALA A 73 11.55 2.27 -5.27
N THR A 74 12.01 2.83 -4.16
CA THR A 74 11.19 3.71 -3.36
C THR A 74 11.25 5.14 -3.92
N PRO A 75 10.10 5.68 -4.32
CA PRO A 75 10.02 7.04 -4.86
C PRO A 75 10.43 8.08 -3.84
N SER A 76 11.04 9.14 -4.32
CA SER A 76 11.48 10.23 -3.45
C SER A 76 11.54 11.52 -4.25
N GLY A 77 10.52 12.36 -4.08
CA GLY A 77 10.49 13.64 -4.74
C GLY A 77 11.65 14.51 -4.29
N VAL A 78 11.68 14.81 -3.00
CA VAL A 78 12.78 15.55 -2.42
C VAL A 78 13.34 14.81 -1.21
N ALA A 1 -3.18 -20.01 -9.11
CA ALA A 1 -2.45 -18.78 -9.47
C ALA A 1 -3.05 -17.56 -8.78
N THR A 2 -4.38 -17.53 -8.69
CA THR A 2 -5.06 -16.44 -8.01
C THR A 2 -4.93 -16.58 -6.49
N GLY A 3 -4.54 -15.50 -5.84
CA GLY A 3 -4.38 -15.51 -4.40
C GLY A 3 -4.52 -14.12 -3.82
N SER A 4 -3.63 -13.76 -2.93
CA SER A 4 -3.65 -12.43 -2.32
C SER A 4 -2.71 -11.50 -3.07
N PRO A 5 -3.02 -10.19 -3.10
CA PRO A 5 -2.18 -9.18 -3.75
C PRO A 5 -0.91 -8.91 -2.94
N VAL A 6 0.19 -8.68 -3.67
CA VAL A 6 1.51 -8.34 -3.09
C VAL A 6 1.85 -9.10 -1.80
N ALA A 7 2.63 -10.17 -1.95
CA ALA A 7 3.28 -10.84 -0.83
C ALA A 7 2.32 -11.71 -0.02
N GLU A 8 1.04 -11.35 -0.07
CA GLU A 8 -0.05 -12.08 0.57
C GLU A 8 -0.06 -11.87 2.09
N CYS A 9 1.07 -11.47 2.65
CA CYS A 9 1.17 -11.24 4.08
C CYS A 9 0.74 -9.82 4.45
N VAL A 10 0.67 -8.93 3.47
CA VAL A 10 0.31 -7.54 3.74
C VAL A 10 -1.18 -7.34 3.54
N GLU A 11 -1.80 -6.56 4.42
CA GLU A 11 -3.25 -6.34 4.36
C GLU A 11 -3.58 -4.89 4.70
N TYR A 12 -4.33 -4.21 3.84
CA TYR A 12 -4.76 -2.85 4.15
C TYR A 12 -6.17 -2.75 4.71
N PHE A 13 -6.43 -1.60 5.29
CA PHE A 13 -7.73 -1.21 5.77
C PHE A 13 -7.85 0.29 5.53
N GLN A 14 -9.05 0.83 5.55
CA GLN A 14 -9.21 2.25 5.33
C GLN A 14 -9.81 2.93 6.56
N SER A 15 -9.10 3.91 7.08
CA SER A 15 -9.58 4.70 8.19
C SER A 15 -9.62 6.16 7.77
N TRP A 16 -9.52 7.07 8.73
CA TRP A 16 -9.56 8.50 8.44
C TRP A 16 -8.34 8.95 7.65
N ARG A 17 -8.45 8.90 6.32
CA ARG A 17 -7.39 9.38 5.41
C ARG A 17 -6.11 8.56 5.61
N TYR A 18 -6.29 7.29 5.90
CA TYR A 18 -5.19 6.41 6.26
C TYR A 18 -5.49 5.00 5.77
N THR A 19 -4.88 4.62 4.66
CA THR A 19 -4.94 3.24 4.22
C THR A 19 -3.77 2.48 4.82
N ASP A 20 -4.06 1.76 5.89
CA ASP A 20 -3.05 1.00 6.63
C ASP A 20 -2.82 -0.36 6.01
N VAL A 21 -1.65 -0.55 5.43
CA VAL A 21 -1.26 -1.87 4.98
C VAL A 21 -0.31 -2.47 5.99
N HIS A 22 -0.83 -3.42 6.73
CA HIS A 22 -0.08 -4.12 7.74
C HIS A 22 0.43 -5.43 7.19
N ASN A 23 1.75 -5.50 7.02
CA ASN A 23 2.38 -6.72 6.56
C ASN A 23 2.53 -7.69 7.74
N GLY A 24 2.64 -8.97 7.45
CA GLY A 24 2.90 -9.96 8.48
C GLY A 24 3.90 -11.01 8.03
N CYS A 25 4.59 -10.73 6.93
CA CYS A 25 5.62 -11.63 6.43
C CYS A 25 6.92 -11.32 7.17
N ALA A 26 7.81 -12.30 7.23
CA ALA A 26 9.05 -12.15 7.97
C ALA A 26 10.06 -11.27 7.25
N ASP A 27 9.77 -10.90 6.01
CA ASP A 27 10.69 -10.10 5.23
C ASP A 27 10.06 -8.78 4.79
N ALA A 28 10.92 -7.82 4.50
CA ALA A 28 10.52 -6.52 3.98
C ALA A 28 10.05 -6.65 2.54
N VAL A 29 8.79 -6.33 2.29
CA VAL A 29 8.25 -6.44 0.95
C VAL A 29 7.81 -5.11 0.40
N SER A 30 8.11 -4.88 -0.86
CA SER A 30 7.78 -3.64 -1.50
C SER A 30 6.39 -3.73 -2.07
N VAL A 31 5.51 -2.90 -1.56
CA VAL A 31 4.15 -2.89 -2.01
C VAL A 31 3.84 -1.58 -2.72
N THR A 32 2.75 -1.58 -3.44
CA THR A 32 2.28 -0.41 -4.17
C THR A 32 0.74 -0.44 -4.20
N VAL A 33 0.12 0.73 -4.31
CA VAL A 33 -1.33 0.83 -4.24
C VAL A 33 -1.88 1.63 -5.40
N GLU A 34 -2.96 1.15 -5.97
CA GLU A 34 -3.59 1.81 -7.10
C GLU A 34 -4.79 2.61 -6.59
N TYR A 35 -4.74 3.93 -6.73
CA TYR A 35 -5.84 4.76 -6.25
C TYR A 35 -6.86 5.00 -7.35
N THR A 36 -8.06 5.39 -6.93
CA THR A 36 -9.13 5.79 -7.83
C THR A 36 -8.68 6.79 -8.91
N HIS A 37 -7.73 7.65 -8.56
CA HIS A 37 -7.17 8.57 -9.53
C HIS A 37 -5.72 8.19 -9.85
N GLY A 38 -4.84 8.37 -8.88
CA GLY A 38 -3.47 7.93 -9.04
C GLY A 38 -2.49 8.87 -8.35
N GLN A 39 -2.67 9.06 -7.05
CA GLN A 39 -1.76 9.86 -6.25
C GLN A 39 -0.35 9.25 -6.24
N TRP A 40 0.64 10.10 -6.03
CA TRP A 40 2.02 9.65 -5.99
C TRP A 40 2.31 8.96 -4.67
N ALA A 41 2.43 7.63 -4.72
CA ALA A 41 2.62 6.80 -3.53
C ALA A 41 2.89 5.33 -3.86
N PRO A 42 2.18 4.74 -4.89
CA PRO A 42 2.29 3.31 -5.28
C PRO A 42 3.72 2.75 -5.42
N CYS A 43 4.44 2.64 -4.30
CA CYS A 43 5.72 1.92 -4.19
C CYS A 43 6.38 2.21 -2.84
N ARG A 44 6.31 1.24 -1.94
CA ARG A 44 6.82 1.38 -0.59
C ARG A 44 7.24 0.02 -0.04
N VAL A 45 8.45 -0.09 0.45
CA VAL A 45 8.87 -1.32 1.10
C VAL A 45 8.36 -1.36 2.53
N ILE A 46 7.78 -2.48 2.89
CA ILE A 46 7.19 -2.66 4.18
C ILE A 46 8.19 -3.34 5.09
N GLU A 47 8.12 -3.01 6.35
CA GLU A 47 8.84 -3.74 7.34
C GLU A 47 8.00 -4.95 7.73
N PRO A 48 8.65 -6.10 7.96
CA PRO A 48 7.97 -7.30 8.45
C PRO A 48 7.05 -7.02 9.63
N GLY A 49 5.78 -6.79 9.35
CA GLY A 49 4.84 -6.52 10.41
C GLY A 49 4.59 -5.04 10.59
N GLY A 50 5.02 -4.25 9.61
CA GLY A 50 4.85 -2.81 9.67
C GLY A 50 3.70 -2.32 8.83
N TRP A 51 3.60 -1.00 8.72
CA TRP A 51 2.53 -0.38 7.96
C TRP A 51 3.09 0.46 6.82
N ALA A 52 2.20 0.83 5.91
CA ALA A 52 2.49 1.76 4.85
C ALA A 52 1.29 2.64 4.68
N THR A 53 1.46 3.90 5.04
CA THR A 53 0.39 4.86 5.01
C THR A 53 0.14 5.35 3.61
N PHE A 54 -1.09 5.24 3.19
CA PHE A 54 -1.46 5.63 1.85
C PHE A 54 -2.72 6.45 1.92
N ALA A 55 -2.84 7.42 1.03
CA ALA A 55 -3.96 8.35 1.05
C ALA A 55 -5.27 7.59 0.95
N GLY A 56 -5.94 7.45 2.09
CA GLY A 56 -7.23 6.81 2.10
C GLY A 56 -8.25 7.66 1.38
N TYR A 57 -9.50 7.20 1.28
CA TYR A 57 -10.47 7.93 0.49
C TYR A 57 -11.01 9.13 1.28
N GLY A 58 -10.49 10.30 0.94
CA GLY A 58 -11.01 11.52 1.50
C GLY A 58 -12.37 11.85 0.91
N THR A 59 -13.01 12.87 1.46
CA THR A 59 -14.31 13.30 0.98
C THR A 59 -14.24 13.70 -0.50
N ASP A 60 -13.06 14.14 -0.92
CA ASP A 60 -12.81 14.49 -2.31
C ASP A 60 -11.35 14.20 -2.62
N GLY A 61 -11.08 13.14 -3.39
CA GLY A 61 -9.72 12.76 -3.69
C GLY A 61 -9.61 11.36 -4.24
N ASN A 62 -8.61 10.62 -3.79
CA ASN A 62 -8.39 9.27 -4.25
C ASN A 62 -8.87 8.26 -3.21
N TYR A 63 -9.06 7.05 -3.69
CA TYR A 63 -9.33 5.89 -2.85
C TYR A 63 -8.48 4.73 -3.36
N VAL A 64 -7.61 4.19 -2.52
CA VAL A 64 -6.83 3.03 -2.88
C VAL A 64 -7.79 1.86 -3.12
N THR A 65 -7.63 1.17 -4.24
CA THR A 65 -8.53 0.08 -4.57
C THR A 65 -7.78 -1.22 -4.81
N GLY A 66 -6.49 -1.12 -5.07
CA GLY A 66 -5.72 -2.32 -5.33
C GLY A 66 -4.31 -2.25 -4.80
N LEU A 67 -3.91 -3.28 -4.08
CA LEU A 67 -2.53 -3.42 -3.65
C LEU A 67 -1.78 -4.29 -4.65
N HIS A 68 -0.51 -4.00 -4.80
CA HIS A 68 0.33 -4.69 -5.75
C HIS A 68 1.76 -4.77 -5.24
N THR A 69 2.57 -5.63 -5.84
CA THR A 69 3.97 -5.74 -5.46
C THR A 69 4.81 -4.69 -6.15
N CYS A 70 5.59 -3.98 -5.37
CA CYS A 70 6.55 -3.03 -5.88
C CYS A 70 7.92 -3.69 -5.91
N ASP A 71 8.88 -3.06 -6.56
CA ASP A 71 10.25 -3.54 -6.55
C ASP A 71 11.18 -2.38 -6.32
N PRO A 72 12.27 -2.62 -5.54
CA PRO A 72 13.29 -1.66 -5.14
C PRO A 72 13.33 -0.36 -5.95
N ALA A 73 12.40 0.52 -5.63
CA ALA A 73 12.30 1.80 -6.30
C ALA A 73 11.43 2.75 -5.46
N THR A 74 12.06 3.40 -4.49
CA THR A 74 11.33 4.26 -3.57
C THR A 74 11.06 5.63 -4.21
N PRO A 75 9.87 6.19 -3.95
CA PRO A 75 9.47 7.48 -4.49
C PRO A 75 10.17 8.66 -3.81
N SER A 76 10.08 9.83 -4.43
CA SER A 76 10.66 11.03 -3.88
C SER A 76 9.76 11.59 -2.78
N GLY A 77 10.36 11.99 -1.66
CA GLY A 77 9.61 12.55 -0.57
C GLY A 77 9.48 14.06 -0.66
N VAL A 78 10.62 14.74 -0.58
CA VAL A 78 10.66 16.19 -0.71
C VAL A 78 11.80 16.58 -1.63
N ALA A 1 -8.76 -9.06 -5.59
CA ALA A 1 -9.92 -9.99 -5.58
C ALA A 1 -9.45 -11.43 -5.71
N THR A 2 -9.01 -11.81 -6.91
CA THR A 2 -8.46 -13.14 -7.13
C THR A 2 -7.08 -13.25 -6.49
N GLY A 3 -7.02 -13.89 -5.34
CA GLY A 3 -5.77 -13.97 -4.61
C GLY A 3 -5.56 -12.75 -3.75
N SER A 4 -4.43 -12.69 -3.07
CA SER A 4 -4.15 -11.57 -2.19
C SER A 4 -3.23 -10.56 -2.87
N PRO A 5 -3.43 -9.26 -2.60
CA PRO A 5 -2.62 -8.18 -3.19
C PRO A 5 -1.17 -8.21 -2.72
N VAL A 6 -0.28 -7.66 -3.54
CA VAL A 6 1.16 -7.59 -3.28
C VAL A 6 1.72 -8.94 -2.80
N ALA A 7 2.64 -8.90 -1.84
CA ALA A 7 3.25 -10.08 -1.22
C ALA A 7 2.23 -11.02 -0.57
N GLU A 8 0.95 -10.64 -0.61
CA GLU A 8 -0.17 -11.45 -0.10
C GLU A 8 -0.27 -11.41 1.42
N CYS A 9 0.85 -11.19 2.09
CA CYS A 9 0.89 -11.18 3.55
C CYS A 9 0.53 -9.82 4.13
N VAL A 10 0.46 -8.80 3.28
CA VAL A 10 0.20 -7.45 3.77
C VAL A 10 -1.29 -7.14 3.66
N GLU A 11 -1.84 -6.46 4.66
CA GLU A 11 -3.29 -6.23 4.71
C GLU A 11 -3.59 -4.77 5.01
N TYR A 12 -4.22 -4.08 4.06
CA TYR A 12 -4.62 -2.70 4.29
C TYR A 12 -6.01 -2.57 4.88
N PHE A 13 -6.25 -1.40 5.45
CA PHE A 13 -7.55 -0.99 5.92
C PHE A 13 -7.66 0.50 5.66
N GLN A 14 -8.87 1.02 5.60
CA GLN A 14 -9.04 2.44 5.28
C GLN A 14 -9.68 3.19 6.43
N SER A 15 -8.86 3.92 7.18
CA SER A 15 -9.34 4.74 8.25
C SER A 15 -9.54 6.16 7.71
N TRP A 16 -10.68 6.34 7.03
CA TRP A 16 -10.99 7.57 6.30
C TRP A 16 -9.95 7.82 5.20
N ARG A 17 -8.88 8.54 5.53
CA ARG A 17 -7.86 8.89 4.53
C ARG A 17 -6.51 8.29 4.87
N TYR A 18 -6.54 7.20 5.59
CA TYR A 18 -5.34 6.54 6.07
C TYR A 18 -5.46 5.06 5.76
N THR A 19 -4.89 4.64 4.65
CA THR A 19 -4.86 3.24 4.30
C THR A 19 -3.67 2.56 4.95
N ASP A 20 -3.96 1.84 6.03
CA ASP A 20 -2.96 1.11 6.80
C ASP A 20 -2.71 -0.27 6.22
N VAL A 21 -1.57 -0.47 5.60
CA VAL A 21 -1.20 -1.79 5.13
C VAL A 21 -0.24 -2.41 6.13
N HIS A 22 -0.77 -3.39 6.85
CA HIS A 22 0.01 -4.14 7.82
C HIS A 22 0.45 -5.47 7.24
N ASN A 23 1.75 -5.60 7.00
CA ASN A 23 2.30 -6.82 6.44
C ASN A 23 2.48 -7.89 7.54
N GLY A 24 2.58 -9.16 7.15
CA GLY A 24 2.87 -10.22 8.11
C GLY A 24 3.63 -11.37 7.49
N CYS A 25 4.33 -11.09 6.39
CA CYS A 25 5.10 -12.11 5.67
C CYS A 25 6.37 -12.48 6.42
N ALA A 26 6.74 -11.60 7.35
CA ALA A 26 7.96 -11.74 8.18
C ALA A 26 9.18 -11.18 7.46
N ASP A 27 9.01 -10.78 6.21
CA ASP A 27 10.09 -10.16 5.47
C ASP A 27 9.64 -8.83 4.87
N ALA A 28 10.62 -7.97 4.60
CA ALA A 28 10.37 -6.67 3.98
C ALA A 28 9.93 -6.85 2.53
N VAL A 29 8.76 -6.31 2.21
CA VAL A 29 8.25 -6.40 0.85
C VAL A 29 7.83 -5.05 0.32
N SER A 30 8.11 -4.82 -0.94
CA SER A 30 7.75 -3.55 -1.56
C SER A 30 6.35 -3.63 -2.10
N VAL A 31 5.50 -2.77 -1.60
CA VAL A 31 4.11 -2.74 -2.02
C VAL A 31 3.76 -1.39 -2.64
N THR A 32 2.88 -1.43 -3.61
CA THR A 32 2.35 -0.25 -4.24
C THR A 32 0.83 -0.28 -4.17
N VAL A 33 0.20 0.86 -4.36
CA VAL A 33 -1.25 0.94 -4.24
C VAL A 33 -1.85 1.68 -5.42
N GLU A 34 -2.90 1.12 -5.96
CA GLU A 34 -3.56 1.63 -7.12
C GLU A 34 -4.87 2.28 -6.69
N TYR A 35 -4.96 3.60 -6.80
CA TYR A 35 -6.13 4.33 -6.36
C TYR A 35 -7.14 4.46 -7.49
N THR A 36 -8.35 4.81 -7.09
CA THR A 36 -9.42 5.16 -8.02
C THR A 36 -8.99 6.21 -9.06
N HIS A 37 -7.95 7.00 -8.75
CA HIS A 37 -7.43 7.97 -9.71
C HIS A 37 -5.95 7.75 -9.97
N GLY A 38 -5.09 8.26 -9.11
CA GLY A 38 -3.67 8.08 -9.32
C GLY A 38 -2.82 9.00 -8.47
N GLN A 39 -3.10 9.01 -7.17
CA GLN A 39 -2.29 9.79 -6.22
C GLN A 39 -0.88 9.21 -6.20
N TRP A 40 0.13 10.06 -6.21
CA TRP A 40 1.51 9.61 -6.25
C TRP A 40 1.91 9.03 -4.89
N ALA A 41 2.25 7.75 -4.91
CA ALA A 41 2.55 6.98 -3.70
C ALA A 41 2.98 5.54 -4.02
N PRO A 42 2.25 4.84 -4.95
CA PRO A 42 2.46 3.42 -5.31
C PRO A 42 3.92 2.89 -5.34
N CYS A 43 4.55 2.79 -4.17
CA CYS A 43 5.76 2.00 -3.94
C CYS A 43 6.33 2.31 -2.56
N ARG A 44 6.25 1.34 -1.68
CA ARG A 44 6.81 1.46 -0.35
C ARG A 44 7.21 0.09 0.14
N VAL A 45 8.44 -0.07 0.56
CA VAL A 45 8.87 -1.33 1.15
C VAL A 45 8.41 -1.39 2.59
N ILE A 46 7.78 -2.50 2.91
CA ILE A 46 7.21 -2.71 4.21
C ILE A 46 8.21 -3.42 5.10
N GLU A 47 8.14 -3.12 6.36
CA GLU A 47 8.83 -3.89 7.35
C GLU A 47 7.98 -5.10 7.71
N PRO A 48 8.62 -6.24 8.01
CA PRO A 48 7.93 -7.41 8.55
C PRO A 48 6.94 -7.06 9.64
N GLY A 49 5.67 -6.87 9.27
CA GLY A 49 4.66 -6.57 10.27
C GLY A 49 4.48 -5.07 10.44
N GLY A 50 5.00 -4.32 9.49
CA GLY A 50 4.92 -2.88 9.54
C GLY A 50 3.78 -2.32 8.73
N TRP A 51 3.69 -1.00 8.66
CA TRP A 51 2.62 -0.33 7.93
C TRP A 51 3.15 0.52 6.80
N ALA A 52 2.24 0.90 5.94
CA ALA A 52 2.51 1.84 4.86
C ALA A 52 1.28 2.70 4.68
N THR A 53 1.44 3.98 4.95
CA THR A 53 0.34 4.91 4.89
C THR A 53 0.08 5.36 3.48
N PHE A 54 -1.17 5.31 3.08
CA PHE A 54 -1.55 5.69 1.74
C PHE A 54 -2.85 6.45 1.80
N ALA A 55 -2.99 7.43 0.92
CA ALA A 55 -4.14 8.33 0.94
C ALA A 55 -5.42 7.55 0.76
N GLY A 56 -6.09 7.29 1.88
CA GLY A 56 -7.34 6.58 1.84
C GLY A 56 -8.43 7.44 1.23
N TYR A 57 -9.67 6.98 1.25
CA TYR A 57 -10.75 7.73 0.66
C TYR A 57 -11.41 8.65 1.70
N GLY A 58 -10.82 9.82 1.90
CA GLY A 58 -11.32 10.76 2.91
C GLY A 58 -12.81 11.03 2.81
N THR A 59 -13.22 11.50 1.64
CA THR A 59 -14.62 11.77 1.36
C THR A 59 -14.94 11.46 -0.10
N ASP A 60 -14.25 12.15 -1.00
CA ASP A 60 -14.32 11.87 -2.43
C ASP A 60 -12.93 12.04 -3.01
N GLY A 61 -12.70 11.47 -4.19
CA GLY A 61 -11.39 11.60 -4.81
C GLY A 61 -10.74 10.24 -4.98
N ASN A 62 -9.48 10.13 -4.58
CA ASN A 62 -8.76 8.88 -4.68
C ASN A 62 -9.20 7.89 -3.61
N TYR A 63 -9.25 6.64 -4.01
CA TYR A 63 -9.47 5.54 -3.08
C TYR A 63 -8.57 4.39 -3.47
N VAL A 64 -7.67 4.00 -2.58
CA VAL A 64 -6.84 2.83 -2.83
C VAL A 64 -7.73 1.60 -2.93
N THR A 65 -7.56 0.83 -3.99
CA THR A 65 -8.42 -0.33 -4.19
C THR A 65 -7.64 -1.47 -4.83
N GLY A 66 -6.33 -1.31 -4.91
CA GLY A 66 -5.51 -2.39 -5.42
C GLY A 66 -4.07 -2.31 -4.99
N LEU A 67 -3.70 -3.18 -4.08
CA LEU A 67 -2.31 -3.29 -3.67
C LEU A 67 -1.56 -4.14 -4.69
N HIS A 68 -0.42 -3.64 -5.10
CA HIS A 68 0.39 -4.28 -6.12
C HIS A 68 1.79 -4.49 -5.55
N THR A 69 2.46 -5.58 -5.88
CA THR A 69 3.80 -5.77 -5.36
C THR A 69 4.80 -4.95 -6.16
N CYS A 70 5.57 -4.12 -5.47
CA CYS A 70 6.49 -3.21 -6.13
C CYS A 70 7.86 -3.86 -6.32
N ASP A 71 8.74 -3.18 -7.01
CA ASP A 71 10.12 -3.66 -7.18
C ASP A 71 11.08 -2.57 -6.75
N PRO A 72 12.22 -2.97 -6.15
CA PRO A 72 13.33 -2.13 -5.70
C PRO A 72 13.45 -0.78 -6.40
N ALA A 73 12.63 0.15 -5.95
CA ALA A 73 12.62 1.49 -6.50
C ALA A 73 11.80 2.42 -5.62
N THR A 74 12.48 3.09 -4.68
CA THR A 74 11.81 3.97 -3.76
C THR A 74 11.52 5.32 -4.39
N PRO A 75 10.26 5.79 -4.31
CA PRO A 75 9.88 7.11 -4.82
C PRO A 75 10.42 8.23 -3.94
N SER A 76 11.71 8.49 -4.09
CA SER A 76 12.37 9.55 -3.36
C SER A 76 12.16 10.90 -4.04
N GLY A 77 11.97 10.84 -5.37
CA GLY A 77 11.77 12.05 -6.13
C GLY A 77 12.82 12.18 -7.21
N VAL A 78 12.43 12.73 -8.35
CA VAL A 78 13.35 12.91 -9.47
C VAL A 78 13.28 14.34 -9.97
N ALA A 1 -3.61 -13.07 -10.04
CA ALA A 1 -4.70 -14.01 -9.71
C ALA A 1 -5.78 -13.29 -8.92
N THR A 2 -6.92 -13.96 -8.73
CA THR A 2 -8.00 -13.41 -7.92
C THR A 2 -7.65 -13.51 -6.43
N GLY A 3 -6.81 -12.57 -5.98
CA GLY A 3 -6.36 -12.57 -4.62
C GLY A 3 -4.85 -12.46 -4.57
N SER A 4 -4.29 -12.47 -3.36
CA SER A 4 -2.85 -12.38 -3.15
C SER A 4 -2.25 -11.11 -3.77
N PRO A 5 -2.44 -9.97 -3.11
CA PRO A 5 -1.94 -8.69 -3.57
C PRO A 5 -0.55 -8.37 -3.02
N VAL A 6 0.43 -8.30 -3.95
CA VAL A 6 1.86 -7.99 -3.66
C VAL A 6 2.52 -9.10 -2.82
N ALA A 7 1.85 -9.47 -1.76
CA ALA A 7 2.36 -10.35 -0.75
C ALA A 7 1.24 -10.60 0.21
N GLU A 8 0.78 -11.83 0.25
CA GLU A 8 -0.49 -12.19 0.90
C GLU A 8 -0.53 -11.79 2.37
N CYS A 9 0.63 -11.47 2.92
CA CYS A 9 0.74 -11.16 4.33
C CYS A 9 0.45 -9.69 4.62
N VAL A 10 0.46 -8.83 3.60
CA VAL A 10 0.20 -7.41 3.82
C VAL A 10 -1.30 -7.15 3.66
N GLU A 11 -1.88 -6.44 4.61
CA GLU A 11 -3.32 -6.21 4.60
C GLU A 11 -3.62 -4.76 4.97
N TYR A 12 -4.33 -4.05 4.10
CA TYR A 12 -4.71 -2.68 4.39
C TYR A 12 -6.09 -2.56 5.01
N PHE A 13 -6.30 -1.45 5.67
CA PHE A 13 -7.59 -1.07 6.20
C PHE A 13 -7.75 0.43 5.96
N GLN A 14 -8.95 0.94 6.08
CA GLN A 14 -9.19 2.34 5.78
C GLN A 14 -9.63 3.10 7.03
N SER A 15 -8.75 3.91 7.55
CA SER A 15 -9.09 4.83 8.60
C SER A 15 -9.38 6.18 7.95
N TRP A 16 -9.59 7.22 8.76
CA TRP A 16 -9.83 8.55 8.21
C TRP A 16 -8.62 9.05 7.41
N ARG A 17 -8.70 8.88 6.09
CA ARG A 17 -7.64 9.26 5.16
C ARG A 17 -6.32 8.56 5.50
N TYR A 18 -6.41 7.29 5.85
CA TYR A 18 -5.25 6.51 6.27
C TYR A 18 -5.45 5.06 5.87
N THR A 19 -4.92 4.68 4.74
CA THR A 19 -4.95 3.31 4.32
C THR A 19 -3.76 2.56 4.90
N ASP A 20 -4.00 1.88 6.03
CA ASP A 20 -2.96 1.16 6.74
C ASP A 20 -2.78 -0.24 6.21
N VAL A 21 -1.65 -0.47 5.55
CA VAL A 21 -1.30 -1.81 5.12
C VAL A 21 -0.32 -2.40 6.09
N HIS A 22 -0.82 -3.34 6.88
CA HIS A 22 0.00 -4.05 7.84
C HIS A 22 0.43 -5.38 7.27
N ASN A 23 1.73 -5.52 7.08
CA ASN A 23 2.29 -6.75 6.61
C ASN A 23 2.46 -7.73 7.78
N GLY A 24 2.59 -9.00 7.46
CA GLY A 24 2.88 -10.01 8.48
C GLY A 24 3.54 -11.22 7.88
N CYS A 25 4.44 -10.98 6.92
CA CYS A 25 5.11 -12.05 6.19
C CYS A 25 6.42 -12.44 6.86
N ALA A 26 6.89 -11.56 7.74
CA ALA A 26 8.16 -11.73 8.47
C ALA A 26 9.34 -11.23 7.65
N ASP A 27 9.07 -10.90 6.39
CA ASP A 27 10.09 -10.35 5.52
C ASP A 27 9.63 -9.03 4.91
N ALA A 28 10.59 -8.17 4.59
CA ALA A 28 10.32 -6.89 3.96
C ALA A 28 9.86 -7.07 2.52
N VAL A 29 8.71 -6.50 2.19
CA VAL A 29 8.19 -6.56 0.83
C VAL A 29 7.81 -5.20 0.32
N SER A 30 8.10 -4.95 -0.94
CA SER A 30 7.79 -3.67 -1.53
C SER A 30 6.43 -3.73 -2.16
N VAL A 31 5.54 -2.90 -1.66
CA VAL A 31 4.19 -2.86 -2.13
C VAL A 31 3.89 -1.53 -2.82
N THR A 32 2.79 -1.49 -3.53
CA THR A 32 2.31 -0.29 -4.19
C THR A 32 0.78 -0.35 -4.26
N VAL A 33 0.13 0.79 -4.42
CA VAL A 33 -1.33 0.85 -4.35
C VAL A 33 -1.89 1.66 -5.49
N GLU A 34 -3.02 1.20 -6.02
CA GLU A 34 -3.69 1.89 -7.09
C GLU A 34 -4.97 2.53 -6.56
N TYR A 35 -5.07 3.86 -6.65
CA TYR A 35 -6.23 4.57 -6.12
C TYR A 35 -7.29 4.76 -7.19
N THR A 36 -8.49 5.09 -6.73
CA THR A 36 -9.59 5.49 -7.59
C THR A 36 -9.18 6.58 -8.59
N HIS A 37 -8.13 7.33 -8.27
CA HIS A 37 -7.55 8.29 -9.22
C HIS A 37 -6.11 7.91 -9.53
N GLY A 38 -5.20 8.26 -8.64
CA GLY A 38 -3.82 7.89 -8.83
C GLY A 38 -2.87 8.84 -8.13
N GLN A 39 -3.12 9.07 -6.84
CA GLN A 39 -2.25 9.93 -6.04
C GLN A 39 -0.85 9.32 -6.00
N TRP A 40 0.16 10.15 -6.05
CA TRP A 40 1.54 9.66 -6.09
C TRP A 40 1.92 9.05 -4.74
N ALA A 41 2.19 7.75 -4.78
CA ALA A 41 2.46 6.95 -3.59
C ALA A 41 2.85 5.51 -3.93
N PRO A 42 2.13 4.84 -4.88
CA PRO A 42 2.32 3.42 -5.27
C PRO A 42 3.78 2.91 -5.36
N CYS A 43 4.44 2.78 -4.21
CA CYS A 43 5.71 2.05 -4.06
C CYS A 43 6.32 2.31 -2.68
N ARG A 44 6.24 1.30 -1.82
CA ARG A 44 6.75 1.38 -0.46
C ARG A 44 7.15 0.00 0.03
N VAL A 45 8.38 -0.16 0.50
CA VAL A 45 8.79 -1.41 1.10
C VAL A 45 8.30 -1.47 2.55
N ILE A 46 7.74 -2.60 2.91
CA ILE A 46 7.18 -2.81 4.20
C ILE A 46 8.19 -3.50 5.08
N GLU A 47 8.18 -3.15 6.33
CA GLU A 47 8.91 -3.89 7.32
C GLU A 47 8.04 -5.05 7.77
N PRO A 48 8.64 -6.21 8.03
CA PRO A 48 7.95 -7.37 8.61
C PRO A 48 6.99 -6.97 9.73
N GLY A 49 5.72 -6.79 9.38
CA GLY A 49 4.73 -6.45 10.40
C GLY A 49 4.50 -4.96 10.50
N GLY A 50 5.04 -4.21 9.54
CA GLY A 50 4.92 -2.77 9.55
C GLY A 50 3.78 -2.27 8.70
N TRP A 51 3.66 -0.95 8.60
CA TRP A 51 2.59 -0.32 7.85
C TRP A 51 3.12 0.47 6.67
N ALA A 52 2.20 0.84 5.81
CA ALA A 52 2.47 1.73 4.71
C ALA A 52 1.27 2.64 4.55
N THR A 53 1.48 3.90 4.85
CA THR A 53 0.41 4.86 4.84
C THR A 53 0.10 5.30 3.43
N PHE A 54 -1.17 5.25 3.07
CA PHE A 54 -1.59 5.60 1.73
C PHE A 54 -2.87 6.38 1.83
N ALA A 55 -3.02 7.37 0.97
CA ALA A 55 -4.16 8.28 1.01
C ALA A 55 -5.46 7.49 0.97
N GLY A 56 -6.11 7.40 2.13
CA GLY A 56 -7.36 6.71 2.21
C GLY A 56 -8.44 7.45 1.43
N TYR A 57 -9.66 6.94 1.42
CA TYR A 57 -10.68 7.53 0.57
C TYR A 57 -11.21 8.85 1.14
N GLY A 58 -10.52 9.92 0.80
CA GLY A 58 -10.92 11.24 1.21
C GLY A 58 -10.14 12.32 0.48
N THR A 59 -8.82 12.22 0.56
CA THR A 59 -7.94 13.18 -0.08
C THR A 59 -8.13 13.17 -1.61
N ASP A 60 -8.70 14.24 -2.15
CA ASP A 60 -8.97 14.36 -3.59
C ASP A 60 -9.89 13.26 -4.09
N GLY A 61 -10.54 12.58 -3.16
CA GLY A 61 -11.46 11.51 -3.52
C GLY A 61 -10.75 10.29 -4.06
N ASN A 62 -9.48 10.10 -3.70
CA ASN A 62 -8.76 8.91 -4.09
C ASN A 62 -9.00 7.83 -3.05
N TYR A 63 -9.35 6.65 -3.53
CA TYR A 63 -9.52 5.49 -2.67
C TYR A 63 -8.64 4.37 -3.19
N VAL A 64 -7.70 3.91 -2.39
CA VAL A 64 -6.87 2.79 -2.78
C VAL A 64 -7.77 1.58 -3.03
N THR A 65 -7.60 0.94 -4.17
CA THR A 65 -8.47 -0.15 -4.55
C THR A 65 -7.68 -1.40 -4.91
N GLY A 66 -6.37 -1.25 -5.04
CA GLY A 66 -5.55 -2.38 -5.38
C GLY A 66 -4.14 -2.26 -4.85
N LEU A 67 -3.57 -3.40 -4.50
CA LEU A 67 -2.21 -3.47 -4.02
C LEU A 67 -1.38 -4.29 -4.99
N HIS A 68 -0.20 -3.80 -5.29
CA HIS A 68 0.69 -4.42 -6.27
C HIS A 68 2.09 -4.55 -5.68
N THR A 69 2.90 -5.45 -6.18
CA THR A 69 4.27 -5.58 -5.70
C THR A 69 5.16 -4.52 -6.32
N CYS A 70 5.91 -3.83 -5.50
CA CYS A 70 6.83 -2.81 -5.96
C CYS A 70 8.23 -3.42 -6.08
N ASP A 71 9.10 -2.82 -6.88
CA ASP A 71 10.49 -3.24 -6.92
C ASP A 71 11.36 -2.10 -6.42
N PRO A 72 12.44 -2.45 -5.67
CA PRO A 72 13.43 -1.54 -5.09
C PRO A 72 13.52 -0.17 -5.75
N ALA A 73 12.57 0.68 -5.42
CA ALA A 73 12.48 2.01 -6.00
C ALA A 73 11.46 2.85 -5.25
N THR A 74 11.92 3.53 -4.20
CA THR A 74 11.02 4.34 -3.39
C THR A 74 11.01 5.80 -3.85
N PRO A 75 9.80 6.39 -3.98
CA PRO A 75 9.65 7.79 -4.38
C PRO A 75 10.31 8.76 -3.41
N SER A 76 11.29 9.50 -3.92
CA SER A 76 12.01 10.52 -3.15
C SER A 76 12.84 9.91 -2.01
N GLY A 77 13.88 10.63 -1.61
CA GLY A 77 14.71 10.19 -0.51
C GLY A 77 14.08 10.52 0.83
N VAL A 78 13.41 9.53 1.40
CA VAL A 78 12.75 9.69 2.69
C VAL A 78 13.32 8.67 3.67
N ALA A 1 -13.64 -14.74 -1.21
CA ALA A 1 -12.75 -14.70 -2.39
C ALA A 1 -11.29 -14.72 -1.96
N THR A 2 -10.83 -13.59 -1.42
CA THR A 2 -9.47 -13.47 -0.89
C THR A 2 -8.43 -13.65 -1.99
N GLY A 3 -8.07 -12.55 -2.63
CA GLY A 3 -7.09 -12.59 -3.69
C GLY A 3 -5.74 -12.08 -3.24
N SER A 4 -4.71 -12.32 -4.03
CA SER A 4 -3.37 -11.89 -3.69
C SER A 4 -2.99 -10.64 -4.50
N PRO A 5 -3.10 -9.44 -3.90
CA PRO A 5 -2.76 -8.20 -4.59
C PRO A 5 -1.28 -7.87 -4.47
N VAL A 6 -0.66 -8.35 -3.40
CA VAL A 6 0.75 -8.10 -3.11
C VAL A 6 1.39 -9.35 -2.55
N ALA A 7 2.37 -9.15 -1.66
CA ALA A 7 3.12 -10.23 -1.02
C ALA A 7 2.27 -11.12 -0.10
N GLU A 8 0.95 -11.04 -0.23
CA GLU A 8 0.00 -11.84 0.56
C GLU A 8 -0.07 -11.43 2.03
N CYS A 9 1.09 -11.37 2.67
CA CYS A 9 1.14 -11.13 4.11
C CYS A 9 0.77 -9.69 4.45
N VAL A 10 0.74 -8.82 3.44
CA VAL A 10 0.47 -7.42 3.68
C VAL A 10 -1.02 -7.13 3.47
N GLU A 11 -1.65 -6.45 4.42
CA GLU A 11 -3.08 -6.24 4.36
C GLU A 11 -3.44 -4.81 4.75
N TYR A 12 -4.14 -4.11 3.88
CA TYR A 12 -4.56 -2.75 4.20
C TYR A 12 -5.97 -2.70 4.79
N PHE A 13 -6.25 -1.56 5.39
CA PHE A 13 -7.59 -1.21 5.82
C PHE A 13 -7.75 0.29 5.68
N GLN A 14 -8.89 0.74 5.17
CA GLN A 14 -9.11 2.15 4.97
C GLN A 14 -9.77 2.77 6.21
N SER A 15 -8.97 3.49 6.99
CA SER A 15 -9.44 4.16 8.17
C SER A 15 -9.63 5.63 7.88
N TRP A 16 -10.78 5.95 7.28
CA TRP A 16 -11.15 7.33 6.93
C TRP A 16 -10.28 7.84 5.77
N ARG A 17 -9.05 8.24 6.09
CA ARG A 17 -8.12 8.78 5.10
C ARG A 17 -6.76 8.12 5.24
N TYR A 18 -6.77 6.90 5.77
CA TYR A 18 -5.56 6.22 6.18
C TYR A 18 -5.65 4.77 5.74
N THR A 19 -5.06 4.45 4.62
CA THR A 19 -5.01 3.07 4.18
C THR A 19 -3.80 2.39 4.80
N ASP A 20 -4.07 1.73 5.94
CA ASP A 20 -3.03 1.05 6.70
C ASP A 20 -2.76 -0.34 6.17
N VAL A 21 -1.61 -0.51 5.54
CA VAL A 21 -1.21 -1.83 5.10
C VAL A 21 -0.25 -2.41 6.13
N HIS A 22 -0.77 -3.37 6.87
CA HIS A 22 0.01 -4.08 7.86
C HIS A 22 0.50 -5.39 7.28
N ASN A 23 1.81 -5.48 7.11
CA ASN A 23 2.41 -6.70 6.62
C ASN A 23 2.58 -7.70 7.77
N GLY A 24 2.51 -8.99 7.47
CA GLY A 24 2.78 -9.99 8.47
C GLY A 24 3.73 -11.06 7.96
N CYS A 25 4.48 -10.72 6.92
CA CYS A 25 5.50 -11.61 6.39
C CYS A 25 6.78 -11.39 7.17
N ALA A 26 7.63 -12.39 7.20
CA ALA A 26 8.86 -12.32 7.98
C ALA A 26 9.90 -11.42 7.33
N ASP A 27 9.68 -11.06 6.07
CA ASP A 27 10.64 -10.26 5.35
C ASP A 27 10.02 -8.97 4.81
N ALA A 28 10.89 -8.01 4.52
CA ALA A 28 10.49 -6.73 3.94
C ALA A 28 10.04 -6.89 2.50
N VAL A 29 8.82 -6.43 2.21
CA VAL A 29 8.27 -6.51 0.87
C VAL A 29 7.78 -5.16 0.38
N SER A 30 8.05 -4.88 -0.88
CA SER A 30 7.65 -3.62 -1.46
C SER A 30 6.24 -3.72 -1.99
N VAL A 31 5.40 -2.82 -1.56
CA VAL A 31 4.03 -2.80 -1.97
C VAL A 31 3.67 -1.45 -2.59
N THR A 32 2.79 -1.50 -3.57
CA THR A 32 2.30 -0.32 -4.25
C THR A 32 0.77 -0.30 -4.20
N VAL A 33 0.16 0.87 -4.33
CA VAL A 33 -1.29 0.99 -4.24
C VAL A 33 -1.86 1.79 -5.39
N GLU A 34 -2.97 1.30 -5.92
CA GLU A 34 -3.64 1.91 -7.04
C GLU A 34 -4.80 2.75 -6.53
N TYR A 35 -4.74 4.07 -6.72
CA TYR A 35 -5.84 4.92 -6.29
C TYR A 35 -6.82 5.14 -7.43
N THR A 36 -8.05 5.39 -7.04
CA THR A 36 -9.14 5.69 -7.95
C THR A 36 -8.79 6.75 -9.01
N HIS A 37 -7.89 7.67 -8.68
CA HIS A 37 -7.53 8.71 -9.64
C HIS A 37 -6.03 8.69 -9.97
N GLY A 38 -5.21 9.23 -9.09
CA GLY A 38 -3.79 9.25 -9.33
C GLY A 38 -3.04 10.10 -8.36
N GLN A 39 -2.03 9.51 -7.73
CA GLN A 39 -1.18 10.18 -6.75
C GLN A 39 0.07 9.35 -6.56
N TRP A 40 1.20 10.02 -6.31
CA TRP A 40 2.45 9.30 -6.11
C TRP A 40 2.49 8.69 -4.72
N ALA A 41 2.93 7.45 -4.65
CA ALA A 41 2.88 6.61 -3.45
C ALA A 41 3.04 5.13 -3.78
N PRO A 42 2.38 4.64 -4.88
CA PRO A 42 2.45 3.22 -5.33
C PRO A 42 3.86 2.63 -5.52
N CYS A 43 4.62 2.55 -4.43
CA CYS A 43 5.82 1.72 -4.31
C CYS A 43 6.53 2.04 -2.99
N ARG A 44 6.32 1.21 -2.00
CA ARG A 44 6.93 1.41 -0.69
C ARG A 44 7.24 0.05 -0.06
N VAL A 45 8.46 -0.13 0.42
CA VAL A 45 8.83 -1.39 1.06
C VAL A 45 8.34 -1.42 2.49
N ILE A 46 7.82 -2.56 2.88
CA ILE A 46 7.25 -2.74 4.19
C ILE A 46 8.24 -3.46 5.07
N GLU A 47 8.22 -3.13 6.33
CA GLU A 47 8.96 -3.88 7.31
C GLU A 47 8.07 -5.03 7.77
N PRO A 48 8.66 -6.22 8.02
CA PRO A 48 7.94 -7.38 8.54
C PRO A 48 7.05 -7.03 9.73
N GLY A 49 5.79 -6.71 9.45
CA GLY A 49 4.86 -6.40 10.51
C GLY A 49 4.55 -4.92 10.59
N GLY A 50 5.10 -4.15 9.67
CA GLY A 50 4.92 -2.72 9.69
C GLY A 50 3.76 -2.24 8.85
N TRP A 51 3.65 -0.93 8.72
CA TRP A 51 2.55 -0.31 7.98
C TRP A 51 3.07 0.51 6.82
N ALA A 52 2.15 0.90 5.96
CA ALA A 52 2.42 1.83 4.89
C ALA A 52 1.19 2.69 4.71
N THR A 53 1.31 3.96 5.08
CA THR A 53 0.20 4.88 5.06
C THR A 53 -0.06 5.38 3.65
N PHE A 54 -1.30 5.24 3.22
CA PHE A 54 -1.66 5.62 1.88
C PHE A 54 -2.98 6.35 1.92
N ALA A 55 -3.06 7.44 1.17
CA ALA A 55 -4.24 8.30 1.18
C ALA A 55 -5.49 7.49 0.96
N GLY A 56 -6.25 7.30 2.03
CA GLY A 56 -7.50 6.63 1.93
C GLY A 56 -8.51 7.45 1.17
N TYR A 57 -9.76 7.04 1.17
CA TYR A 57 -10.76 7.75 0.40
C TYR A 57 -11.35 8.90 1.21
N GLY A 58 -10.61 9.99 1.28
CA GLY A 58 -11.07 11.15 2.02
C GLY A 58 -11.06 12.40 1.15
N THR A 59 -11.86 13.38 1.54
CA THR A 59 -11.96 14.65 0.80
C THR A 59 -12.51 14.43 -0.61
N ASP A 60 -12.98 13.20 -0.86
CA ASP A 60 -13.50 12.81 -2.17
C ASP A 60 -12.38 12.81 -3.22
N GLY A 61 -11.15 12.69 -2.75
CA GLY A 61 -10.01 12.69 -3.65
C GLY A 61 -9.86 11.38 -4.37
N ASN A 62 -8.92 10.59 -3.89
CA ASN A 62 -8.71 9.28 -4.44
C ASN A 62 -9.24 8.23 -3.50
N TYR A 63 -8.87 7.02 -3.79
CA TYR A 63 -9.24 5.85 -3.00
C TYR A 63 -8.41 4.67 -3.46
N VAL A 64 -7.60 4.15 -2.56
CA VAL A 64 -6.81 2.97 -2.90
C VAL A 64 -7.74 1.78 -3.12
N THR A 65 -7.59 1.14 -4.27
CA THR A 65 -8.48 0.06 -4.62
C THR A 65 -7.71 -1.23 -4.89
N GLY A 66 -6.44 -1.10 -5.23
CA GLY A 66 -5.65 -2.28 -5.51
C GLY A 66 -4.24 -2.18 -5.02
N LEU A 67 -3.84 -3.14 -4.22
CA LEU A 67 -2.45 -3.26 -3.83
C LEU A 67 -1.72 -4.04 -4.90
N HIS A 68 -0.45 -3.78 -5.02
CA HIS A 68 0.41 -4.38 -6.04
C HIS A 68 1.77 -4.63 -5.42
N THR A 69 2.42 -5.72 -5.74
CA THR A 69 3.75 -5.94 -5.21
C THR A 69 4.77 -5.16 -6.02
N CYS A 70 5.54 -4.34 -5.32
CA CYS A 70 6.52 -3.49 -5.96
C CYS A 70 7.89 -4.17 -5.94
N ASP A 71 8.76 -3.84 -6.87
CA ASP A 71 10.12 -4.36 -6.87
C ASP A 71 11.07 -3.26 -6.43
N PRO A 72 12.10 -3.63 -5.63
CA PRO A 72 13.15 -2.77 -5.10
C PRO A 72 13.36 -1.47 -5.84
N ALA A 73 12.50 -0.51 -5.54
CA ALA A 73 12.53 0.79 -6.18
C ALA A 73 11.60 1.77 -5.45
N THR A 74 12.15 2.50 -4.50
CA THR A 74 11.38 3.50 -3.77
C THR A 74 11.46 4.86 -4.48
N PRO A 75 10.29 5.46 -4.80
CA PRO A 75 10.23 6.76 -5.48
C PRO A 75 10.89 7.87 -4.67
N SER A 76 10.56 7.92 -3.39
CA SER A 76 11.10 8.95 -2.49
C SER A 76 11.03 8.47 -1.05
N GLY A 77 11.24 9.38 -0.11
CA GLY A 77 11.14 9.01 1.30
C GLY A 77 12.49 8.80 1.95
N VAL A 78 13.55 9.07 1.21
CA VAL A 78 14.90 8.93 1.71
C VAL A 78 15.40 10.23 2.33
N ALA A 1 0.95 -13.25 -5.14
CA ALA A 1 -0.03 -12.44 -5.92
C ALA A 1 -1.15 -13.32 -6.45
N THR A 2 -2.01 -12.74 -7.28
CA THR A 2 -3.16 -13.45 -7.86
C THR A 2 -4.26 -13.65 -6.82
N GLY A 3 -3.94 -14.37 -5.75
CA GLY A 3 -4.89 -14.57 -4.68
C GLY A 3 -5.08 -13.30 -3.88
N SER A 4 -4.07 -12.97 -3.08
CA SER A 4 -4.07 -11.73 -2.34
C SER A 4 -3.16 -10.71 -3.04
N PRO A 5 -3.42 -9.41 -2.82
CA PRO A 5 -2.60 -8.33 -3.38
C PRO A 5 -1.16 -8.36 -2.85
N VAL A 6 -0.23 -7.89 -3.69
CA VAL A 6 1.20 -7.82 -3.36
C VAL A 6 1.73 -9.15 -2.81
N ALA A 7 2.66 -9.06 -1.86
CA ALA A 7 3.24 -10.20 -1.16
C ALA A 7 2.20 -11.06 -0.44
N GLU A 8 0.93 -10.62 -0.46
CA GLU A 8 -0.21 -11.35 0.10
C GLU A 8 -0.23 -11.34 1.63
N CYS A 9 0.92 -11.17 2.26
CA CYS A 9 1.01 -11.13 3.72
C CYS A 9 0.69 -9.75 4.27
N VAL A 10 0.52 -8.77 3.39
CA VAL A 10 0.26 -7.42 3.84
C VAL A 10 -1.25 -7.16 3.75
N GLU A 11 -1.80 -6.48 4.75
CA GLU A 11 -3.24 -6.29 4.83
C GLU A 11 -3.57 -4.81 5.08
N TYR A 12 -4.20 -4.16 4.12
CA TYR A 12 -4.60 -2.76 4.32
C TYR A 12 -6.02 -2.63 4.84
N PHE A 13 -6.31 -1.43 5.30
CA PHE A 13 -7.64 -1.05 5.71
C PHE A 13 -7.81 0.44 5.44
N GLN A 14 -8.97 0.85 4.98
CA GLN A 14 -9.20 2.27 4.72
C GLN A 14 -9.96 2.89 5.88
N SER A 15 -9.21 3.58 6.73
CA SER A 15 -9.79 4.28 7.85
C SER A 15 -9.96 5.74 7.45
N TRP A 16 -10.02 6.63 8.42
CA TRP A 16 -10.12 8.06 8.16
C TRP A 16 -8.85 8.57 7.46
N ARG A 17 -8.90 8.61 6.13
CA ARG A 17 -7.80 9.14 5.32
C ARG A 17 -6.50 8.34 5.53
N TYR A 18 -6.65 7.06 5.84
CA TYR A 18 -5.51 6.23 6.22
C TYR A 18 -5.71 4.82 5.72
N THR A 19 -5.04 4.48 4.64
CA THR A 19 -4.96 3.10 4.21
C THR A 19 -3.74 2.43 4.86
N ASP A 20 -4.00 1.74 5.96
CA ASP A 20 -2.96 1.05 6.71
C ASP A 20 -2.70 -0.34 6.17
N VAL A 21 -1.56 -0.53 5.53
CA VAL A 21 -1.18 -1.85 5.09
C VAL A 21 -0.22 -2.45 6.09
N HIS A 22 -0.73 -3.41 6.84
CA HIS A 22 0.04 -4.11 7.85
C HIS A 22 0.51 -5.45 7.31
N ASN A 23 1.81 -5.57 7.08
CA ASN A 23 2.39 -6.81 6.58
C ASN A 23 2.58 -7.80 7.74
N GLY A 24 2.65 -9.09 7.44
CA GLY A 24 2.97 -10.08 8.46
C GLY A 24 3.71 -11.28 7.91
N CYS A 25 4.40 -11.09 6.79
CA CYS A 25 5.13 -12.16 6.12
C CYS A 25 6.42 -12.49 6.87
N ALA A 26 6.85 -11.55 7.72
CA ALA A 26 8.10 -11.66 8.51
C ALA A 26 9.30 -11.18 7.71
N ASP A 27 9.08 -10.86 6.45
CA ASP A 27 10.12 -10.29 5.62
C ASP A 27 9.66 -8.98 4.97
N ALA A 28 10.63 -8.13 4.65
CA ALA A 28 10.37 -6.86 3.99
C ALA A 28 9.87 -7.06 2.57
N VAL A 29 8.75 -6.45 2.24
CA VAL A 29 8.19 -6.54 0.90
C VAL A 29 7.75 -5.19 0.39
N SER A 30 8.04 -4.93 -0.87
CA SER A 30 7.69 -3.68 -1.50
C SER A 30 6.29 -3.76 -2.06
N VAL A 31 5.45 -2.85 -1.61
CA VAL A 31 4.08 -2.82 -2.05
C VAL A 31 3.73 -1.47 -2.68
N THR A 32 2.80 -1.48 -3.60
CA THR A 32 2.28 -0.29 -4.24
C THR A 32 0.75 -0.31 -4.20
N VAL A 33 0.12 0.85 -4.36
CA VAL A 33 -1.32 0.97 -4.26
C VAL A 33 -1.89 1.76 -5.42
N GLU A 34 -2.95 1.23 -5.99
CA GLU A 34 -3.63 1.86 -7.10
C GLU A 34 -4.85 2.60 -6.57
N TYR A 35 -4.89 3.91 -6.75
CA TYR A 35 -6.05 4.68 -6.34
C TYR A 35 -7.02 4.83 -7.49
N THR A 36 -8.27 5.07 -7.15
CA THR A 36 -9.31 5.35 -8.12
C THR A 36 -8.89 6.38 -9.18
N HIS A 37 -8.00 7.30 -8.82
CA HIS A 37 -7.48 8.26 -9.80
C HIS A 37 -6.03 7.94 -10.15
N GLY A 38 -5.08 8.39 -9.35
CA GLY A 38 -3.70 7.98 -9.56
C GLY A 38 -2.69 8.96 -8.97
N GLN A 39 -2.81 9.24 -7.68
CA GLN A 39 -1.83 10.09 -6.99
C GLN A 39 -0.51 9.36 -6.83
N TRP A 40 0.57 10.13 -6.70
CA TRP A 40 1.90 9.56 -6.57
C TRP A 40 2.10 9.00 -5.15
N ALA A 41 2.35 7.69 -5.11
CA ALA A 41 2.49 6.94 -3.85
C ALA A 41 2.85 5.48 -4.09
N PRO A 42 2.18 4.79 -5.08
CA PRO A 42 2.35 3.36 -5.40
C PRO A 42 3.80 2.84 -5.47
N CYS A 43 4.46 2.77 -4.31
CA CYS A 43 5.69 2.00 -4.11
C CYS A 43 6.26 2.31 -2.73
N ARG A 44 6.20 1.34 -1.83
CA ARG A 44 6.81 1.49 -0.53
C ARG A 44 7.13 0.10 0.01
N VAL A 45 8.36 -0.11 0.44
CA VAL A 45 8.74 -1.38 1.03
C VAL A 45 8.29 -1.42 2.49
N ILE A 46 7.79 -2.57 2.88
CA ILE A 46 7.27 -2.76 4.20
C ILE A 46 8.30 -3.44 5.06
N GLU A 47 8.27 -3.11 6.32
CA GLU A 47 9.01 -3.87 7.30
C GLU A 47 8.13 -5.02 7.76
N PRO A 48 8.73 -6.18 8.04
CA PRO A 48 8.03 -7.32 8.65
C PRO A 48 7.07 -6.91 9.76
N GLY A 49 5.79 -6.76 9.42
CA GLY A 49 4.80 -6.42 10.43
C GLY A 49 4.57 -4.93 10.53
N GLY A 50 5.11 -4.20 9.56
CA GLY A 50 5.01 -2.76 9.56
C GLY A 50 3.82 -2.26 8.75
N TRP A 51 3.71 -0.94 8.66
CA TRP A 51 2.61 -0.31 7.93
C TRP A 51 3.13 0.53 6.77
N ALA A 52 2.21 0.88 5.89
CA ALA A 52 2.47 1.78 4.81
C ALA A 52 1.24 2.64 4.63
N THR A 53 1.38 3.90 4.98
CA THR A 53 0.26 4.83 4.96
C THR A 53 0.00 5.33 3.57
N PHE A 54 -1.25 5.25 3.15
CA PHE A 54 -1.62 5.65 1.82
C PHE A 54 -2.92 6.41 1.90
N ALA A 55 -2.98 7.53 1.19
CA ALA A 55 -4.13 8.42 1.22
C ALA A 55 -5.42 7.66 1.01
N GLY A 56 -6.14 7.44 2.10
CA GLY A 56 -7.41 6.79 2.02
C GLY A 56 -8.43 7.69 1.36
N TYR A 57 -9.65 7.21 1.13
CA TYR A 57 -10.63 8.03 0.45
C TYR A 57 -11.31 8.98 1.42
N GLY A 58 -10.62 10.08 1.72
CA GLY A 58 -11.13 11.06 2.67
C GLY A 58 -11.81 12.22 1.99
N THR A 59 -11.28 12.60 0.85
CA THR A 59 -11.87 13.65 0.04
C THR A 59 -12.85 13.05 -0.96
N ASP A 60 -13.15 11.76 -0.76
CA ASP A 60 -14.02 11.00 -1.66
C ASP A 60 -13.43 11.01 -3.06
N GLY A 61 -12.14 11.26 -3.15
CA GLY A 61 -11.46 11.40 -4.42
C GLY A 61 -10.59 10.22 -4.74
N ASN A 62 -9.34 10.27 -4.32
CA ASN A 62 -8.42 9.18 -4.53
C ASN A 62 -8.75 8.07 -3.54
N TYR A 63 -8.99 6.89 -4.06
CA TYR A 63 -9.36 5.76 -3.25
C TYR A 63 -8.50 4.57 -3.62
N VAL A 64 -7.61 4.16 -2.73
CA VAL A 64 -6.81 2.97 -2.95
C VAL A 64 -7.75 1.78 -3.08
N THR A 65 -7.60 1.03 -4.16
CA THR A 65 -8.47 -0.11 -4.42
C THR A 65 -7.68 -1.27 -4.98
N GLY A 66 -6.36 -1.16 -4.99
CA GLY A 66 -5.55 -2.28 -5.42
C GLY A 66 -4.14 -2.20 -4.89
N LEU A 67 -3.69 -3.27 -4.28
CA LEU A 67 -2.30 -3.37 -3.85
C LEU A 67 -1.52 -4.21 -4.84
N HIS A 68 -0.38 -3.72 -5.25
CA HIS A 68 0.47 -4.40 -6.21
C HIS A 68 1.87 -4.57 -5.63
N THR A 69 2.57 -5.62 -5.98
CA THR A 69 3.91 -5.82 -5.42
C THR A 69 4.94 -4.98 -6.16
N CYS A 70 5.66 -4.17 -5.42
CA CYS A 70 6.64 -3.27 -5.99
C CYS A 70 8.03 -3.89 -5.92
N ASP A 71 9.02 -3.24 -6.51
CA ASP A 71 10.40 -3.68 -6.34
C ASP A 71 11.15 -2.68 -5.48
N PRO A 72 12.10 -3.18 -4.67
CA PRO A 72 13.04 -2.41 -3.85
C PRO A 72 13.40 -1.04 -4.40
N ALA A 73 12.52 -0.10 -4.18
CA ALA A 73 12.73 1.28 -4.60
C ALA A 73 11.64 2.19 -4.04
N THR A 74 11.96 2.88 -2.97
CA THR A 74 11.04 3.86 -2.41
C THR A 74 11.22 5.18 -3.13
N PRO A 75 10.13 5.70 -3.74
CA PRO A 75 10.15 6.93 -4.53
C PRO A 75 11.00 8.02 -3.91
N SER A 76 12.22 8.14 -4.41
CA SER A 76 13.17 9.09 -3.88
C SER A 76 13.07 10.41 -4.62
N GLY A 77 12.22 11.30 -4.10
CA GLY A 77 12.07 12.60 -4.71
C GLY A 77 13.10 13.59 -4.21
N VAL A 78 13.46 13.46 -2.95
CA VAL A 78 14.42 14.35 -2.32
C VAL A 78 15.59 13.57 -1.73
N ALA A 1 -6.96 -10.10 3.02
CA ALA A 1 -7.32 -8.89 2.26
C ALA A 1 -8.39 -9.21 1.22
N THR A 2 -7.99 -9.89 0.15
CA THR A 2 -8.92 -10.19 -0.93
C THR A 2 -8.49 -11.45 -1.68
N GLY A 3 -7.50 -11.32 -2.55
CA GLY A 3 -7.06 -12.46 -3.32
C GLY A 3 -5.66 -12.25 -3.89
N SER A 4 -4.67 -12.44 -3.03
CA SER A 4 -3.27 -12.37 -3.42
C SER A 4 -2.85 -11.00 -4.00
N PRO A 5 -2.93 -9.93 -3.19
CA PRO A 5 -2.35 -8.64 -3.56
C PRO A 5 -0.95 -8.50 -2.99
N VAL A 6 -0.02 -8.02 -3.83
CA VAL A 6 1.39 -7.87 -3.45
C VAL A 6 1.93 -9.19 -2.87
N ALA A 7 2.86 -9.09 -1.94
CA ALA A 7 3.42 -10.24 -1.22
C ALA A 7 2.38 -11.07 -0.45
N GLU A 8 1.08 -10.72 -0.59
CA GLU A 8 -0.03 -11.47 0.00
C GLU A 8 -0.17 -11.26 1.51
N CYS A 9 0.95 -11.21 2.22
CA CYS A 9 0.92 -11.15 3.68
C CYS A 9 0.61 -9.74 4.19
N VAL A 10 0.56 -8.78 3.29
CA VAL A 10 0.32 -7.40 3.68
C VAL A 10 -1.16 -7.08 3.44
N GLU A 11 -1.77 -6.33 4.35
CA GLU A 11 -3.19 -6.05 4.25
C GLU A 11 -3.52 -4.64 4.69
N TYR A 12 -4.21 -3.90 3.83
CA TYR A 12 -4.59 -2.52 4.16
C TYR A 12 -5.98 -2.42 4.77
N PHE A 13 -6.23 -1.26 5.36
CA PHE A 13 -7.52 -0.88 5.87
C PHE A 13 -7.69 0.61 5.63
N GLN A 14 -8.92 1.08 5.57
CA GLN A 14 -9.17 2.50 5.36
C GLN A 14 -9.64 3.16 6.66
N SER A 15 -8.75 3.96 7.25
CA SER A 15 -9.07 4.70 8.45
C SER A 15 -9.29 6.16 8.07
N TRP A 16 -10.47 6.43 7.52
CA TRP A 16 -10.81 7.75 6.97
C TRP A 16 -9.93 8.07 5.76
N ARG A 17 -8.74 8.57 6.02
CA ARG A 17 -7.82 9.02 4.98
C ARG A 17 -6.47 8.35 5.17
N TYR A 18 -6.49 7.17 5.76
CA TYR A 18 -5.29 6.46 6.16
C TYR A 18 -5.43 5.00 5.77
N THR A 19 -4.89 4.64 4.63
CA THR A 19 -4.86 3.25 4.22
C THR A 19 -3.66 2.55 4.81
N ASP A 20 -3.92 1.88 5.94
CA ASP A 20 -2.89 1.15 6.68
C ASP A 20 -2.69 -0.25 6.15
N VAL A 21 -1.56 -0.48 5.51
CA VAL A 21 -1.22 -1.81 5.08
C VAL A 21 -0.28 -2.43 6.09
N HIS A 22 -0.81 -3.38 6.81
CA HIS A 22 -0.04 -4.14 7.78
C HIS A 22 0.41 -5.46 7.18
N ASN A 23 1.72 -5.60 7.03
CA ASN A 23 2.30 -6.83 6.50
C ASN A 23 2.45 -7.86 7.62
N GLY A 24 2.49 -9.14 7.26
CA GLY A 24 2.83 -10.17 8.24
C GLY A 24 3.57 -11.33 7.61
N CYS A 25 4.37 -11.05 6.58
CA CYS A 25 5.12 -12.08 5.86
C CYS A 25 6.40 -12.44 6.59
N ALA A 26 6.79 -11.55 7.50
CA ALA A 26 8.01 -11.70 8.33
C ALA A 26 9.24 -11.21 7.58
N ASP A 27 9.04 -10.81 6.33
CA ASP A 27 10.11 -10.22 5.55
C ASP A 27 9.66 -8.92 4.92
N ALA A 28 10.64 -8.06 4.66
CA ALA A 28 10.40 -6.76 4.01
C ALA A 28 9.97 -6.93 2.57
N VAL A 29 8.83 -6.35 2.22
CA VAL A 29 8.32 -6.43 0.87
C VAL A 29 7.85 -5.08 0.35
N SER A 30 8.13 -4.81 -0.90
CA SER A 30 7.76 -3.55 -1.50
C SER A 30 6.36 -3.64 -2.06
N VAL A 31 5.49 -2.79 -1.56
CA VAL A 31 4.12 -2.78 -2.00
C VAL A 31 3.74 -1.43 -2.60
N THR A 32 2.84 -1.47 -3.55
CA THR A 32 2.31 -0.28 -4.18
C THR A 32 0.78 -0.34 -4.15
N VAL A 33 0.12 0.79 -4.33
CA VAL A 33 -1.33 0.85 -4.23
C VAL A 33 -1.93 1.58 -5.40
N GLU A 34 -2.99 0.99 -5.93
CA GLU A 34 -3.68 1.55 -7.06
C GLU A 34 -4.91 2.31 -6.57
N TYR A 35 -4.92 3.61 -6.77
CA TYR A 35 -6.03 4.43 -6.31
C TYR A 35 -7.11 4.51 -7.37
N THR A 36 -8.30 4.90 -6.92
CA THR A 36 -9.43 5.14 -7.80
C THR A 36 -9.06 6.11 -8.92
N HIS A 37 -8.08 6.98 -8.68
CA HIS A 37 -7.59 7.87 -9.72
C HIS A 37 -6.11 7.59 -9.99
N GLY A 38 -5.23 8.03 -9.09
CA GLY A 38 -3.82 7.74 -9.23
C GLY A 38 -2.92 8.76 -8.56
N GLN A 39 -3.06 8.90 -7.25
CA GLN A 39 -2.17 9.73 -6.46
C GLN A 39 -0.75 9.17 -6.50
N TRP A 40 0.24 10.04 -6.43
CA TRP A 40 1.63 9.62 -6.37
C TRP A 40 1.93 9.00 -5.01
N ALA A 41 2.18 7.69 -5.02
CA ALA A 41 2.41 6.93 -3.80
C ALA A 41 2.79 5.46 -4.07
N PRO A 42 2.06 4.77 -5.02
CA PRO A 42 2.25 3.34 -5.34
C PRO A 42 3.71 2.85 -5.40
N CYS A 43 4.32 2.66 -4.22
CA CYS A 43 5.62 1.97 -4.04
C CYS A 43 6.22 2.32 -2.66
N ARG A 44 6.21 1.35 -1.77
CA ARG A 44 6.76 1.48 -0.43
C ARG A 44 7.18 0.11 0.09
N VAL A 45 8.40 -0.05 0.56
CA VAL A 45 8.81 -1.31 1.16
C VAL A 45 8.30 -1.39 2.59
N ILE A 46 7.80 -2.55 2.95
CA ILE A 46 7.23 -2.77 4.24
C ILE A 46 8.25 -3.45 5.13
N GLU A 47 8.17 -3.15 6.40
CA GLU A 47 8.89 -3.91 7.38
C GLU A 47 8.03 -5.09 7.80
N PRO A 48 8.65 -6.24 8.10
CA PRO A 48 7.95 -7.41 8.64
C PRO A 48 6.95 -7.03 9.73
N GLY A 49 5.68 -6.85 9.35
CA GLY A 49 4.67 -6.53 10.34
C GLY A 49 4.48 -5.03 10.48
N GLY A 50 5.00 -4.29 9.52
CA GLY A 50 4.92 -2.85 9.56
C GLY A 50 3.76 -2.32 8.74
N TRP A 51 3.66 -1.01 8.68
CA TRP A 51 2.59 -0.35 7.96
C TRP A 51 3.13 0.48 6.82
N ALA A 52 2.23 0.87 5.95
CA ALA A 52 2.52 1.77 4.86
C ALA A 52 1.32 2.68 4.68
N THR A 53 1.52 3.94 4.94
CA THR A 53 0.44 4.91 4.92
C THR A 53 0.15 5.37 3.51
N PHE A 54 -1.11 5.28 3.13
CA PHE A 54 -1.52 5.64 1.80
C PHE A 54 -2.81 6.43 1.89
N ALA A 55 -2.97 7.40 1.02
CA ALA A 55 -4.10 8.30 1.11
C ALA A 55 -5.40 7.53 0.97
N GLY A 56 -6.08 7.37 2.10
CA GLY A 56 -7.39 6.77 2.08
C GLY A 56 -8.37 7.66 1.34
N TYR A 57 -9.60 7.24 1.17
CA TYR A 57 -10.49 7.98 0.29
C TYR A 57 -11.03 9.23 0.98
N GLY A 58 -10.60 10.38 0.48
CA GLY A 58 -11.08 11.63 1.01
C GLY A 58 -12.33 12.11 0.28
N THR A 59 -12.82 13.28 0.67
CA THR A 59 -14.02 13.85 0.06
C THR A 59 -13.73 14.30 -1.37
N ASP A 60 -12.45 14.50 -1.67
CA ASP A 60 -12.01 14.91 -2.99
C ASP A 60 -11.82 13.68 -3.88
N GLY A 61 -11.44 12.57 -3.28
CA GLY A 61 -11.42 11.31 -4.01
C GLY A 61 -10.18 10.48 -3.75
N ASN A 62 -9.74 9.73 -4.78
CA ASN A 62 -8.64 8.78 -4.68
C ASN A 62 -8.80 7.80 -3.53
N TYR A 63 -9.32 6.63 -3.85
CA TYR A 63 -9.42 5.56 -2.88
C TYR A 63 -8.55 4.40 -3.33
N VAL A 64 -7.62 3.97 -2.49
CA VAL A 64 -6.80 2.82 -2.81
C VAL A 64 -7.72 1.61 -2.98
N THR A 65 -7.57 0.89 -4.08
CA THR A 65 -8.46 -0.23 -4.35
C THR A 65 -7.68 -1.52 -4.65
N GLY A 66 -6.42 -1.39 -4.99
CA GLY A 66 -5.64 -2.56 -5.33
C GLY A 66 -4.20 -2.46 -4.89
N LEU A 67 -3.76 -3.41 -4.09
CA LEU A 67 -2.36 -3.49 -3.69
C LEU A 67 -1.58 -4.28 -4.74
N HIS A 68 -0.45 -3.71 -5.14
CA HIS A 68 0.40 -4.29 -6.16
C HIS A 68 1.81 -4.47 -5.59
N THR A 69 2.55 -5.48 -6.00
CA THR A 69 3.90 -5.65 -5.47
C THR A 69 4.89 -4.73 -6.19
N CYS A 70 5.64 -3.97 -5.42
CA CYS A 70 6.58 -3.00 -5.96
C CYS A 70 7.98 -3.62 -6.04
N ASP A 71 8.84 -3.08 -6.90
CA ASP A 71 10.23 -3.49 -6.96
C ASP A 71 11.10 -2.43 -6.28
N PRO A 72 12.21 -2.85 -5.66
CA PRO A 72 13.24 -1.99 -5.05
C PRO A 72 13.34 -0.61 -5.65
N ALA A 73 12.51 0.28 -5.15
CA ALA A 73 12.47 1.65 -5.64
C ALA A 73 11.64 2.54 -4.72
N THR A 74 12.31 3.36 -3.92
CA THR A 74 11.62 4.33 -3.10
C THR A 74 11.37 5.60 -3.91
N PRO A 75 10.09 5.96 -4.11
CA PRO A 75 9.70 7.13 -4.90
C PRO A 75 10.31 8.42 -4.37
N SER A 76 11.22 8.98 -5.15
CA SER A 76 11.94 10.17 -4.73
C SER A 76 12.36 11.01 -5.94
N GLY A 77 12.09 10.51 -7.13
CA GLY A 77 12.45 11.23 -8.33
C GLY A 77 11.46 12.34 -8.62
N VAL A 78 11.94 13.58 -8.60
CA VAL A 78 11.11 14.76 -8.83
C VAL A 78 10.19 15.03 -7.64
N ALA A 1 -10.44 -11.04 -4.22
CA ALA A 1 -11.07 -12.38 -4.30
C ALA A 1 -10.26 -13.28 -5.24
N THR A 2 -10.42 -13.05 -6.54
CA THR A 2 -9.63 -13.78 -7.53
C THR A 2 -8.18 -13.32 -7.48
N GLY A 3 -7.99 -12.00 -7.43
CA GLY A 3 -6.66 -11.45 -7.40
C GLY A 3 -6.18 -11.16 -5.99
N SER A 4 -4.95 -11.55 -5.70
CA SER A 4 -4.32 -11.22 -4.43
C SER A 4 -3.36 -10.04 -4.62
N PRO A 5 -3.57 -8.94 -3.88
CA PRO A 5 -2.83 -7.71 -4.08
C PRO A 5 -1.57 -7.64 -3.23
N VAL A 6 -0.41 -7.91 -3.88
CA VAL A 6 0.94 -7.96 -3.27
C VAL A 6 1.03 -8.78 -1.99
N ALA A 7 1.97 -9.74 -1.98
CA ALA A 7 2.39 -10.47 -0.78
C ALA A 7 1.27 -10.58 0.25
N GLU A 8 0.52 -11.66 0.18
CA GLU A 8 -0.73 -11.82 0.92
C GLU A 8 -0.57 -11.69 2.44
N CYS A 9 0.66 -11.44 2.89
CA CYS A 9 0.94 -11.20 4.29
C CYS A 9 0.62 -9.75 4.66
N VAL A 10 0.60 -8.85 3.66
CA VAL A 10 0.29 -7.45 3.91
C VAL A 10 -1.22 -7.24 3.76
N GLU A 11 -1.82 -6.47 4.67
CA GLU A 11 -3.26 -6.21 4.60
C GLU A 11 -3.55 -4.76 4.94
N TYR A 12 -4.24 -4.06 4.04
CA TYR A 12 -4.61 -2.67 4.30
C TYR A 12 -6.00 -2.56 4.91
N PHE A 13 -6.29 -1.38 5.42
CA PHE A 13 -7.60 -1.01 5.89
C PHE A 13 -7.84 0.44 5.50
N GLN A 14 -9.09 0.84 5.39
CA GLN A 14 -9.39 2.20 5.00
C GLN A 14 -10.01 2.97 6.15
N SER A 15 -9.25 3.90 6.70
CA SER A 15 -9.69 4.72 7.80
C SER A 15 -9.73 6.17 7.35
N TRP A 16 -9.76 7.10 8.30
CA TRP A 16 -9.79 8.52 7.99
C TRP A 16 -8.50 8.96 7.29
N ARG A 17 -8.54 8.96 5.95
CA ARG A 17 -7.41 9.39 5.12
C ARG A 17 -6.19 8.48 5.36
N TYR A 18 -6.46 7.22 5.68
CA TYR A 18 -5.40 6.29 6.06
C TYR A 18 -5.69 4.90 5.54
N THR A 19 -4.96 4.48 4.54
CA THR A 19 -4.96 3.10 4.14
C THR A 19 -3.75 2.40 4.77
N ASP A 20 -4.00 1.76 5.91
CA ASP A 20 -2.96 1.09 6.69
C ASP A 20 -2.73 -0.33 6.19
N VAL A 21 -1.59 -0.55 5.56
CA VAL A 21 -1.23 -1.89 5.15
C VAL A 21 -0.25 -2.48 6.14
N HIS A 22 -0.77 -3.40 6.93
CA HIS A 22 0.02 -4.10 7.91
C HIS A 22 0.48 -5.44 7.38
N ASN A 23 1.79 -5.57 7.16
CA ASN A 23 2.38 -6.80 6.67
C ASN A 23 2.59 -7.79 7.82
N GLY A 24 2.68 -9.08 7.48
CA GLY A 24 3.07 -10.08 8.46
C GLY A 24 3.82 -11.23 7.82
N CYS A 25 4.61 -10.94 6.79
CA CYS A 25 5.33 -11.96 6.04
C CYS A 25 6.64 -12.33 6.70
N ALA A 26 7.10 -11.44 7.58
CA ALA A 26 8.36 -11.61 8.35
C ALA A 26 9.54 -11.06 7.57
N ASP A 27 9.34 -10.80 6.28
CA ASP A 27 10.37 -10.17 5.47
C ASP A 27 9.83 -8.89 4.84
N ALA A 28 10.73 -7.97 4.55
CA ALA A 28 10.38 -6.71 3.91
C ALA A 28 9.91 -6.92 2.48
N VAL A 29 8.70 -6.45 2.18
CA VAL A 29 8.16 -6.55 0.84
C VAL A 29 7.73 -5.20 0.29
N SER A 30 8.02 -4.98 -0.97
CA SER A 30 7.70 -3.71 -1.59
C SER A 30 6.31 -3.78 -2.15
N VAL A 31 5.45 -2.94 -1.64
CA VAL A 31 4.09 -2.87 -2.09
C VAL A 31 3.81 -1.54 -2.76
N THR A 32 2.71 -1.49 -3.46
CA THR A 32 2.26 -0.29 -4.15
C THR A 32 0.73 -0.29 -4.16
N VAL A 33 0.13 0.87 -4.39
CA VAL A 33 -1.31 0.98 -4.32
C VAL A 33 -1.87 1.80 -5.47
N GLU A 34 -2.98 1.34 -5.99
CA GLU A 34 -3.64 1.99 -7.09
C GLU A 34 -4.89 2.69 -6.58
N TYR A 35 -4.92 4.01 -6.68
CA TYR A 35 -6.08 4.75 -6.20
C TYR A 35 -7.11 4.95 -7.30
N THR A 36 -8.32 5.28 -6.88
CA THR A 36 -9.40 5.62 -7.78
C THR A 36 -9.02 6.75 -8.75
N HIS A 37 -8.01 7.54 -8.40
CA HIS A 37 -7.52 8.59 -9.29
C HIS A 37 -6.05 8.35 -9.64
N GLY A 38 -5.14 8.82 -8.80
CA GLY A 38 -3.73 8.55 -9.04
C GLY A 38 -2.78 9.50 -8.31
N GLN A 39 -2.94 9.62 -7.00
CA GLN A 39 -1.95 10.33 -6.18
C GLN A 39 -0.64 9.56 -6.18
N TRP A 40 0.48 10.27 -6.22
CA TRP A 40 1.78 9.63 -6.24
C TRP A 40 2.10 9.02 -4.89
N ALA A 41 2.31 7.71 -4.88
CA ALA A 41 2.49 6.93 -3.66
C ALA A 41 2.86 5.48 -3.94
N PRO A 42 2.23 4.82 -4.98
CA PRO A 42 2.44 3.38 -5.32
C PRO A 42 3.90 2.89 -5.34
N CYS A 43 4.50 2.79 -4.15
CA CYS A 43 5.72 2.02 -3.92
C CYS A 43 6.23 2.26 -2.50
N ARG A 44 6.17 1.24 -1.68
CA ARG A 44 6.62 1.28 -0.31
C ARG A 44 7.07 -0.11 0.11
N VAL A 45 8.33 -0.25 0.49
CA VAL A 45 8.80 -1.49 1.03
C VAL A 45 8.37 -1.57 2.49
N ILE A 46 7.73 -2.67 2.83
CA ILE A 46 7.18 -2.85 4.13
C ILE A 46 8.20 -3.49 5.03
N GLU A 47 8.17 -3.09 6.26
CA GLU A 47 8.93 -3.77 7.26
C GLU A 47 8.12 -4.93 7.75
N PRO A 48 8.75 -6.08 8.04
CA PRO A 48 8.10 -7.24 8.61
C PRO A 48 7.14 -6.89 9.75
N GLY A 49 5.85 -6.75 9.42
CA GLY A 49 4.88 -6.45 10.45
C GLY A 49 4.66 -4.97 10.60
N GLY A 50 5.14 -4.21 9.62
CA GLY A 50 4.99 -2.79 9.64
C GLY A 50 3.80 -2.30 8.84
N TRP A 51 3.73 -0.99 8.66
CA TRP A 51 2.63 -0.36 7.94
C TRP A 51 3.13 0.43 6.76
N ALA A 52 2.19 0.79 5.90
CA ALA A 52 2.45 1.70 4.81
C ALA A 52 1.23 2.58 4.65
N THR A 53 1.37 3.83 4.99
CA THR A 53 0.28 4.77 4.95
C THR A 53 0.04 5.24 3.53
N PHE A 54 -1.20 5.17 3.11
CA PHE A 54 -1.56 5.55 1.77
C PHE A 54 -2.82 6.37 1.82
N ALA A 55 -2.98 7.29 0.88
CA ALA A 55 -4.08 8.23 0.92
C ALA A 55 -5.42 7.53 0.80
N GLY A 56 -6.05 7.30 1.95
CA GLY A 56 -7.34 6.67 1.97
C GLY A 56 -8.39 7.57 1.36
N TYR A 57 -9.65 7.13 1.34
CA TYR A 57 -10.68 7.87 0.63
C TYR A 57 -11.16 9.06 1.47
N GLY A 58 -10.47 10.18 1.29
CA GLY A 58 -10.79 11.38 2.02
C GLY A 58 -10.02 12.58 1.52
N THR A 59 -8.91 12.32 0.83
CA THR A 59 -8.14 13.39 0.24
C THR A 59 -8.08 13.22 -1.29
N ASP A 60 -8.33 14.31 -2.01
CA ASP A 60 -8.24 14.35 -3.47
C ASP A 60 -9.25 13.38 -4.11
N GLY A 61 -10.16 12.87 -3.29
CA GLY A 61 -11.15 11.91 -3.76
C GLY A 61 -10.54 10.58 -4.15
N ASN A 62 -9.26 10.36 -3.82
CA ASN A 62 -8.62 9.10 -4.13
C ASN A 62 -9.01 8.04 -3.13
N TYR A 63 -9.28 6.86 -3.64
CA TYR A 63 -9.52 5.69 -2.82
C TYR A 63 -8.67 4.55 -3.34
N VAL A 64 -7.73 4.07 -2.53
CA VAL A 64 -6.90 2.95 -2.91
C VAL A 64 -7.80 1.73 -3.16
N THR A 65 -7.61 1.08 -4.28
CA THR A 65 -8.44 -0.04 -4.65
C THR A 65 -7.62 -1.30 -4.88
N GLY A 66 -6.38 -1.14 -5.29
CA GLY A 66 -5.56 -2.30 -5.58
C GLY A 66 -4.15 -2.17 -5.09
N LEU A 67 -3.74 -3.10 -4.25
CA LEU A 67 -2.36 -3.21 -3.83
C LEU A 67 -1.60 -4.02 -4.86
N HIS A 68 -0.34 -3.68 -5.03
CA HIS A 68 0.51 -4.34 -6.01
C HIS A 68 1.88 -4.58 -5.42
N THR A 69 2.61 -5.56 -5.94
CA THR A 69 3.98 -5.75 -5.48
C THR A 69 4.91 -4.79 -6.21
N CYS A 70 5.71 -4.05 -5.47
CA CYS A 70 6.59 -3.07 -6.07
C CYS A 70 8.00 -3.62 -6.16
N ASP A 71 8.86 -2.90 -6.86
CA ASP A 71 10.27 -3.26 -6.97
C ASP A 71 11.13 -2.03 -6.75
N PRO A 72 12.31 -2.21 -6.12
CA PRO A 72 13.31 -1.19 -5.82
C PRO A 72 13.19 0.10 -6.62
N ALA A 73 12.32 0.96 -6.14
CA ALA A 73 12.04 2.24 -6.78
C ALA A 73 11.24 3.12 -5.83
N THR A 74 11.94 3.80 -4.94
CA THR A 74 11.31 4.58 -3.89
C THR A 74 10.89 5.96 -4.37
N PRO A 75 9.73 6.44 -3.90
CA PRO A 75 9.28 7.81 -4.14
C PRO A 75 10.08 8.80 -3.28
N SER A 76 9.93 10.09 -3.56
CA SER A 76 10.72 11.10 -2.90
C SER A 76 10.07 11.55 -1.57
N GLY A 77 10.63 11.08 -0.47
CA GLY A 77 10.25 11.57 0.84
C GLY A 77 9.07 10.84 1.45
N VAL A 78 8.82 11.14 2.71
CA VAL A 78 7.68 10.59 3.44
C VAL A 78 7.06 11.68 4.31
N ALA A 1 -9.45 -18.52 -10.11
CA ALA A 1 -8.73 -17.92 -8.97
C ALA A 1 -8.29 -16.52 -9.33
N THR A 2 -8.44 -15.59 -8.40
CA THR A 2 -8.04 -14.22 -8.61
C THR A 2 -8.00 -13.49 -7.29
N GLY A 3 -7.26 -12.40 -7.24
CA GLY A 3 -7.11 -11.65 -6.01
C GLY A 3 -5.68 -11.66 -5.53
N SER A 4 -5.49 -11.62 -4.22
CA SER A 4 -4.17 -11.66 -3.61
C SER A 4 -3.31 -10.47 -4.06
N PRO A 5 -3.38 -9.36 -3.32
CA PRO A 5 -2.59 -8.17 -3.63
C PRO A 5 -1.19 -8.25 -3.03
N VAL A 6 -0.21 -7.78 -3.81
CA VAL A 6 1.21 -7.74 -3.42
C VAL A 6 1.67 -9.09 -2.83
N ALA A 7 2.60 -9.02 -1.89
CA ALA A 7 3.17 -10.18 -1.20
C ALA A 7 2.12 -11.03 -0.44
N GLU A 8 0.85 -10.62 -0.49
CA GLU A 8 -0.26 -11.33 0.17
C GLU A 8 -0.22 -11.22 1.70
N CYS A 9 0.97 -11.12 2.27
CA CYS A 9 1.13 -11.06 3.72
C CYS A 9 0.75 -9.68 4.26
N VAL A 10 0.61 -8.72 3.37
CA VAL A 10 0.31 -7.36 3.77
C VAL A 10 -1.19 -7.13 3.66
N GLU A 11 -1.77 -6.46 4.63
CA GLU A 11 -3.21 -6.30 4.67
C GLU A 11 -3.57 -4.85 4.97
N TYR A 12 -4.21 -4.17 4.03
CA TYR A 12 -4.63 -2.79 4.26
C TYR A 12 -6.04 -2.68 4.80
N PHE A 13 -6.32 -1.53 5.39
CA PHE A 13 -7.65 -1.14 5.80
C PHE A 13 -7.79 0.34 5.49
N GLN A 14 -8.98 0.77 5.12
CA GLN A 14 -9.18 2.15 4.73
C GLN A 14 -9.95 2.90 5.80
N SER A 15 -9.42 4.06 6.16
CA SER A 15 -10.07 4.95 7.09
C SER A 15 -10.33 6.27 6.36
N TRP A 16 -10.53 7.34 7.11
CA TRP A 16 -10.84 8.64 6.52
C TRP A 16 -9.69 9.11 5.61
N ARG A 17 -8.46 9.03 6.10
CA ARG A 17 -7.31 9.45 5.32
C ARG A 17 -6.13 8.51 5.55
N TYR A 18 -6.42 7.26 5.85
CA TYR A 18 -5.39 6.31 6.22
C TYR A 18 -5.70 4.93 5.67
N THR A 19 -4.99 4.53 4.63
CA THR A 19 -5.00 3.15 4.22
C THR A 19 -3.81 2.43 4.85
N ASP A 20 -4.09 1.73 5.94
CA ASP A 20 -3.06 1.02 6.70
C ASP A 20 -2.80 -0.37 6.16
N VAL A 21 -1.65 -0.56 5.56
CA VAL A 21 -1.26 -1.89 5.12
C VAL A 21 -0.30 -2.47 6.13
N HIS A 22 -0.81 -3.42 6.89
CA HIS A 22 -0.01 -4.12 7.87
C HIS A 22 0.46 -5.44 7.31
N ASN A 23 1.77 -5.55 7.11
CA ASN A 23 2.38 -6.76 6.60
C ASN A 23 2.55 -7.79 7.72
N GLY A 24 2.61 -9.07 7.36
CA GLY A 24 2.97 -10.10 8.32
C GLY A 24 3.77 -11.23 7.68
N CYS A 25 4.56 -10.88 6.66
CA CYS A 25 5.30 -11.89 5.90
C CYS A 25 6.56 -12.31 6.65
N ALA A 26 6.98 -11.46 7.59
CA ALA A 26 8.20 -11.64 8.38
C ALA A 26 9.43 -11.10 7.65
N ASP A 27 9.27 -10.78 6.37
CA ASP A 27 10.33 -10.15 5.61
C ASP A 27 9.82 -8.88 4.95
N ALA A 28 10.75 -7.98 4.66
CA ALA A 28 10.44 -6.70 4.03
C ALA A 28 9.97 -6.90 2.60
N VAL A 29 8.76 -6.43 2.31
CA VAL A 29 8.22 -6.55 0.97
C VAL A 29 7.78 -5.21 0.44
N SER A 30 8.00 -4.98 -0.84
CA SER A 30 7.67 -3.72 -1.46
C SER A 30 6.27 -3.78 -2.03
N VAL A 31 5.44 -2.86 -1.59
CA VAL A 31 4.07 -2.82 -2.04
C VAL A 31 3.73 -1.45 -2.64
N THR A 32 2.84 -1.46 -3.61
CA THR A 32 2.35 -0.25 -4.25
C THR A 32 0.82 -0.25 -4.21
N VAL A 33 0.20 0.90 -4.41
CA VAL A 33 -1.25 0.99 -4.32
C VAL A 33 -1.86 1.75 -5.48
N GLU A 34 -2.99 1.25 -5.92
CA GLU A 34 -3.72 1.81 -7.05
C GLU A 34 -4.93 2.59 -6.56
N TYR A 35 -4.90 3.92 -6.71
CA TYR A 35 -5.99 4.75 -6.20
C TYR A 35 -7.02 5.02 -7.27
N THR A 36 -8.21 5.37 -6.82
CA THR A 36 -9.31 5.78 -7.69
C THR A 36 -8.88 6.83 -8.73
N HIS A 37 -7.96 7.73 -8.37
CA HIS A 37 -7.45 8.69 -9.33
C HIS A 37 -5.98 8.41 -9.65
N GLY A 38 -5.08 8.79 -8.77
CA GLY A 38 -3.68 8.51 -8.99
C GLY A 38 -2.75 9.31 -8.09
N GLN A 39 -2.87 9.10 -6.79
CA GLN A 39 -2.02 9.79 -5.82
C GLN A 39 -0.61 9.21 -5.89
N TRP A 40 0.40 10.07 -5.71
CA TRP A 40 1.78 9.61 -5.78
C TRP A 40 2.17 8.87 -4.52
N ALA A 41 2.19 7.55 -4.63
CA ALA A 41 2.59 6.66 -3.54
C ALA A 41 2.68 5.16 -3.94
N PRO A 42 2.62 4.76 -5.24
CA PRO A 42 2.55 3.35 -5.57
C PRO A 42 3.92 2.68 -5.64
N CYS A 43 4.60 2.62 -4.48
CA CYS A 43 5.82 1.82 -4.28
C CYS A 43 6.44 2.12 -2.91
N ARG A 44 6.36 1.15 -2.00
CA ARG A 44 6.85 1.31 -0.64
C ARG A 44 7.23 -0.04 -0.04
N VAL A 45 8.47 -0.19 0.39
CA VAL A 45 8.87 -1.42 1.07
C VAL A 45 8.36 -1.41 2.50
N ILE A 46 7.81 -2.55 2.91
CA ILE A 46 7.24 -2.71 4.21
C ILE A 46 8.23 -3.37 5.11
N GLU A 47 8.18 -3.03 6.36
CA GLU A 47 8.92 -3.74 7.37
C GLU A 47 8.07 -4.93 7.81
N PRO A 48 8.70 -6.07 8.09
CA PRO A 48 8.02 -7.25 8.64
C PRO A 48 7.03 -6.92 9.74
N GLY A 49 5.77 -6.74 9.38
CA GLY A 49 4.76 -6.44 10.39
C GLY A 49 4.53 -4.95 10.54
N GLY A 50 5.03 -4.18 9.59
CA GLY A 50 4.90 -2.76 9.64
C GLY A 50 3.74 -2.26 8.80
N TRP A 51 3.63 -0.95 8.70
CA TRP A 51 2.55 -0.32 7.95
C TRP A 51 3.08 0.49 6.79
N ALA A 52 2.18 0.84 5.90
CA ALA A 52 2.45 1.75 4.83
C ALA A 52 1.25 2.63 4.67
N THR A 53 1.42 3.89 4.99
CA THR A 53 0.34 4.84 5.00
C THR A 53 0.05 5.33 3.59
N PHE A 54 -1.19 5.21 3.18
CA PHE A 54 -1.56 5.58 1.84
C PHE A 54 -2.85 6.36 1.89
N ALA A 55 -2.93 7.38 1.06
CA ALA A 55 -4.05 8.31 1.09
C ALA A 55 -5.37 7.56 1.00
N GLY A 56 -6.05 7.46 2.13
CA GLY A 56 -7.33 6.80 2.16
C GLY A 56 -8.36 7.61 1.42
N TYR A 57 -9.61 7.15 1.39
CA TYR A 57 -10.61 7.81 0.58
C TYR A 57 -11.20 9.01 1.33
N GLY A 58 -10.58 10.16 1.11
CA GLY A 58 -11.05 11.38 1.72
C GLY A 58 -12.32 11.91 1.08
N THR A 59 -12.82 13.02 1.59
CA THR A 59 -14.03 13.63 1.06
C THR A 59 -13.80 14.15 -0.36
N ASP A 60 -12.56 14.51 -0.63
CA ASP A 60 -12.16 15.02 -1.95
C ASP A 60 -10.79 14.50 -2.29
N GLY A 61 -10.73 13.30 -2.85
CA GLY A 61 -9.46 12.71 -3.16
C GLY A 61 -9.59 11.36 -3.83
N ASN A 62 -8.73 10.44 -3.43
CA ASN A 62 -8.63 9.16 -4.05
C ASN A 62 -8.96 8.07 -3.05
N TYR A 63 -9.18 6.90 -3.55
CA TYR A 63 -9.39 5.72 -2.74
C TYR A 63 -8.53 4.59 -3.27
N VAL A 64 -7.65 4.06 -2.44
CA VAL A 64 -6.83 2.92 -2.84
C VAL A 64 -7.74 1.72 -3.07
N THR A 65 -7.59 1.08 -4.21
CA THR A 65 -8.47 -0.02 -4.56
C THR A 65 -7.69 -1.32 -4.72
N GLY A 66 -6.44 -1.21 -5.11
CA GLY A 66 -5.64 -2.39 -5.32
C GLY A 66 -4.21 -2.25 -4.87
N LEU A 67 -3.71 -3.27 -4.20
CA LEU A 67 -2.32 -3.34 -3.80
C LEU A 67 -1.53 -4.12 -4.85
N HIS A 68 -0.43 -3.54 -5.28
CA HIS A 68 0.42 -4.12 -6.32
C HIS A 68 1.80 -4.40 -5.71
N THR A 69 2.47 -5.47 -6.08
CA THR A 69 3.78 -5.73 -5.48
C THR A 69 4.86 -4.93 -6.17
N CYS A 70 5.60 -4.18 -5.37
CA CYS A 70 6.68 -3.35 -5.85
C CYS A 70 8.00 -4.09 -5.69
N ASP A 71 9.09 -3.49 -6.12
CA ASP A 71 10.42 -4.03 -5.93
C ASP A 71 11.39 -2.88 -5.71
N PRO A 72 12.46 -3.11 -4.92
CA PRO A 72 13.54 -2.17 -4.61
C PRO A 72 13.63 -0.98 -5.56
N ALA A 73 12.87 0.04 -5.22
CA ALA A 73 12.77 1.24 -6.03
C ALA A 73 12.06 2.34 -5.24
N THR A 74 12.82 3.32 -4.77
CA THR A 74 12.26 4.40 -3.97
C THR A 74 11.58 5.45 -4.84
N PRO A 75 10.31 5.76 -4.55
CA PRO A 75 9.54 6.77 -5.28
C PRO A 75 10.09 8.18 -5.05
N SER A 76 10.21 8.55 -3.77
CA SER A 76 10.74 9.85 -3.41
C SER A 76 11.33 9.79 -2.00
N GLY A 77 10.53 9.33 -1.06
CA GLY A 77 11.00 9.22 0.31
C GLY A 77 10.00 8.46 1.17
N VAL A 78 8.77 8.94 1.16
CA VAL A 78 7.69 8.26 1.84
C VAL A 78 7.10 7.20 0.91
N ALA A 1 -5.66 -6.54 -11.19
CA ALA A 1 -5.27 -7.24 -9.94
C ALA A 1 -6.37 -7.10 -8.91
N THR A 2 -7.04 -8.21 -8.61
CA THR A 2 -8.18 -8.21 -7.71
C THR A 2 -8.30 -9.56 -7.04
N GLY A 3 -7.81 -9.65 -5.81
CA GLY A 3 -7.71 -10.91 -5.13
C GLY A 3 -6.26 -11.30 -4.92
N SER A 4 -5.87 -11.40 -3.65
CA SER A 4 -4.47 -11.68 -3.30
C SER A 4 -3.53 -10.58 -3.79
N PRO A 5 -3.53 -9.43 -3.12
CA PRO A 5 -2.69 -8.29 -3.49
C PRO A 5 -1.28 -8.39 -2.90
N VAL A 6 -0.29 -8.01 -3.71
CA VAL A 6 1.11 -7.95 -3.32
C VAL A 6 1.60 -9.26 -2.67
N ALA A 7 2.59 -9.14 -1.80
CA ALA A 7 3.24 -10.26 -1.11
C ALA A 7 2.30 -11.10 -0.25
N GLU A 8 0.99 -10.83 -0.30
CA GLU A 8 -0.03 -11.65 0.39
C GLU A 8 -0.06 -11.42 1.90
N CYS A 9 1.11 -11.28 2.51
CA CYS A 9 1.20 -11.13 3.97
C CYS A 9 0.77 -9.74 4.42
N VAL A 10 0.62 -8.82 3.49
CA VAL A 10 0.30 -7.45 3.83
C VAL A 10 -1.21 -7.20 3.61
N GLU A 11 -1.84 -6.44 4.51
CA GLU A 11 -3.26 -6.16 4.38
C GLU A 11 -3.57 -4.73 4.80
N TYR A 12 -4.28 -4.00 3.95
CA TYR A 12 -4.69 -2.63 4.30
C TYR A 12 -6.08 -2.57 4.92
N PHE A 13 -6.34 -1.42 5.53
CA PHE A 13 -7.65 -1.07 6.03
C PHE A 13 -7.84 0.43 5.80
N GLN A 14 -9.06 0.87 5.59
CA GLN A 14 -9.30 2.27 5.30
C GLN A 14 -9.96 2.97 6.48
N SER A 15 -9.31 4.01 6.98
CA SER A 15 -9.84 4.78 8.09
C SER A 15 -9.62 6.27 7.84
N TRP A 16 -10.43 6.83 6.95
CA TRP A 16 -10.40 8.25 6.58
C TRP A 16 -8.99 8.72 6.21
N ARG A 17 -8.68 8.62 4.91
CA ARG A 17 -7.41 9.14 4.36
C ARG A 17 -6.20 8.33 4.85
N TYR A 18 -6.42 7.30 5.64
CA TYR A 18 -5.36 6.47 6.15
C TYR A 18 -5.61 5.03 5.76
N THR A 19 -4.99 4.60 4.69
CA THR A 19 -5.01 3.21 4.31
C THR A 19 -3.82 2.48 4.95
N ASP A 20 -4.09 1.78 6.04
CA ASP A 20 -3.05 1.07 6.78
C ASP A 20 -2.80 -0.31 6.22
N VAL A 21 -1.66 -0.49 5.57
CA VAL A 21 -1.28 -1.82 5.12
C VAL A 21 -0.31 -2.40 6.12
N HIS A 22 -0.83 -3.37 6.86
CA HIS A 22 -0.05 -4.10 7.83
C HIS A 22 0.44 -5.40 7.22
N ASN A 23 1.74 -5.50 7.08
CA ASN A 23 2.36 -6.73 6.60
C ASN A 23 2.53 -7.71 7.75
N GLY A 24 2.48 -8.99 7.46
CA GLY A 24 2.74 -10.00 8.48
C GLY A 24 3.69 -11.07 7.99
N CYS A 25 4.50 -10.73 6.99
CA CYS A 25 5.52 -11.63 6.48
C CYS A 25 6.78 -11.45 7.31
N ALA A 26 7.66 -12.44 7.27
CA ALA A 26 8.88 -12.39 8.07
C ALA A 26 9.94 -11.50 7.44
N ASP A 27 9.72 -11.11 6.20
CA ASP A 27 10.69 -10.30 5.48
C ASP A 27 10.05 -9.08 4.85
N ALA A 28 10.90 -8.10 4.56
CA ALA A 28 10.47 -6.84 3.95
C ALA A 28 9.99 -7.05 2.52
N VAL A 29 8.82 -6.52 2.22
CA VAL A 29 8.28 -6.60 0.87
C VAL A 29 7.85 -5.24 0.37
N SER A 30 8.09 -4.97 -0.90
CA SER A 30 7.75 -3.70 -1.49
C SER A 30 6.34 -3.76 -2.05
N VAL A 31 5.50 -2.86 -1.58
CA VAL A 31 4.13 -2.83 -2.01
C VAL A 31 3.80 -1.47 -2.61
N THR A 32 2.86 -1.47 -3.53
CA THR A 32 2.37 -0.26 -4.14
C THR A 32 0.85 -0.30 -4.13
N VAL A 33 0.24 0.85 -4.32
CA VAL A 33 -1.21 0.94 -4.26
C VAL A 33 -1.74 1.73 -5.42
N GLU A 34 -2.89 1.33 -5.91
CA GLU A 34 -3.49 1.97 -7.05
C GLU A 34 -4.79 2.64 -6.63
N TYR A 35 -4.86 3.96 -6.79
CA TYR A 35 -6.03 4.70 -6.31
C TYR A 35 -7.07 4.91 -7.42
N THR A 36 -8.28 5.17 -6.96
CA THR A 36 -9.42 5.43 -7.82
C THR A 36 -9.15 6.47 -8.92
N HIS A 37 -8.28 7.44 -8.64
CA HIS A 37 -7.88 8.40 -9.66
C HIS A 37 -6.40 8.24 -9.99
N GLY A 38 -5.54 8.56 -9.04
CA GLY A 38 -4.13 8.34 -9.23
C GLY A 38 -3.26 9.27 -8.41
N GLN A 39 -3.36 9.17 -7.10
CA GLN A 39 -2.47 9.91 -6.22
C GLN A 39 -1.08 9.29 -6.25
N TRP A 40 -0.07 10.11 -6.00
CA TRP A 40 1.32 9.65 -6.06
C TRP A 40 1.72 8.93 -4.77
N ALA A 41 1.72 7.61 -4.81
CA ALA A 41 2.23 6.78 -3.71
C ALA A 41 2.39 5.30 -4.07
N PRO A 42 2.49 4.90 -5.35
CA PRO A 42 2.45 3.50 -5.72
C PRO A 42 3.83 2.83 -5.69
N CYS A 43 4.46 2.79 -4.49
CA CYS A 43 5.67 1.99 -4.22
C CYS A 43 6.28 2.34 -2.85
N ARG A 44 6.28 1.37 -1.93
CA ARG A 44 6.91 1.52 -0.62
C ARG A 44 7.20 0.13 -0.05
N VAL A 45 8.41 -0.09 0.45
CA VAL A 45 8.74 -1.37 1.05
C VAL A 45 8.29 -1.41 2.50
N ILE A 46 7.77 -2.57 2.89
CA ILE A 46 7.24 -2.78 4.20
C ILE A 46 8.26 -3.49 5.06
N GLU A 47 8.25 -3.17 6.32
CA GLU A 47 9.00 -3.91 7.29
C GLU A 47 8.13 -5.06 7.78
N PRO A 48 8.69 -6.26 7.96
CA PRO A 48 7.96 -7.42 8.49
C PRO A 48 7.06 -7.06 9.67
N GLY A 49 5.79 -6.80 9.38
CA GLY A 49 4.86 -6.48 10.46
C GLY A 49 4.64 -4.99 10.61
N GLY A 50 5.09 -4.22 9.63
CA GLY A 50 4.92 -2.79 9.68
C GLY A 50 3.75 -2.29 8.87
N TRP A 51 3.65 -0.98 8.74
CA TRP A 51 2.56 -0.34 8.01
C TRP A 51 3.08 0.52 6.88
N ALA A 52 2.18 0.88 6.00
CA ALA A 52 2.47 1.80 4.92
C ALA A 52 1.24 2.66 4.73
N THR A 53 1.38 3.93 5.04
CA THR A 53 0.27 4.85 4.99
C THR A 53 0.02 5.30 3.57
N PHE A 54 -1.23 5.24 3.16
CA PHE A 54 -1.59 5.60 1.81
C PHE A 54 -2.89 6.35 1.84
N ALA A 55 -3.02 7.32 0.94
CA ALA A 55 -4.19 8.18 0.89
C ALA A 55 -5.45 7.34 0.80
N GLY A 56 -6.20 7.31 1.89
CA GLY A 56 -7.43 6.56 1.91
C GLY A 56 -8.50 7.24 1.07
N TYR A 57 -9.70 6.71 1.03
CA TYR A 57 -10.72 7.31 0.18
C TYR A 57 -11.27 8.56 0.84
N GLY A 58 -11.13 9.67 0.14
CA GLY A 58 -11.67 10.92 0.63
C GLY A 58 -10.87 12.10 0.13
N THR A 59 -10.91 13.19 0.88
CA THR A 59 -10.17 14.39 0.54
C THR A 59 -8.71 14.08 0.18
N ASP A 60 -8.35 14.28 -1.09
CA ASP A 60 -6.98 14.13 -1.58
C ASP A 60 -6.52 12.67 -1.57
N GLY A 61 -7.44 11.73 -1.39
CA GLY A 61 -7.04 10.35 -1.28
C GLY A 61 -7.52 9.44 -2.41
N ASN A 62 -8.46 9.91 -3.23
CA ASN A 62 -9.17 9.05 -4.18
C ASN A 62 -9.74 7.84 -3.46
N TYR A 63 -9.04 6.72 -3.61
CA TYR A 63 -9.31 5.50 -2.87
C TYR A 63 -8.39 4.41 -3.39
N VAL A 64 -7.51 3.93 -2.53
CA VAL A 64 -6.72 2.77 -2.88
C VAL A 64 -7.65 1.59 -3.10
N THR A 65 -7.55 0.96 -4.23
CA THR A 65 -8.44 -0.15 -4.55
C THR A 65 -7.65 -1.44 -4.74
N GLY A 66 -6.42 -1.30 -5.20
CA GLY A 66 -5.62 -2.47 -5.44
C GLY A 66 -4.19 -2.32 -4.97
N LEU A 67 -3.75 -3.26 -4.14
CA LEU A 67 -2.36 -3.33 -3.74
C LEU A 67 -1.58 -4.13 -4.77
N HIS A 68 -0.47 -3.57 -5.20
CA HIS A 68 0.38 -4.18 -6.20
C HIS A 68 1.75 -4.44 -5.59
N THR A 69 2.45 -5.48 -6.00
CA THR A 69 3.77 -5.70 -5.44
C THR A 69 4.80 -4.86 -6.17
N CYS A 70 5.55 -4.08 -5.40
CA CYS A 70 6.53 -3.18 -5.95
C CYS A 70 7.92 -3.84 -5.94
N ASP A 71 8.85 -3.33 -6.74
CA ASP A 71 10.24 -3.74 -6.63
C ASP A 71 11.03 -2.65 -5.95
N PRO A 72 11.92 -3.04 -5.03
CA PRO A 72 12.82 -2.19 -4.24
C PRO A 72 13.11 -0.82 -4.84
N ALA A 73 12.16 0.08 -4.67
CA ALA A 73 12.28 1.44 -5.18
C ALA A 73 11.15 2.33 -4.66
N THR A 74 11.41 3.02 -3.56
CA THR A 74 10.45 3.99 -3.02
C THR A 74 10.68 5.34 -3.68
N PRO A 75 9.62 5.96 -4.24
CA PRO A 75 9.71 7.25 -4.94
C PRO A 75 10.07 8.42 -4.02
N SER A 76 10.19 8.16 -2.73
CA SER A 76 10.59 9.18 -1.77
C SER A 76 12.10 9.38 -1.83
N GLY A 77 12.55 10.22 -2.75
CA GLY A 77 13.96 10.47 -2.90
C GLY A 77 14.53 11.31 -1.77
N VAL A 78 15.41 10.71 -0.99
CA VAL A 78 16.03 11.41 0.12
C VAL A 78 17.42 10.82 0.38
N ALA A 1 -7.55 -14.56 -9.82
CA ALA A 1 -6.41 -14.04 -10.60
C ALA A 1 -5.09 -14.36 -9.92
N THR A 2 -5.07 -14.24 -8.59
CA THR A 2 -3.84 -14.45 -7.84
C THR A 2 -4.16 -14.96 -6.43
N GLY A 3 -4.91 -14.14 -5.69
CA GLY A 3 -5.24 -14.48 -4.32
C GLY A 3 -5.29 -13.26 -3.44
N SER A 4 -4.12 -12.86 -2.96
CA SER A 4 -4.02 -11.68 -2.11
C SER A 4 -3.13 -10.64 -2.79
N PRO A 5 -3.39 -9.34 -2.55
CA PRO A 5 -2.60 -8.24 -3.12
C PRO A 5 -1.14 -8.26 -2.67
N VAL A 6 -0.26 -7.79 -3.55
CA VAL A 6 1.19 -7.72 -3.30
C VAL A 6 1.76 -9.07 -2.82
N ALA A 7 2.72 -9.00 -1.90
CA ALA A 7 3.34 -10.16 -1.27
C ALA A 7 2.32 -11.09 -0.59
N GLU A 8 1.05 -10.67 -0.57
CA GLU A 8 -0.06 -11.46 -0.03
C GLU A 8 -0.08 -11.48 1.49
N CYS A 9 1.07 -11.30 2.14
CA CYS A 9 1.13 -11.28 3.59
C CYS A 9 1.00 -9.86 4.14
N VAL A 10 0.56 -8.91 3.30
CA VAL A 10 0.30 -7.56 3.77
C VAL A 10 -1.19 -7.26 3.60
N GLU A 11 -1.78 -6.54 4.55
CA GLU A 11 -3.22 -6.32 4.52
C GLU A 11 -3.56 -4.87 4.83
N TYR A 12 -4.19 -4.18 3.88
CA TYR A 12 -4.66 -2.82 4.14
C TYR A 12 -6.08 -2.78 4.64
N PHE A 13 -6.41 -1.65 5.24
CA PHE A 13 -7.75 -1.32 5.63
C PHE A 13 -7.91 0.18 5.46
N GLN A 14 -9.11 0.70 5.52
CA GLN A 14 -9.31 2.12 5.35
C GLN A 14 -9.82 2.78 6.62
N SER A 15 -8.95 3.54 7.28
CA SER A 15 -9.31 4.29 8.45
C SER A 15 -9.56 5.74 8.04
N TRP A 16 -10.40 5.88 7.01
CA TRP A 16 -10.79 7.17 6.45
C TRP A 16 -9.65 7.80 5.63
N ARG A 17 -8.81 8.59 6.26
CA ARG A 17 -7.73 9.29 5.57
C ARG A 17 -6.40 8.56 5.74
N TYR A 18 -6.49 7.25 5.86
CA TYR A 18 -5.35 6.41 6.18
C TYR A 18 -5.59 5.01 5.65
N THR A 19 -4.90 4.64 4.60
CA THR A 19 -4.92 3.27 4.17
C THR A 19 -3.77 2.52 4.82
N ASP A 20 -4.10 1.83 5.90
CA ASP A 20 -3.14 1.08 6.69
C ASP A 20 -2.87 -0.29 6.10
N VAL A 21 -1.70 -0.47 5.53
CA VAL A 21 -1.30 -1.79 5.08
C VAL A 21 -0.37 -2.40 6.12
N HIS A 22 -0.91 -3.36 6.84
CA HIS A 22 -0.17 -4.06 7.85
C HIS A 22 0.36 -5.36 7.29
N ASN A 23 1.68 -5.44 7.14
CA ASN A 23 2.30 -6.66 6.67
C ASN A 23 2.43 -7.64 7.83
N GLY A 24 2.48 -8.92 7.51
CA GLY A 24 2.73 -9.93 8.52
C GLY A 24 3.69 -10.99 8.02
N CYS A 25 4.46 -10.63 7.01
CA CYS A 25 5.51 -11.50 6.51
C CYS A 25 6.76 -11.33 7.36
N ALA A 26 7.65 -12.29 7.31
CA ALA A 26 8.87 -12.25 8.09
C ALA A 26 9.93 -11.38 7.43
N ASP A 27 9.69 -10.97 6.19
CA ASP A 27 10.65 -10.18 5.45
C ASP A 27 10.02 -8.92 4.86
N ALA A 28 10.89 -7.96 4.56
CA ALA A 28 10.47 -6.68 3.97
C ALA A 28 10.03 -6.85 2.54
N VAL A 29 8.84 -6.39 2.23
CA VAL A 29 8.32 -6.48 0.87
C VAL A 29 7.88 -5.13 0.35
N SER A 30 8.10 -4.89 -0.92
CA SER A 30 7.76 -3.62 -1.52
C SER A 30 6.34 -3.68 -2.06
N VAL A 31 5.50 -2.80 -1.58
CA VAL A 31 4.11 -2.79 -1.99
C VAL A 31 3.74 -1.42 -2.60
N THR A 32 2.90 -1.47 -3.60
CA THR A 32 2.37 -0.29 -4.26
C THR A 32 0.84 -0.31 -4.19
N VAL A 33 0.20 0.84 -4.36
CA VAL A 33 -1.24 0.93 -4.25
C VAL A 33 -1.85 1.71 -5.41
N GLU A 34 -2.99 1.23 -5.87
CA GLU A 34 -3.66 1.81 -7.01
C GLU A 34 -4.92 2.56 -6.54
N TYR A 35 -4.92 3.89 -6.70
CA TYR A 35 -6.04 4.69 -6.23
C TYR A 35 -7.12 4.86 -7.28
N THR A 36 -8.32 5.14 -6.80
CA THR A 36 -9.49 5.44 -7.61
C THR A 36 -9.19 6.39 -8.78
N HIS A 37 -8.46 7.47 -8.54
CA HIS A 37 -8.14 8.40 -9.61
C HIS A 37 -6.67 8.29 -10.00
N GLY A 38 -5.78 8.85 -9.20
CA GLY A 38 -4.37 8.73 -9.48
C GLY A 38 -3.53 9.79 -8.81
N GLN A 39 -2.53 9.34 -8.05
CA GLN A 39 -1.56 10.20 -7.38
C GLN A 39 -0.38 9.33 -6.98
N TRP A 40 0.80 9.93 -6.88
CA TRP A 40 1.99 9.13 -6.62
C TRP A 40 2.08 8.70 -5.16
N ALA A 41 2.63 7.50 -4.96
CA ALA A 41 2.65 6.78 -3.70
C ALA A 41 2.90 5.29 -3.94
N PRO A 42 2.20 4.68 -4.96
CA PRO A 42 2.35 3.27 -5.37
C PRO A 42 3.79 2.73 -5.51
N CYS A 43 4.51 2.65 -4.39
CA CYS A 43 5.75 1.89 -4.26
C CYS A 43 6.43 2.21 -2.93
N ARG A 44 6.26 1.34 -1.95
CA ARG A 44 6.85 1.51 -0.63
C ARG A 44 7.16 0.15 -0.03
N VAL A 45 8.38 -0.02 0.48
CA VAL A 45 8.74 -1.29 1.11
C VAL A 45 8.25 -1.33 2.56
N ILE A 46 7.71 -2.47 2.93
CA ILE A 46 7.18 -2.70 4.24
C ILE A 46 8.21 -3.39 5.09
N GLU A 47 8.20 -3.07 6.34
CA GLU A 47 8.94 -3.83 7.31
C GLU A 47 8.06 -5.00 7.75
N PRO A 48 8.65 -6.19 7.92
CA PRO A 48 7.93 -7.36 8.41
C PRO A 48 7.02 -7.02 9.61
N GLY A 49 5.74 -6.85 9.34
CA GLY A 49 4.81 -6.57 10.41
C GLY A 49 4.50 -5.09 10.55
N GLY A 50 5.06 -4.28 9.65
CA GLY A 50 4.87 -2.85 9.73
C GLY A 50 3.74 -2.36 8.87
N TRP A 51 3.64 -1.04 8.76
CA TRP A 51 2.58 -0.39 8.01
C TRP A 51 3.15 0.46 6.88
N ALA A 52 2.26 0.85 5.99
CA ALA A 52 2.55 1.79 4.94
C ALA A 52 1.32 2.66 4.75
N THR A 53 1.48 3.94 5.03
CA THR A 53 0.39 4.87 4.99
C THR A 53 0.14 5.35 3.59
N PHE A 54 -1.11 5.26 3.16
CA PHE A 54 -1.45 5.64 1.81
C PHE A 54 -2.72 6.46 1.86
N ALA A 55 -2.81 7.45 0.97
CA ALA A 55 -3.93 8.36 0.97
C ALA A 55 -5.24 7.62 0.81
N GLY A 56 -5.93 7.46 1.92
CA GLY A 56 -7.19 6.78 1.92
C GLY A 56 -8.25 7.59 1.20
N TYR A 57 -9.50 7.20 1.35
CA TYR A 57 -10.56 7.84 0.61
C TYR A 57 -11.08 9.08 1.35
N GLY A 58 -10.29 10.14 1.28
CA GLY A 58 -10.68 11.39 1.89
C GLY A 58 -11.55 12.23 0.96
N THR A 59 -11.96 13.41 1.44
CA THR A 59 -12.81 14.27 0.64
C THR A 59 -12.03 14.83 -0.54
N ASP A 60 -12.62 14.75 -1.74
CA ASP A 60 -12.02 15.28 -2.96
C ASP A 60 -10.66 14.64 -3.20
N GLY A 61 -10.52 13.39 -2.80
CA GLY A 61 -9.25 12.71 -2.95
C GLY A 61 -9.38 11.49 -3.83
N ASN A 62 -8.68 10.44 -3.46
CA ASN A 62 -8.74 9.18 -4.17
C ASN A 62 -9.25 8.11 -3.23
N TYR A 63 -8.88 6.89 -3.55
CA TYR A 63 -9.15 5.73 -2.71
C TYR A 63 -8.37 4.55 -3.24
N VAL A 64 -7.49 4.02 -2.43
CA VAL A 64 -6.74 2.85 -2.81
C VAL A 64 -7.69 1.68 -2.98
N THR A 65 -7.56 0.97 -4.09
CA THR A 65 -8.47 -0.11 -4.40
C THR A 65 -7.72 -1.41 -4.63
N GLY A 66 -6.46 -1.30 -5.01
CA GLY A 66 -5.67 -2.48 -5.27
C GLY A 66 -4.24 -2.32 -4.85
N LEU A 67 -3.77 -3.25 -4.03
CA LEU A 67 -2.37 -3.32 -3.68
C LEU A 67 -1.63 -4.15 -4.72
N HIS A 68 -0.46 -3.68 -5.10
CA HIS A 68 0.35 -4.33 -6.10
C HIS A 68 1.76 -4.53 -5.54
N THR A 69 2.45 -5.60 -5.88
CA THR A 69 3.78 -5.78 -5.36
C THR A 69 4.77 -4.92 -6.14
N CYS A 70 5.55 -4.14 -5.41
CA CYS A 70 6.49 -3.22 -6.03
C CYS A 70 7.87 -3.88 -6.12
N ASP A 71 8.70 -3.43 -7.06
CA ASP A 71 10.07 -3.90 -7.14
C ASP A 71 11.01 -2.77 -6.73
N PRO A 72 12.14 -3.11 -6.09
CA PRO A 72 13.21 -2.20 -5.69
C PRO A 72 13.30 -0.93 -6.52
N ALA A 73 12.50 0.04 -6.12
CA ALA A 73 12.44 1.32 -6.79
C ALA A 73 11.59 2.31 -6.00
N THR A 74 12.24 3.22 -5.29
CA THR A 74 11.55 4.23 -4.51
C THR A 74 11.13 5.40 -5.40
N PRO A 75 9.85 5.80 -5.34
CA PRO A 75 9.37 6.98 -6.06
C PRO A 75 9.99 8.26 -5.52
N SER A 76 10.71 8.96 -6.38
CA SER A 76 11.40 10.19 -5.95
C SER A 76 11.57 11.15 -7.12
N GLY A 77 10.96 10.82 -8.26
CA GLY A 77 11.05 11.67 -9.43
C GLY A 77 10.12 12.85 -9.35
N VAL A 78 9.25 12.85 -8.35
CA VAL A 78 8.29 13.93 -8.13
C VAL A 78 8.17 14.24 -6.65
N ALA A 1 -5.45 -22.29 -4.82
CA ALA A 1 -4.90 -21.38 -3.80
C ALA A 1 -5.28 -19.94 -4.11
N THR A 2 -5.50 -19.16 -3.06
CA THR A 2 -5.89 -17.77 -3.21
C THR A 2 -4.71 -16.91 -3.63
N GLY A 3 -4.87 -16.17 -4.73
CA GLY A 3 -3.85 -15.23 -5.15
C GLY A 3 -4.10 -13.86 -4.58
N SER A 4 -3.40 -13.52 -3.52
CA SER A 4 -3.64 -12.26 -2.81
C SER A 4 -2.79 -11.14 -3.42
N PRO A 5 -3.14 -9.87 -3.15
CA PRO A 5 -2.39 -8.72 -3.66
C PRO A 5 -1.01 -8.64 -3.02
N VAL A 6 -0.04 -8.22 -3.82
CA VAL A 6 1.35 -8.03 -3.39
C VAL A 6 1.92 -9.32 -2.78
N ALA A 7 2.86 -9.18 -1.84
CA ALA A 7 3.48 -10.28 -1.12
C ALA A 7 2.48 -11.20 -0.38
N GLU A 8 1.20 -10.87 -0.45
CA GLU A 8 0.10 -11.65 0.17
C GLU A 8 0.05 -11.48 1.70
N CYS A 9 1.19 -11.23 2.33
CA CYS A 9 1.24 -11.13 3.78
C CYS A 9 0.78 -9.76 4.28
N VAL A 10 0.66 -8.80 3.36
CA VAL A 10 0.32 -7.44 3.75
C VAL A 10 -1.19 -7.22 3.61
N GLU A 11 -1.79 -6.50 4.55
CA GLU A 11 -3.23 -6.33 4.54
C GLU A 11 -3.59 -4.88 4.91
N TYR A 12 -4.27 -4.18 4.01
CA TYR A 12 -4.68 -2.80 4.30
C TYR A 12 -6.09 -2.71 4.86
N PHE A 13 -6.42 -1.52 5.30
CA PHE A 13 -7.76 -1.16 5.72
C PHE A 13 -7.96 0.32 5.40
N GLN A 14 -9.12 0.86 5.71
CA GLN A 14 -9.35 2.27 5.45
C GLN A 14 -9.85 2.99 6.69
N SER A 15 -9.06 3.93 7.17
CA SER A 15 -9.46 4.79 8.26
C SER A 15 -9.39 6.24 7.78
N TRP A 16 -10.46 6.67 7.12
CA TRP A 16 -10.53 7.98 6.47
C TRP A 16 -9.44 8.12 5.40
N ARG A 17 -8.40 8.88 5.70
CA ARG A 17 -7.33 9.14 4.74
C ARG A 17 -6.10 8.29 5.10
N TYR A 18 -6.33 7.19 5.78
CA TYR A 18 -5.26 6.33 6.23
C TYR A 18 -5.53 4.91 5.78
N THR A 19 -4.95 4.53 4.66
CA THR A 19 -4.98 3.15 4.24
C THR A 19 -3.81 2.41 4.89
N ASP A 20 -4.13 1.71 5.98
CA ASP A 20 -3.12 1.01 6.77
C ASP A 20 -2.85 -0.39 6.25
N VAL A 21 -1.73 -0.56 5.56
CA VAL A 21 -1.33 -1.87 5.13
C VAL A 21 -0.36 -2.44 6.13
N HIS A 22 -0.85 -3.41 6.89
CA HIS A 22 -0.03 -4.11 7.85
C HIS A 22 0.46 -5.42 7.27
N ASN A 23 1.76 -5.50 7.06
CA ASN A 23 2.37 -6.71 6.58
C ASN A 23 2.53 -7.72 7.72
N GLY A 24 2.49 -9.00 7.42
CA GLY A 24 2.74 -10.02 8.42
C GLY A 24 3.74 -11.05 7.96
N CYS A 25 4.47 -10.73 6.91
CA CYS A 25 5.53 -11.59 6.43
C CYS A 25 6.79 -11.30 7.23
N ALA A 26 7.67 -12.27 7.31
CA ALA A 26 8.87 -12.14 8.12
C ALA A 26 9.92 -11.25 7.47
N ASP A 27 9.69 -10.87 6.23
CA ASP A 27 10.66 -10.07 5.49
C ASP A 27 10.04 -8.81 4.89
N ALA A 28 10.90 -7.86 4.58
CA ALA A 28 10.51 -6.59 3.97
C ALA A 28 10.05 -6.76 2.53
N VAL A 29 8.84 -6.32 2.24
CA VAL A 29 8.30 -6.44 0.89
C VAL A 29 7.84 -5.10 0.35
N SER A 30 8.09 -4.87 -0.92
CA SER A 30 7.72 -3.63 -1.54
C SER A 30 6.32 -3.74 -2.10
N VAL A 31 5.46 -2.85 -1.65
CA VAL A 31 4.09 -2.86 -2.07
C VAL A 31 3.74 -1.52 -2.73
N THR A 32 2.77 -1.58 -3.62
CA THR A 32 2.26 -0.40 -4.30
C THR A 32 0.73 -0.39 -4.21
N VAL A 33 0.12 0.77 -4.37
CA VAL A 33 -1.32 0.92 -4.26
C VAL A 33 -1.86 1.74 -5.42
N GLU A 34 -2.99 1.30 -5.91
CA GLU A 34 -3.63 1.97 -7.02
C GLU A 34 -4.84 2.75 -6.51
N TYR A 35 -4.82 4.08 -6.66
CA TYR A 35 -5.93 4.91 -6.19
C TYR A 35 -6.97 5.10 -7.27
N THR A 36 -8.19 5.37 -6.82
CA THR A 36 -9.32 5.67 -7.70
C THR A 36 -8.96 6.65 -8.82
N HIS A 37 -8.18 7.68 -8.50
CA HIS A 37 -7.77 8.63 -9.52
C HIS A 37 -6.32 8.39 -9.94
N GLY A 38 -5.39 8.99 -9.22
CA GLY A 38 -3.99 8.83 -9.55
C GLY A 38 -3.11 9.82 -8.79
N GLN A 39 -2.06 9.29 -8.20
CA GLN A 39 -1.09 10.08 -7.43
C GLN A 39 0.06 9.16 -7.06
N TRP A 40 1.25 9.73 -6.89
CA TRP A 40 2.41 8.92 -6.59
C TRP A 40 2.40 8.49 -5.13
N ALA A 41 2.88 7.27 -4.92
CA ALA A 41 2.79 6.54 -3.66
C ALA A 41 2.95 5.03 -3.89
N PRO A 42 2.41 4.46 -5.02
CA PRO A 42 2.54 3.04 -5.39
C PRO A 42 3.99 2.50 -5.44
N CYS A 43 4.68 2.55 -4.32
CA CYS A 43 5.90 1.79 -4.09
C CYS A 43 6.45 2.11 -2.71
N ARG A 44 6.27 1.18 -1.80
CA ARG A 44 6.74 1.32 -0.45
C ARG A 44 7.18 -0.04 0.07
N VAL A 45 8.41 -0.14 0.50
CA VAL A 45 8.88 -1.37 1.11
C VAL A 45 8.41 -1.40 2.56
N ILE A 46 7.78 -2.49 2.91
CA ILE A 46 7.22 -2.67 4.20
C ILE A 46 8.22 -3.36 5.09
N GLU A 47 8.20 -3.01 6.33
CA GLU A 47 8.92 -3.77 7.32
C GLU A 47 8.06 -4.95 7.72
N PRO A 48 8.66 -6.11 7.96
CA PRO A 48 7.95 -7.28 8.47
C PRO A 48 7.06 -6.95 9.64
N GLY A 49 5.78 -6.72 9.38
CA GLY A 49 4.85 -6.40 10.46
C GLY A 49 4.57 -4.92 10.55
N GLY A 50 5.09 -4.16 9.59
CA GLY A 50 4.93 -2.73 9.61
C GLY A 50 3.78 -2.25 8.77
N TRP A 51 3.63 -0.93 8.68
CA TRP A 51 2.55 -0.32 7.93
C TRP A 51 3.10 0.52 6.78
N ALA A 52 2.21 0.84 5.88
CA ALA A 52 2.47 1.77 4.80
C ALA A 52 1.25 2.64 4.67
N THR A 53 1.41 3.91 4.96
CA THR A 53 0.31 4.84 4.95
C THR A 53 0.06 5.31 3.54
N PHE A 54 -1.19 5.22 3.12
CA PHE A 54 -1.56 5.61 1.79
C PHE A 54 -2.85 6.38 1.86
N ALA A 55 -2.93 7.44 1.07
CA ALA A 55 -4.08 8.32 1.08
C ALA A 55 -5.37 7.54 0.95
N GLY A 56 -6.03 7.35 2.08
CA GLY A 56 -7.31 6.70 2.08
C GLY A 56 -8.35 7.56 1.39
N TYR A 57 -9.59 7.11 1.34
CA TYR A 57 -10.59 7.82 0.53
C TYR A 57 -11.22 8.96 1.34
N GLY A 58 -10.36 9.76 1.94
CA GLY A 58 -10.83 10.84 2.77
C GLY A 58 -11.05 12.09 1.95
N THR A 59 -12.11 12.83 2.26
CA THR A 59 -12.45 14.04 1.51
C THR A 59 -12.86 13.68 0.07
N ASP A 60 -13.13 12.38 -0.14
CA ASP A 60 -13.59 11.86 -1.43
C ASP A 60 -12.60 12.17 -2.55
N GLY A 61 -11.32 12.13 -2.22
CA GLY A 61 -10.29 12.33 -3.21
C GLY A 61 -9.95 11.06 -3.94
N ASN A 62 -8.86 10.44 -3.53
CA ASN A 62 -8.45 9.19 -4.09
C ASN A 62 -8.74 8.07 -3.09
N TYR A 63 -9.10 6.92 -3.59
CA TYR A 63 -9.31 5.74 -2.77
C TYR A 63 -8.44 4.62 -3.28
N VAL A 64 -7.56 4.10 -2.45
CA VAL A 64 -6.78 2.96 -2.81
C VAL A 64 -7.70 1.77 -3.03
N THR A 65 -7.56 1.10 -4.15
CA THR A 65 -8.43 -0.02 -4.45
C THR A 65 -7.64 -1.30 -4.67
N GLY A 66 -6.43 -1.16 -5.17
CA GLY A 66 -5.65 -2.33 -5.50
C GLY A 66 -4.22 -2.25 -5.03
N LEU A 67 -3.80 -3.23 -4.24
CA LEU A 67 -2.41 -3.35 -3.84
C LEU A 67 -1.67 -4.17 -4.89
N HIS A 68 -0.46 -3.77 -5.16
CA HIS A 68 0.40 -4.42 -6.14
C HIS A 68 1.76 -4.65 -5.52
N THR A 69 2.49 -5.68 -5.91
CA THR A 69 3.82 -5.86 -5.37
C THR A 69 4.80 -5.00 -6.14
N CYS A 70 5.59 -4.21 -5.42
CA CYS A 70 6.55 -3.34 -6.06
C CYS A 70 7.92 -4.00 -6.04
N ASP A 71 8.86 -3.45 -6.78
CA ASP A 71 10.22 -3.95 -6.77
C ASP A 71 11.18 -2.77 -6.87
N PRO A 72 12.36 -2.88 -6.22
CA PRO A 72 13.47 -1.91 -6.21
C PRO A 72 13.52 -0.95 -7.38
N ALA A 73 12.61 0.00 -7.36
CA ALA A 73 12.46 0.99 -8.41
C ALA A 73 11.46 2.05 -7.97
N THR A 74 11.91 2.94 -7.10
CA THR A 74 11.03 3.88 -6.44
C THR A 74 10.55 4.98 -7.38
N PRO A 75 9.26 5.34 -7.28
CA PRO A 75 8.62 6.30 -8.19
C PRO A 75 8.98 7.74 -7.89
N SER A 76 9.53 8.41 -8.88
CA SER A 76 9.82 9.83 -8.81
C SER A 76 8.68 10.61 -9.49
N GLY A 77 8.73 11.93 -9.39
CA GLY A 77 7.78 12.77 -10.09
C GLY A 77 7.86 12.55 -11.59
N VAL A 78 9.07 12.72 -12.14
CA VAL A 78 9.34 12.42 -13.54
C VAL A 78 10.75 11.83 -13.65
N ALA A 1 -10.80 -15.00 -6.33
CA ALA A 1 -10.31 -16.35 -5.96
C ALA A 1 -9.24 -16.23 -4.89
N THR A 2 -8.61 -17.34 -4.55
CA THR A 2 -7.54 -17.35 -3.56
C THR A 2 -6.27 -16.72 -4.12
N GLY A 3 -6.16 -15.41 -3.95
CA GLY A 3 -5.01 -14.67 -4.41
C GLY A 3 -5.00 -13.27 -3.85
N SER A 4 -4.03 -12.98 -3.01
CA SER A 4 -3.98 -11.72 -2.31
C SER A 4 -3.12 -10.70 -3.06
N PRO A 5 -3.36 -9.40 -2.82
CA PRO A 5 -2.55 -8.32 -3.39
C PRO A 5 -1.13 -8.33 -2.85
N VAL A 6 -0.21 -7.80 -3.67
CA VAL A 6 1.21 -7.71 -3.34
C VAL A 6 1.76 -9.05 -2.81
N ALA A 7 2.73 -8.97 -1.89
CA ALA A 7 3.35 -10.13 -1.25
C ALA A 7 2.36 -11.05 -0.51
N GLU A 8 1.07 -10.69 -0.54
CA GLU A 8 0.00 -11.47 0.10
C GLU A 8 0.05 -11.43 1.64
N CYS A 9 1.23 -11.17 2.20
CA CYS A 9 1.37 -11.09 3.67
C CYS A 9 0.88 -9.75 4.20
N VAL A 10 0.69 -8.77 3.31
CA VAL A 10 0.32 -7.44 3.74
C VAL A 10 -1.18 -7.22 3.56
N GLU A 11 -1.81 -6.48 4.47
CA GLU A 11 -3.24 -6.27 4.41
C GLU A 11 -3.59 -4.83 4.81
N TYR A 12 -4.31 -4.11 3.96
CA TYR A 12 -4.69 -2.74 4.26
C TYR A 12 -6.09 -2.63 4.87
N PHE A 13 -6.33 -1.49 5.49
CA PHE A 13 -7.63 -1.12 5.97
C PHE A 13 -7.79 0.38 5.78
N GLN A 14 -8.95 0.81 5.34
CA GLN A 14 -9.16 2.20 5.03
C GLN A 14 -9.96 2.90 6.12
N SER A 15 -9.41 3.99 6.62
CA SER A 15 -10.07 4.81 7.63
C SER A 15 -10.04 6.26 7.20
N TRP A 16 -10.13 7.17 8.17
CA TRP A 16 -10.11 8.59 7.89
C TRP A 16 -8.77 9.01 7.29
N ARG A 17 -8.71 9.03 5.96
CA ARG A 17 -7.55 9.53 5.21
C ARG A 17 -6.30 8.70 5.51
N TYR A 18 -6.50 7.42 5.82
CA TYR A 18 -5.41 6.54 6.21
C TYR A 18 -5.69 5.13 5.72
N THR A 19 -4.98 4.71 4.70
CA THR A 19 -4.99 3.31 4.32
C THR A 19 -3.80 2.59 4.95
N ASP A 20 -4.07 1.85 6.02
CA ASP A 20 -3.03 1.12 6.74
C ASP A 20 -2.81 -0.25 6.17
N VAL A 21 -1.65 -0.47 5.55
CA VAL A 21 -1.29 -1.79 5.11
C VAL A 21 -0.32 -2.39 6.10
N HIS A 22 -0.83 -3.35 6.85
CA HIS A 22 -0.03 -4.08 7.80
C HIS A 22 0.43 -5.38 7.19
N ASN A 23 1.74 -5.50 7.02
CA ASN A 23 2.33 -6.72 6.51
C ASN A 23 2.47 -7.74 7.65
N GLY A 24 2.49 -9.02 7.30
CA GLY A 24 2.71 -10.05 8.29
C GLY A 24 3.69 -11.11 7.83
N CYS A 25 4.55 -10.74 6.88
CA CYS A 25 5.58 -11.63 6.39
C CYS A 25 6.82 -11.48 7.26
N ALA A 26 7.74 -12.42 7.16
CA ALA A 26 8.96 -12.39 7.96
C ALA A 26 10.00 -11.42 7.39
N ASP A 27 9.81 -11.04 6.14
CA ASP A 27 10.77 -10.21 5.45
C ASP A 27 10.12 -8.97 4.82
N ALA A 28 10.94 -7.95 4.61
CA ALA A 28 10.50 -6.69 4.03
C ALA A 28 10.04 -6.87 2.58
N VAL A 29 8.84 -6.43 2.29
CA VAL A 29 8.30 -6.53 0.93
C VAL A 29 7.88 -5.17 0.41
N SER A 30 8.04 -4.98 -0.88
CA SER A 30 7.72 -3.71 -1.48
C SER A 30 6.32 -3.75 -2.05
N VAL A 31 5.49 -2.84 -1.60
CA VAL A 31 4.11 -2.80 -2.02
C VAL A 31 3.76 -1.45 -2.63
N THR A 32 2.81 -1.49 -3.53
CA THR A 32 2.28 -0.29 -4.15
C THR A 32 0.77 -0.31 -4.07
N VAL A 33 0.14 0.83 -4.28
CA VAL A 33 -1.31 0.95 -4.15
C VAL A 33 -1.86 1.74 -5.30
N GLU A 34 -2.89 1.21 -5.91
CA GLU A 34 -3.51 1.84 -7.03
C GLU A 34 -4.80 2.50 -6.57
N TYR A 35 -4.85 3.82 -6.65
CA TYR A 35 -6.03 4.55 -6.24
C TYR A 35 -7.02 4.65 -7.38
N THR A 36 -8.26 4.97 -7.02
CA THR A 36 -9.33 5.24 -7.97
C THR A 36 -8.91 6.27 -9.04
N HIS A 37 -7.91 7.10 -8.74
CA HIS A 37 -7.40 8.04 -9.74
C HIS A 37 -5.86 7.96 -9.79
N GLY A 38 -5.21 8.52 -8.78
CA GLY A 38 -3.76 8.59 -8.75
C GLY A 38 -3.32 9.83 -8.01
N GLN A 39 -2.34 9.67 -7.12
CA GLN A 39 -1.92 10.77 -6.26
C GLN A 39 -0.49 10.55 -5.79
N TRP A 40 0.25 9.80 -6.57
CA TRP A 40 1.67 9.56 -6.33
C TRP A 40 1.94 8.92 -4.96
N ALA A 41 2.20 7.62 -4.97
CA ALA A 41 2.43 6.85 -3.75
C ALA A 41 2.86 5.42 -4.06
N PRO A 42 2.17 4.73 -5.02
CA PRO A 42 2.50 3.34 -5.42
C PRO A 42 4.00 3.02 -5.46
N CYS A 43 4.45 2.36 -4.38
CA CYS A 43 5.77 1.71 -4.25
C CYS A 43 6.47 2.13 -2.96
N ARG A 44 6.39 1.25 -1.97
CA ARG A 44 6.95 1.48 -0.66
C ARG A 44 7.28 0.13 -0.04
N VAL A 45 8.48 -0.04 0.50
CA VAL A 45 8.83 -1.30 1.12
C VAL A 45 8.36 -1.34 2.56
N ILE A 46 7.84 -2.48 2.95
CA ILE A 46 7.28 -2.71 4.25
C ILE A 46 8.28 -3.41 5.11
N GLU A 47 8.23 -3.14 6.38
CA GLU A 47 8.94 -3.93 7.35
C GLU A 47 8.07 -5.10 7.76
N PRO A 48 8.66 -6.28 7.98
CA PRO A 48 7.92 -7.45 8.47
C PRO A 48 6.99 -7.13 9.63
N GLY A 49 5.73 -6.85 9.32
CA GLY A 49 4.78 -6.54 10.37
C GLY A 49 4.57 -5.05 10.54
N GLY A 50 5.02 -4.27 9.57
CA GLY A 50 4.90 -2.84 9.63
C GLY A 50 3.75 -2.31 8.78
N TRP A 51 3.65 -0.99 8.71
CA TRP A 51 2.57 -0.34 7.97
C TRP A 51 3.10 0.50 6.82
N ALA A 52 2.19 0.89 5.96
CA ALA A 52 2.47 1.83 4.90
C ALA A 52 1.24 2.69 4.71
N THR A 53 1.37 3.97 5.01
CA THR A 53 0.26 4.89 4.98
C THR A 53 0.02 5.39 3.56
N PHE A 54 -1.24 5.34 3.15
CA PHE A 54 -1.59 5.72 1.81
C PHE A 54 -2.88 6.49 1.85
N ALA A 55 -2.99 7.48 0.97
CA ALA A 55 -4.14 8.39 0.98
C ALA A 55 -5.44 7.62 0.89
N GLY A 56 -6.11 7.48 2.03
CA GLY A 56 -7.38 6.79 2.04
C GLY A 56 -8.46 7.65 1.40
N TYR A 57 -9.68 7.13 1.25
CA TYR A 57 -10.74 7.89 0.59
C TYR A 57 -11.41 8.82 1.60
N GLY A 58 -10.60 9.65 2.22
CA GLY A 58 -11.07 10.47 3.33
C GLY A 58 -11.64 11.80 2.89
N THR A 59 -11.73 12.00 1.60
CA THR A 59 -12.38 13.18 1.03
C THR A 59 -12.92 12.82 -0.35
N ASP A 60 -13.43 11.59 -0.45
CA ASP A 60 -13.82 10.99 -1.72
C ASP A 60 -12.57 10.78 -2.56
N GLY A 61 -12.22 11.81 -3.35
CA GLY A 61 -10.97 11.85 -4.11
C GLY A 61 -10.50 10.49 -4.59
N ASN A 62 -9.39 10.04 -4.03
CA ASN A 62 -8.81 8.76 -4.39
C ASN A 62 -9.18 7.71 -3.36
N TYR A 63 -9.46 6.53 -3.86
CA TYR A 63 -9.66 5.38 -3.01
C TYR A 63 -8.70 4.28 -3.44
N VAL A 64 -7.75 3.93 -2.57
CA VAL A 64 -6.88 2.81 -2.86
C VAL A 64 -7.74 1.56 -3.01
N THR A 65 -7.58 0.88 -4.12
CA THR A 65 -8.41 -0.27 -4.40
C THR A 65 -7.59 -1.40 -4.99
N GLY A 66 -6.29 -1.22 -5.04
CA GLY A 66 -5.45 -2.29 -5.53
C GLY A 66 -4.03 -2.23 -5.02
N LEU A 67 -3.70 -3.13 -4.12
CA LEU A 67 -2.33 -3.27 -3.68
C LEU A 67 -1.58 -4.12 -4.69
N HIS A 68 -0.46 -3.62 -5.12
CA HIS A 68 0.35 -4.25 -6.15
C HIS A 68 1.74 -4.48 -5.58
N THR A 69 2.39 -5.58 -5.92
CA THR A 69 3.72 -5.80 -5.38
C THR A 69 4.74 -4.97 -6.15
N CYS A 70 5.56 -4.24 -5.42
CA CYS A 70 6.55 -3.38 -6.03
C CYS A 70 7.92 -4.06 -6.02
N ASP A 71 8.81 -3.64 -6.91
CA ASP A 71 10.20 -4.07 -6.87
C ASP A 71 11.05 -2.92 -6.38
N PRO A 72 12.13 -3.21 -5.61
CA PRO A 72 13.09 -2.27 -5.03
C PRO A 72 13.11 -0.89 -5.68
N ALA A 73 12.15 -0.07 -5.28
CA ALA A 73 11.95 1.23 -5.85
C ALA A 73 10.89 1.97 -5.03
N THR A 74 11.26 3.11 -4.48
CA THR A 74 10.33 3.90 -3.72
C THR A 74 10.57 5.38 -4.00
N PRO A 75 9.49 6.17 -4.15
CA PRO A 75 9.58 7.59 -4.52
C PRO A 75 10.43 8.42 -3.55
N SER A 76 11.65 8.71 -3.95
CA SER A 76 12.53 9.56 -3.17
C SER A 76 12.19 11.02 -3.44
N GLY A 77 11.18 11.51 -2.74
CA GLY A 77 10.74 12.87 -2.93
C GLY A 77 10.87 13.69 -1.66
N VAL A 78 9.80 13.74 -0.89
CA VAL A 78 9.77 14.53 0.33
C VAL A 78 10.24 13.69 1.51
N ALA A 1 -9.78 -14.10 2.29
CA ALA A 1 -10.75 -13.26 1.56
C ALA A 1 -11.16 -13.92 0.25
N THR A 2 -10.30 -13.82 -0.76
CA THR A 2 -10.56 -14.43 -2.05
C THR A 2 -9.34 -14.29 -2.96
N GLY A 3 -8.79 -13.08 -3.03
CA GLY A 3 -7.62 -12.83 -3.83
C GLY A 3 -6.44 -12.42 -2.98
N SER A 4 -5.24 -12.44 -3.55
CA SER A 4 -4.05 -12.13 -2.80
C SER A 4 -3.23 -11.03 -3.47
N PRO A 5 -3.32 -9.80 -2.96
CA PRO A 5 -2.54 -8.66 -3.43
C PRO A 5 -1.11 -8.70 -2.89
N VAL A 6 -0.17 -8.26 -3.72
CA VAL A 6 1.23 -8.11 -3.34
C VAL A 6 1.79 -9.40 -2.69
N ALA A 7 2.78 -9.24 -1.83
CA ALA A 7 3.42 -10.32 -1.07
C ALA A 7 2.46 -11.12 -0.17
N GLU A 8 1.14 -10.90 -0.29
CA GLU A 8 0.11 -11.65 0.46
C GLU A 8 -0.01 -11.22 1.92
N CYS A 9 1.12 -11.17 2.61
CA CYS A 9 1.12 -10.98 4.06
C CYS A 9 0.75 -9.55 4.44
N VAL A 10 0.69 -8.68 3.46
CA VAL A 10 0.38 -7.29 3.71
C VAL A 10 -1.10 -7.05 3.41
N GLU A 11 -1.79 -6.38 4.32
CA GLU A 11 -3.20 -6.13 4.13
C GLU A 11 -3.54 -4.72 4.57
N TYR A 12 -4.18 -3.95 3.70
CA TYR A 12 -4.60 -2.61 4.06
C TYR A 12 -6.00 -2.60 4.65
N PHE A 13 -6.29 -1.49 5.30
CA PHE A 13 -7.63 -1.20 5.77
C PHE A 13 -7.84 0.29 5.58
N GLN A 14 -9.08 0.71 5.47
CA GLN A 14 -9.36 2.11 5.24
C GLN A 14 -9.85 2.79 6.52
N SER A 15 -8.90 3.41 7.22
CA SER A 15 -9.20 4.18 8.40
C SER A 15 -9.54 5.60 7.97
N TRP A 16 -10.60 5.71 7.18
CA TRP A 16 -11.03 6.96 6.57
C TRP A 16 -10.01 7.47 5.56
N ARG A 17 -9.08 8.31 6.00
CA ARG A 17 -8.08 8.89 5.10
C ARG A 17 -6.71 8.31 5.43
N TYR A 18 -6.69 7.02 5.69
CA TYR A 18 -5.50 6.31 6.12
C TYR A 18 -5.60 4.88 5.66
N THR A 19 -4.95 4.55 4.57
CA THR A 19 -4.88 3.18 4.15
C THR A 19 -3.70 2.49 4.82
N ASP A 20 -4.01 1.76 5.90
CA ASP A 20 -3.01 1.06 6.69
C ASP A 20 -2.77 -0.34 6.14
N VAL A 21 -1.64 -0.51 5.48
CA VAL A 21 -1.26 -1.83 5.02
C VAL A 21 -0.32 -2.43 6.04
N HIS A 22 -0.85 -3.37 6.78
CA HIS A 22 -0.09 -4.09 7.78
C HIS A 22 0.42 -5.38 7.21
N ASN A 23 1.72 -5.47 7.06
CA ASN A 23 2.35 -6.69 6.61
C ASN A 23 2.51 -7.66 7.78
N GLY A 24 2.48 -8.94 7.50
CA GLY A 24 2.75 -9.94 8.52
C GLY A 24 3.68 -11.03 8.01
N CYS A 25 4.48 -10.70 7.00
CA CYS A 25 5.47 -11.60 6.46
C CYS A 25 6.77 -11.42 7.23
N ALA A 26 7.67 -12.39 7.12
CA ALA A 26 8.94 -12.32 7.83
C ALA A 26 9.95 -11.42 7.11
N ASP A 27 9.65 -11.06 5.87
CA ASP A 27 10.59 -10.28 5.08
C ASP A 27 10.00 -8.95 4.63
N ALA A 28 10.89 -7.97 4.43
CA ALA A 28 10.53 -6.65 3.92
C ALA A 28 10.08 -6.73 2.47
N VAL A 29 8.84 -6.35 2.23
CA VAL A 29 8.28 -6.46 0.89
C VAL A 29 7.81 -5.13 0.35
N SER A 30 8.10 -4.89 -0.91
CA SER A 30 7.73 -3.65 -1.53
C SER A 30 6.33 -3.74 -2.09
N VAL A 31 5.49 -2.85 -1.62
CA VAL A 31 4.11 -2.82 -2.03
C VAL A 31 3.75 -1.50 -2.68
N THR A 32 2.79 -1.54 -3.57
CA THR A 32 2.27 -0.36 -4.23
C THR A 32 0.75 -0.36 -4.12
N VAL A 33 0.13 0.79 -4.29
CA VAL A 33 -1.31 0.91 -4.17
C VAL A 33 -1.89 1.69 -5.32
N GLU A 34 -2.94 1.15 -5.88
CA GLU A 34 -3.62 1.75 -7.00
C GLU A 34 -4.89 2.43 -6.52
N TYR A 35 -4.93 3.75 -6.64
CA TYR A 35 -6.04 4.53 -6.11
C TYR A 35 -7.14 4.71 -7.13
N THR A 36 -8.29 5.13 -6.63
CA THR A 36 -9.40 5.57 -7.45
C THR A 36 -8.98 6.65 -8.45
N HIS A 37 -8.01 7.48 -8.06
CA HIS A 37 -7.53 8.55 -8.94
C HIS A 37 -6.14 8.21 -9.47
N GLY A 38 -5.11 8.56 -8.72
CA GLY A 38 -3.76 8.26 -9.11
C GLY A 38 -2.75 9.11 -8.36
N GLN A 39 -2.85 9.08 -7.04
CA GLN A 39 -1.91 9.80 -6.19
C GLN A 39 -0.52 9.17 -6.28
N TRP A 40 0.50 10.01 -6.34
CA TRP A 40 1.86 9.53 -6.45
C TRP A 40 2.31 8.93 -5.13
N ALA A 41 2.41 7.61 -5.11
CA ALA A 41 2.70 6.86 -3.87
C ALA A 41 3.08 5.40 -4.14
N PRO A 42 2.37 4.68 -5.08
CA PRO A 42 2.54 3.23 -5.34
C PRO A 42 3.97 2.68 -5.36
N CYS A 43 4.60 2.63 -4.19
CA CYS A 43 5.82 1.85 -3.95
C CYS A 43 6.36 2.14 -2.56
N ARG A 44 6.25 1.15 -1.69
CA ARG A 44 6.76 1.24 -0.34
C ARG A 44 7.18 -0.12 0.15
N VAL A 45 8.44 -0.25 0.51
CA VAL A 45 8.91 -1.49 1.11
C VAL A 45 8.48 -1.52 2.56
N ILE A 46 7.84 -2.60 2.91
CA ILE A 46 7.28 -2.77 4.21
C ILE A 46 8.28 -3.45 5.10
N GLU A 47 8.25 -3.09 6.35
CA GLU A 47 8.98 -3.81 7.35
C GLU A 47 8.10 -4.96 7.81
N PRO A 48 8.66 -6.18 7.90
CA PRO A 48 7.93 -7.35 8.37
C PRO A 48 7.07 -7.05 9.60
N GLY A 49 5.78 -6.79 9.37
CA GLY A 49 4.89 -6.50 10.48
C GLY A 49 4.58 -5.02 10.62
N GLY A 50 5.01 -4.21 9.65
CA GLY A 50 4.80 -2.79 9.71
C GLY A 50 3.64 -2.31 8.83
N TRP A 51 3.52 -1.00 8.72
CA TRP A 51 2.45 -0.37 7.95
C TRP A 51 3.03 0.46 6.81
N ALA A 52 2.16 0.85 5.91
CA ALA A 52 2.49 1.78 4.85
C ALA A 52 1.28 2.67 4.66
N THR A 53 1.45 3.94 4.96
CA THR A 53 0.34 4.88 4.94
C THR A 53 0.09 5.38 3.54
N PHE A 54 -1.16 5.32 3.13
CA PHE A 54 -1.52 5.72 1.79
C PHE A 54 -2.81 6.49 1.85
N ALA A 55 -2.96 7.47 0.98
CA ALA A 55 -4.12 8.36 1.01
C ALA A 55 -5.40 7.57 0.88
N GLY A 56 -6.07 7.38 2.00
CA GLY A 56 -7.33 6.67 2.00
C GLY A 56 -8.43 7.53 1.39
N TYR A 57 -9.66 7.09 1.52
CA TYR A 57 -10.76 7.78 0.85
C TYR A 57 -11.27 8.94 1.72
N GLY A 58 -10.65 10.10 1.52
CA GLY A 58 -11.05 11.28 2.26
C GLY A 58 -11.19 12.49 1.37
N THR A 59 -10.08 13.15 1.08
CA THR A 59 -10.09 14.37 0.29
C THR A 59 -10.07 14.03 -1.20
N ASP A 60 -11.18 14.36 -1.90
CA ASP A 60 -11.35 14.02 -3.32
C ASP A 60 -11.34 12.51 -3.53
N GLY A 61 -11.66 11.78 -2.48
CA GLY A 61 -11.66 10.34 -2.57
C GLY A 61 -10.26 9.77 -2.49
N ASN A 62 -9.67 9.52 -3.66
CA ASN A 62 -8.33 8.92 -3.76
C ASN A 62 -8.33 7.53 -3.14
N TYR A 63 -9.48 6.92 -3.07
CA TYR A 63 -9.65 5.60 -2.45
C TYR A 63 -8.77 4.56 -3.12
N VAL A 64 -7.75 4.11 -2.39
CA VAL A 64 -6.94 3.00 -2.82
C VAL A 64 -7.82 1.76 -2.97
N THR A 65 -7.63 1.01 -4.04
CA THR A 65 -8.47 -0.15 -4.27
C THR A 65 -7.68 -1.30 -4.92
N GLY A 66 -6.36 -1.19 -4.93
CA GLY A 66 -5.56 -2.29 -5.44
C GLY A 66 -4.14 -2.27 -4.95
N LEU A 67 -3.79 -3.22 -4.11
CA LEU A 67 -2.40 -3.38 -3.69
C LEU A 67 -1.65 -4.21 -4.71
N HIS A 68 -0.47 -3.73 -5.06
CA HIS A 68 0.36 -4.35 -6.07
C HIS A 68 1.76 -4.58 -5.50
N THR A 69 2.48 -5.59 -5.91
CA THR A 69 3.82 -5.78 -5.38
C THR A 69 4.82 -4.92 -6.14
N CYS A 70 5.62 -4.16 -5.41
CA CYS A 70 6.58 -3.27 -6.02
C CYS A 70 7.97 -3.91 -6.03
N ASP A 71 8.92 -3.27 -6.70
CA ASP A 71 10.31 -3.71 -6.68
C ASP A 71 11.19 -2.51 -6.35
N PRO A 72 12.34 -2.77 -5.67
CA PRO A 72 13.39 -1.80 -5.34
C PRO A 72 13.41 -0.55 -6.21
N ALA A 73 12.53 0.37 -5.89
CA ALA A 73 12.36 1.59 -6.64
C ALA A 73 11.48 2.57 -5.87
N THR A 74 12.02 3.05 -4.76
CA THR A 74 11.27 3.93 -3.86
C THR A 74 11.04 5.30 -4.50
N PRO A 75 9.78 5.78 -4.46
CA PRO A 75 9.39 7.07 -5.03
C PRO A 75 10.32 8.21 -4.64
N SER A 76 10.98 8.77 -5.64
CA SER A 76 11.88 9.88 -5.45
C SER A 76 12.04 10.63 -6.78
N GLY A 77 12.02 9.87 -7.86
CA GLY A 77 12.07 10.48 -9.18
C GLY A 77 13.50 10.74 -9.64
N VAL A 78 14.42 9.92 -9.16
CA VAL A 78 15.81 10.07 -9.52
C VAL A 78 16.15 9.22 -10.75
N ALA A 1 -6.74 -18.60 -7.56
CA ALA A 1 -6.33 -17.61 -6.56
C ALA A 1 -7.44 -16.58 -6.35
N THR A 2 -7.88 -16.43 -5.10
CA THR A 2 -8.99 -15.55 -4.78
C THR A 2 -8.60 -14.08 -4.86
N GLY A 3 -7.31 -13.80 -4.72
CA GLY A 3 -6.84 -12.43 -4.79
C GLY A 3 -5.34 -12.32 -4.64
N SER A 4 -4.91 -12.02 -3.41
CA SER A 4 -3.49 -11.90 -3.09
C SER A 4 -2.81 -10.83 -3.96
N PRO A 5 -2.98 -9.55 -3.60
CA PRO A 5 -2.50 -8.43 -4.40
C PRO A 5 -0.98 -8.27 -4.37
N VAL A 6 -0.39 -8.42 -3.20
CA VAL A 6 1.06 -8.29 -3.02
C VAL A 6 1.52 -9.02 -1.77
N ALA A 7 2.38 -10.02 -1.96
CA ALA A 7 3.06 -10.72 -0.87
C ALA A 7 2.12 -11.57 -0.02
N GLU A 8 0.83 -11.26 -0.11
CA GLU A 8 -0.25 -12.00 0.56
C GLU A 8 -0.30 -11.73 2.05
N CYS A 9 0.85 -11.40 2.64
CA CYS A 9 0.95 -11.18 4.07
C CYS A 9 0.63 -9.73 4.45
N VAL A 10 0.53 -8.86 3.44
CA VAL A 10 0.24 -7.45 3.72
C VAL A 10 -1.26 -7.22 3.58
N GLU A 11 -1.84 -6.50 4.53
CA GLU A 11 -3.29 -6.30 4.56
C GLU A 11 -3.62 -4.84 4.86
N TYR A 12 -4.35 -4.19 3.97
CA TYR A 12 -4.74 -2.80 4.20
C TYR A 12 -6.15 -2.66 4.76
N PHE A 13 -6.39 -1.49 5.32
CA PHE A 13 -7.70 -1.06 5.78
C PHE A 13 -7.76 0.44 5.62
N GLN A 14 -8.95 1.01 5.49
CA GLN A 14 -9.07 2.45 5.35
C GLN A 14 -9.70 3.05 6.60
N SER A 15 -9.02 4.01 7.20
CA SER A 15 -9.53 4.68 8.38
C SER A 15 -9.30 6.18 8.29
N TRP A 16 -10.14 6.84 7.49
CA TRP A 16 -10.13 8.29 7.33
C TRP A 16 -8.76 8.81 6.87
N ARG A 17 -8.54 8.81 5.56
CA ARG A 17 -7.31 9.35 4.95
C ARG A 17 -6.07 8.52 5.30
N TYR A 18 -6.29 7.31 5.81
CA TYR A 18 -5.19 6.46 6.24
C TYR A 18 -5.46 5.03 5.83
N THR A 19 -4.91 4.63 4.71
CA THR A 19 -4.94 3.25 4.31
C THR A 19 -3.76 2.51 4.91
N ASP A 20 -4.04 1.79 5.99
CA ASP A 20 -3.03 1.03 6.71
C ASP A 20 -2.79 -0.34 6.09
N VAL A 21 -1.62 -0.52 5.51
CA VAL A 21 -1.25 -1.85 5.04
C VAL A 21 -0.29 -2.46 6.05
N HIS A 22 -0.81 -3.42 6.79
CA HIS A 22 -0.04 -4.13 7.78
C HIS A 22 0.45 -5.46 7.22
N ASN A 23 1.76 -5.56 7.04
CA ASN A 23 2.36 -6.77 6.55
C ASN A 23 2.52 -7.78 7.70
N GLY A 24 2.68 -9.05 7.38
CA GLY A 24 2.97 -10.04 8.40
C GLY A 24 3.68 -11.24 7.82
N CYS A 25 4.48 -11.00 6.79
CA CYS A 25 5.22 -12.06 6.10
C CYS A 25 6.50 -12.40 6.84
N ALA A 26 6.92 -11.47 7.70
CA ALA A 26 8.15 -11.57 8.51
C ALA A 26 9.35 -11.06 7.73
N ASP A 27 9.16 -10.79 6.46
CA ASP A 27 10.21 -10.20 5.64
C ASP A 27 9.74 -8.92 4.98
N ALA A 28 10.69 -8.06 4.66
CA ALA A 28 10.41 -6.78 4.02
C ALA A 28 9.93 -6.98 2.58
N VAL A 29 8.75 -6.46 2.28
CA VAL A 29 8.20 -6.55 0.93
C VAL A 29 7.83 -5.18 0.39
N SER A 30 8.11 -4.96 -0.87
CA SER A 30 7.79 -3.70 -1.51
C SER A 30 6.40 -3.78 -2.10
N VAL A 31 5.54 -2.91 -1.62
CA VAL A 31 4.18 -2.88 -2.07
C VAL A 31 3.87 -1.56 -2.76
N THR A 32 2.78 -1.52 -3.47
CA THR A 32 2.31 -0.34 -4.16
C THR A 32 0.77 -0.34 -4.21
N VAL A 33 0.16 0.83 -4.39
CA VAL A 33 -1.29 0.93 -4.30
C VAL A 33 -1.87 1.75 -5.43
N GLU A 34 -2.97 1.27 -5.96
CA GLU A 34 -3.69 1.97 -6.99
C GLU A 34 -4.89 2.67 -6.38
N TYR A 35 -5.01 3.96 -6.61
CA TYR A 35 -6.16 4.69 -6.08
C TYR A 35 -7.24 4.78 -7.13
N THR A 36 -8.42 5.16 -6.68
CA THR A 36 -9.57 5.41 -7.55
C THR A 36 -9.21 6.34 -8.72
N HIS A 37 -8.13 7.10 -8.57
CA HIS A 37 -7.63 7.94 -9.65
C HIS A 37 -6.21 7.52 -10.01
N GLY A 38 -5.27 7.74 -9.09
CA GLY A 38 -3.90 7.25 -9.29
C GLY A 38 -2.87 8.29 -8.88
N GLN A 39 -3.02 8.82 -7.67
CA GLN A 39 -2.11 9.85 -7.17
C GLN A 39 -0.76 9.25 -6.77
N TRP A 40 0.26 10.09 -6.72
CA TRP A 40 1.64 9.66 -6.51
C TRP A 40 1.85 9.07 -5.10
N ALA A 41 2.11 7.77 -5.06
CA ALA A 41 2.34 7.03 -3.82
C ALA A 41 2.75 5.58 -4.12
N PRO A 42 2.02 4.87 -5.04
CA PRO A 42 2.27 3.47 -5.38
C PRO A 42 3.75 3.09 -5.42
N CYS A 43 4.21 2.50 -4.29
CA CYS A 43 5.53 1.87 -4.12
C CYS A 43 6.17 2.27 -2.79
N ARG A 44 6.20 1.32 -1.87
CA ARG A 44 6.82 1.49 -0.57
C ARG A 44 7.16 0.11 -0.02
N VAL A 45 8.39 -0.07 0.45
CA VAL A 45 8.76 -1.35 1.05
C VAL A 45 8.34 -1.39 2.52
N ILE A 46 7.76 -2.51 2.89
CA ILE A 46 7.24 -2.73 4.20
C ILE A 46 8.28 -3.39 5.07
N GLU A 47 8.23 -3.05 6.33
CA GLU A 47 8.98 -3.77 7.32
C GLU A 47 8.11 -4.92 7.80
N PRO A 48 8.70 -6.09 8.05
CA PRO A 48 8.01 -7.24 8.62
C PRO A 48 7.01 -6.85 9.72
N GLY A 49 5.74 -6.77 9.35
CA GLY A 49 4.72 -6.46 10.35
C GLY A 49 4.50 -4.97 10.49
N GLY A 50 5.04 -4.21 9.55
CA GLY A 50 4.91 -2.77 9.59
C GLY A 50 3.77 -2.28 8.73
N TRP A 51 3.63 -0.97 8.66
CA TRP A 51 2.56 -0.34 7.89
C TRP A 51 3.11 0.49 6.76
N ALA A 52 2.22 0.82 5.84
CA ALA A 52 2.53 1.74 4.77
C ALA A 52 1.32 2.63 4.60
N THR A 53 1.51 3.90 4.84
CA THR A 53 0.42 4.85 4.86
C THR A 53 0.12 5.35 3.48
N PHE A 54 -1.13 5.25 3.09
CA PHE A 54 -1.54 5.63 1.76
C PHE A 54 -2.83 6.41 1.85
N ALA A 55 -2.92 7.47 1.06
CA ALA A 55 -4.07 8.37 1.10
C ALA A 55 -5.37 7.61 1.01
N GLY A 56 -5.99 7.42 2.17
CA GLY A 56 -7.27 6.77 2.21
C GLY A 56 -8.36 7.69 1.67
N TYR A 57 -9.58 7.21 1.53
CA TYR A 57 -10.59 8.04 0.90
C TYR A 57 -11.21 9.02 1.92
N GLY A 58 -10.60 10.20 2.00
CA GLY A 58 -11.08 11.22 2.91
C GLY A 58 -12.32 11.92 2.38
N THR A 59 -12.24 12.38 1.14
CA THR A 59 -13.34 13.07 0.52
C THR A 59 -13.86 12.28 -0.69
N ASP A 60 -13.66 10.97 -0.64
CA ASP A 60 -14.06 10.06 -1.73
C ASP A 60 -13.26 10.34 -3.00
N GLY A 61 -12.18 11.09 -2.86
CA GLY A 61 -11.32 11.38 -4.00
C GLY A 61 -10.50 10.18 -4.40
N ASN A 62 -9.33 10.03 -3.80
CA ASN A 62 -8.50 8.88 -4.05
C ASN A 62 -8.80 7.80 -3.04
N TYR A 63 -9.36 6.70 -3.50
CA TYR A 63 -9.54 5.53 -2.66
C TYR A 63 -8.70 4.40 -3.19
N VAL A 64 -7.75 3.95 -2.40
CA VAL A 64 -6.89 2.84 -2.80
C VAL A 64 -7.75 1.60 -3.01
N THR A 65 -7.59 0.97 -4.16
CA THR A 65 -8.41 -0.18 -4.51
C THR A 65 -7.56 -1.36 -4.93
N GLY A 66 -6.30 -1.13 -5.24
CA GLY A 66 -5.46 -2.23 -5.67
C GLY A 66 -4.05 -2.16 -5.15
N LEU A 67 -3.74 -3.07 -4.27
CA LEU A 67 -2.37 -3.25 -3.82
C LEU A 67 -1.62 -4.10 -4.82
N HIS A 68 -0.33 -3.87 -4.92
CA HIS A 68 0.51 -4.58 -5.87
C HIS A 68 1.92 -4.75 -5.31
N THR A 69 2.67 -5.70 -5.82
CA THR A 69 4.06 -5.85 -5.42
C THR A 69 4.93 -4.86 -6.18
N CYS A 70 5.71 -4.10 -5.43
CA CYS A 70 6.64 -3.17 -6.01
C CYS A 70 8.04 -3.78 -6.02
N ASP A 71 8.96 -3.17 -6.75
CA ASP A 71 10.35 -3.56 -6.69
C ASP A 71 11.20 -2.36 -6.34
N PRO A 72 12.27 -2.57 -5.53
CA PRO A 72 13.20 -1.56 -5.04
C PRO A 72 13.19 -0.24 -5.80
N ALA A 73 12.24 0.60 -5.41
CA ALA A 73 12.03 1.88 -6.05
C ALA A 73 11.07 2.73 -5.22
N THR A 74 11.60 3.62 -4.38
CA THR A 74 10.77 4.44 -3.52
C THR A 74 10.51 5.82 -4.14
N PRO A 75 9.24 6.10 -4.48
CA PRO A 75 8.83 7.42 -4.99
C PRO A 75 8.96 8.51 -3.93
N SER A 76 9.71 9.55 -4.27
CA SER A 76 9.95 10.67 -3.36
C SER A 76 10.64 10.21 -2.07
N GLY A 77 11.93 9.91 -2.18
CA GLY A 77 12.70 9.50 -1.03
C GLY A 77 13.52 10.64 -0.46
N VAL A 78 14.65 10.29 0.15
CA VAL A 78 15.52 11.26 0.82
C VAL A 78 14.79 11.93 1.98
N ALA A 1 -8.10 -7.10 -7.88
CA ALA A 1 -7.53 -7.97 -6.84
C ALA A 1 -8.42 -7.99 -5.61
N THR A 2 -8.31 -9.04 -4.80
CA THR A 2 -9.07 -9.12 -3.55
C THR A 2 -8.46 -10.16 -2.61
N GLY A 3 -8.06 -11.31 -3.15
CA GLY A 3 -7.47 -12.34 -2.32
C GLY A 3 -5.96 -12.32 -2.36
N SER A 4 -5.41 -11.66 -3.37
CA SER A 4 -3.96 -11.56 -3.51
C SER A 4 -3.59 -10.20 -4.10
N PRO A 5 -3.25 -9.23 -3.24
CA PRO A 5 -2.79 -7.92 -3.70
C PRO A 5 -1.28 -7.87 -3.91
N VAL A 6 -0.52 -7.99 -2.83
CA VAL A 6 0.94 -8.02 -2.88
C VAL A 6 1.46 -8.82 -1.71
N ALA A 7 2.25 -9.86 -1.99
CA ALA A 7 2.97 -10.63 -0.97
C ALA A 7 2.03 -11.50 -0.15
N GLU A 8 0.78 -11.04 -0.05
CA GLU A 8 -0.32 -11.76 0.60
C GLU A 8 -0.24 -11.65 2.13
N CYS A 9 0.95 -11.33 2.63
CA CYS A 9 1.15 -11.12 4.06
C CYS A 9 0.78 -9.69 4.46
N VAL A 10 0.65 -8.80 3.48
CA VAL A 10 0.32 -7.41 3.77
C VAL A 10 -1.19 -7.21 3.64
N GLU A 11 -1.79 -6.53 4.60
CA GLU A 11 -3.23 -6.36 4.63
C GLU A 11 -3.59 -4.91 4.92
N TYR A 12 -4.29 -4.25 4.00
CA TYR A 12 -4.73 -2.88 4.23
C TYR A 12 -6.15 -2.78 4.76
N PHE A 13 -6.42 -1.62 5.32
CA PHE A 13 -7.74 -1.19 5.69
C PHE A 13 -7.81 0.30 5.40
N GLN A 14 -8.94 0.94 5.65
CA GLN A 14 -9.08 2.35 5.34
C GLN A 14 -9.79 3.10 6.46
N SER A 15 -9.08 4.04 7.06
CA SER A 15 -9.64 4.87 8.11
C SER A 15 -9.57 6.34 7.70
N TRP A 16 -10.61 6.79 6.97
CA TRP A 16 -10.69 8.15 6.44
C TRP A 16 -9.55 8.44 5.45
N ARG A 17 -8.40 8.84 5.96
CA ARG A 17 -7.30 9.29 5.13
C ARG A 17 -6.06 8.41 5.33
N TYR A 18 -6.27 7.26 5.91
CA TYR A 18 -5.18 6.39 6.30
C TYR A 18 -5.48 4.97 5.83
N THR A 19 -4.93 4.61 4.69
CA THR A 19 -4.99 3.23 4.24
C THR A 19 -3.82 2.47 4.84
N ASP A 20 -4.11 1.75 5.91
CA ASP A 20 -3.12 1.02 6.67
C ASP A 20 -2.85 -0.35 6.10
N VAL A 21 -1.69 -0.53 5.51
CA VAL A 21 -1.29 -1.85 5.07
C VAL A 21 -0.33 -2.44 6.08
N HIS A 22 -0.85 -3.39 6.82
CA HIS A 22 -0.09 -4.08 7.84
C HIS A 22 0.41 -5.40 7.31
N ASN A 23 1.71 -5.49 7.13
CA ASN A 23 2.33 -6.72 6.66
C ASN A 23 2.51 -7.69 7.84
N GLY A 24 2.56 -8.98 7.55
CA GLY A 24 2.86 -9.95 8.58
C GLY A 24 3.58 -11.16 8.03
N CYS A 25 4.45 -10.93 7.05
CA CYS A 25 5.17 -12.03 6.41
C CYS A 25 6.30 -12.51 7.32
N ALA A 26 7.30 -11.64 7.52
CA ALA A 26 8.56 -11.94 8.19
C ALA A 26 9.69 -11.21 7.49
N ASP A 27 9.53 -11.04 6.18
CA ASP A 27 10.50 -10.32 5.39
C ASP A 27 9.91 -9.04 4.82
N ALA A 28 10.78 -8.10 4.47
CA ALA A 28 10.38 -6.83 3.89
C ALA A 28 9.88 -7.01 2.46
N VAL A 29 8.69 -6.50 2.20
CA VAL A 29 8.15 -6.57 0.84
C VAL A 29 7.76 -5.20 0.34
N SER A 30 8.05 -4.95 -0.92
CA SER A 30 7.74 -3.67 -1.51
C SER A 30 6.34 -3.70 -2.07
N VAL A 31 5.49 -2.81 -1.56
CA VAL A 31 4.11 -2.77 -1.99
C VAL A 31 3.77 -1.43 -2.61
N THR A 32 2.86 -1.48 -3.56
CA THR A 32 2.33 -0.31 -4.24
C THR A 32 0.80 -0.31 -4.16
N VAL A 33 0.17 0.83 -4.36
CA VAL A 33 -1.29 0.93 -4.27
C VAL A 33 -1.87 1.74 -5.41
N GLU A 34 -2.98 1.25 -5.92
CA GLU A 34 -3.69 1.87 -7.01
C GLU A 34 -4.88 2.66 -6.46
N TYR A 35 -4.92 3.96 -6.69
CA TYR A 35 -6.00 4.77 -6.16
C TYR A 35 -7.05 5.06 -7.23
N THR A 36 -8.24 5.38 -6.76
CA THR A 36 -9.33 5.85 -7.60
C THR A 36 -8.89 6.96 -8.57
N HIS A 37 -7.98 7.82 -8.15
CA HIS A 37 -7.46 8.86 -9.05
C HIS A 37 -6.08 8.47 -9.53
N GLY A 38 -5.05 8.76 -8.74
CA GLY A 38 -3.71 8.36 -9.10
C GLY A 38 -2.64 9.23 -8.48
N GLN A 39 -2.74 9.46 -7.18
CA GLN A 39 -1.69 10.19 -6.45
C GLN A 39 -0.40 9.37 -6.45
N TRP A 40 0.73 10.05 -6.34
CA TRP A 40 2.00 9.34 -6.27
C TRP A 40 2.16 8.75 -4.87
N ALA A 41 2.62 7.50 -4.83
CA ALA A 41 2.66 6.70 -3.60
C ALA A 41 2.92 5.22 -3.91
N PRO A 42 2.25 4.65 -4.97
CA PRO A 42 2.41 3.23 -5.39
C PRO A 42 3.87 2.75 -5.53
N CYS A 43 4.55 2.59 -4.39
CA CYS A 43 5.82 1.88 -4.27
C CYS A 43 6.50 2.20 -2.95
N ARG A 44 6.32 1.33 -1.97
CA ARG A 44 6.89 1.50 -0.65
C ARG A 44 7.16 0.13 -0.03
N VAL A 45 8.38 -0.10 0.41
CA VAL A 45 8.72 -1.37 1.02
C VAL A 45 8.27 -1.41 2.48
N ILE A 46 7.70 -2.55 2.85
CA ILE A 46 7.17 -2.75 4.17
C ILE A 46 8.19 -3.43 5.03
N GLU A 47 8.19 -3.09 6.28
CA GLU A 47 8.95 -3.80 7.26
C GLU A 47 8.10 -4.95 7.76
N PRO A 48 8.71 -6.12 7.99
CA PRO A 48 8.01 -7.28 8.53
C PRO A 48 7.09 -6.95 9.70
N GLY A 49 5.81 -6.75 9.40
CA GLY A 49 4.86 -6.46 10.46
C GLY A 49 4.55 -4.98 10.58
N GLY A 50 5.08 -4.20 9.65
CA GLY A 50 4.89 -2.77 9.69
C GLY A 50 3.73 -2.30 8.84
N TRP A 51 3.63 -0.98 8.71
CA TRP A 51 2.55 -0.36 7.94
C TRP A 51 3.12 0.47 6.80
N ALA A 52 2.22 0.85 5.91
CA ALA A 52 2.52 1.77 4.85
C ALA A 52 1.30 2.65 4.67
N THR A 53 1.46 3.92 4.95
CA THR A 53 0.36 4.87 4.93
C THR A 53 0.09 5.32 3.52
N PHE A 54 -1.16 5.24 3.13
CA PHE A 54 -1.55 5.62 1.79
C PHE A 54 -2.83 6.41 1.87
N ALA A 55 -2.92 7.45 1.05
CA ALA A 55 -4.04 8.37 1.09
C ALA A 55 -5.36 7.62 0.95
N GLY A 56 -6.07 7.51 2.07
CA GLY A 56 -7.34 6.84 2.07
C GLY A 56 -8.39 7.61 1.29
N TYR A 57 -9.64 7.19 1.36
CA TYR A 57 -10.69 7.81 0.59
C TYR A 57 -11.24 9.06 1.27
N GLY A 58 -10.39 10.07 1.38
CA GLY A 58 -10.79 11.32 1.97
C GLY A 58 -11.46 12.22 0.95
N THR A 59 -12.18 13.23 1.42
CA THR A 59 -12.84 14.18 0.53
C THR A 59 -11.81 14.88 -0.37
N ASP A 60 -12.13 14.97 -1.67
CA ASP A 60 -11.22 15.53 -2.68
C ASP A 60 -9.97 14.65 -2.85
N GLY A 61 -10.00 13.48 -2.23
CA GLY A 61 -8.84 12.63 -2.25
C GLY A 61 -8.96 11.52 -3.27
N ASN A 62 -8.40 10.36 -2.94
CA ASN A 62 -8.46 9.20 -3.79
C ASN A 62 -9.15 8.09 -3.03
N TYR A 63 -8.83 6.87 -3.39
CA TYR A 63 -9.33 5.67 -2.73
C TYR A 63 -8.54 4.49 -3.25
N VAL A 64 -7.68 3.94 -2.41
CA VAL A 64 -6.85 2.82 -2.82
C VAL A 64 -7.74 1.60 -3.09
N THR A 65 -7.58 0.99 -4.25
CA THR A 65 -8.43 -0.12 -4.63
C THR A 65 -7.61 -1.38 -4.86
N GLY A 66 -6.36 -1.21 -5.26
CA GLY A 66 -5.55 -2.37 -5.56
C GLY A 66 -4.13 -2.24 -5.07
N LEU A 67 -3.76 -3.09 -4.12
CA LEU A 67 -2.37 -3.20 -3.70
C LEU A 67 -1.63 -4.05 -4.71
N HIS A 68 -0.36 -3.73 -4.91
CA HIS A 68 0.46 -4.41 -5.88
C HIS A 68 1.86 -4.62 -5.33
N THR A 69 2.59 -5.58 -5.88
CA THR A 69 3.98 -5.76 -5.49
C THR A 69 4.87 -4.75 -6.19
N CYS A 70 5.65 -4.03 -5.40
CA CYS A 70 6.59 -3.07 -5.94
C CYS A 70 7.95 -3.74 -6.08
N ASP A 71 8.80 -3.19 -6.92
CA ASP A 71 10.16 -3.66 -7.05
C ASP A 71 11.07 -2.47 -7.12
N PRO A 72 12.29 -2.58 -6.54
CA PRO A 72 13.33 -1.56 -6.49
C PRO A 72 13.16 -0.43 -7.49
N ALA A 73 12.31 0.52 -7.12
CA ALA A 73 11.95 1.64 -7.96
C ALA A 73 11.18 2.67 -7.14
N THR A 74 11.88 3.33 -6.25
CA THR A 74 11.28 4.24 -5.29
C THR A 74 10.96 5.59 -5.91
N PRO A 75 9.70 6.05 -5.78
CA PRO A 75 9.31 7.38 -6.26
C PRO A 75 10.00 8.50 -5.50
N SER A 76 9.59 8.69 -4.25
CA SER A 76 10.23 9.66 -3.37
C SER A 76 11.31 8.97 -2.52
N GLY A 77 12.57 9.21 -2.87
CA GLY A 77 13.67 8.59 -2.15
C GLY A 77 14.85 8.35 -3.05
N VAL A 78 15.16 7.07 -3.29
CA VAL A 78 16.26 6.70 -4.15
C VAL A 78 15.76 6.44 -5.58
N ALA A 1 -10.28 -15.04 1.99
CA ALA A 1 -9.09 -14.33 1.48
C ALA A 1 -7.96 -14.39 2.49
N THR A 2 -7.00 -15.30 2.28
CA THR A 2 -5.82 -15.39 3.11
C THR A 2 -4.80 -14.34 2.71
N GLY A 3 -4.92 -13.89 1.47
CA GLY A 3 -4.02 -12.89 0.92
C GLY A 3 -3.91 -13.05 -0.57
N SER A 4 -3.92 -11.93 -1.30
CA SER A 4 -3.89 -11.98 -2.76
C SER A 4 -3.06 -10.82 -3.34
N PRO A 5 -3.37 -9.54 -3.00
CA PRO A 5 -2.60 -8.42 -3.51
C PRO A 5 -1.27 -8.26 -2.78
N VAL A 6 -0.18 -8.25 -3.58
CA VAL A 6 1.22 -8.11 -3.09
C VAL A 6 1.53 -8.90 -1.82
N ALA A 7 2.28 -9.98 -2.00
CA ALA A 7 2.96 -10.67 -0.90
C ALA A 7 2.00 -11.48 -0.01
N GLU A 8 0.72 -11.13 -0.09
CA GLU A 8 -0.36 -11.85 0.60
C GLU A 8 -0.43 -11.51 2.08
N CYS A 9 0.73 -11.39 2.72
CA CYS A 9 0.80 -11.15 4.15
C CYS A 9 0.49 -9.71 4.50
N VAL A 10 0.48 -8.83 3.51
CA VAL A 10 0.24 -7.41 3.78
C VAL A 10 -1.25 -7.14 3.69
N GLU A 11 -1.78 -6.44 4.68
CA GLU A 11 -3.22 -6.24 4.78
C GLU A 11 -3.55 -4.79 5.07
N TYR A 12 -4.18 -4.11 4.13
CA TYR A 12 -4.61 -2.74 4.36
C TYR A 12 -6.01 -2.68 4.95
N PHE A 13 -6.29 -1.53 5.54
CA PHE A 13 -7.60 -1.21 6.03
C PHE A 13 -7.83 0.27 5.76
N GLN A 14 -9.03 0.61 5.35
CA GLN A 14 -9.34 1.99 5.04
C GLN A 14 -10.02 2.65 6.23
N SER A 15 -9.23 3.37 7.02
CA SER A 15 -9.74 4.11 8.14
C SER A 15 -9.92 5.57 7.73
N TRP A 16 -9.90 6.48 8.70
CA TRP A 16 -10.11 7.89 8.42
C TRP A 16 -8.91 8.47 7.66
N ARG A 17 -9.00 8.45 6.33
CA ARG A 17 -7.96 9.03 5.47
C ARG A 17 -6.62 8.30 5.64
N TYR A 18 -6.70 7.01 5.92
CA TYR A 18 -5.53 6.23 6.25
C TYR A 18 -5.71 4.81 5.73
N THR A 19 -5.07 4.49 4.64
CA THR A 19 -5.03 3.13 4.18
C THR A 19 -3.81 2.44 4.80
N ASP A 20 -4.04 1.83 5.96
CA ASP A 20 -2.99 1.15 6.71
C ASP A 20 -2.76 -0.25 6.20
N VAL A 21 -1.62 -0.46 5.55
CA VAL A 21 -1.25 -1.79 5.12
C VAL A 21 -0.27 -2.37 6.13
N HIS A 22 -0.78 -3.31 6.88
CA HIS A 22 0.01 -4.01 7.88
C HIS A 22 0.46 -5.34 7.33
N ASN A 23 1.76 -5.45 7.09
CA ASN A 23 2.33 -6.69 6.59
C ASN A 23 2.49 -7.68 7.74
N GLY A 24 2.36 -8.97 7.46
CA GLY A 24 2.57 -9.97 8.47
C GLY A 24 3.52 -11.07 8.01
N CYS A 25 4.22 -10.82 6.91
CA CYS A 25 5.20 -11.76 6.38
C CYS A 25 6.50 -11.56 7.11
N ALA A 26 7.32 -12.58 7.17
CA ALA A 26 8.57 -12.53 7.91
C ALA A 26 9.62 -11.67 7.22
N ASP A 27 9.38 -11.28 5.98
CA ASP A 27 10.36 -10.51 5.23
C ASP A 27 9.79 -9.20 4.71
N ALA A 28 10.68 -8.26 4.45
CA ALA A 28 10.34 -6.96 3.91
C ALA A 28 9.86 -7.07 2.47
N VAL A 29 8.68 -6.55 2.21
CA VAL A 29 8.13 -6.59 0.86
C VAL A 29 7.77 -5.21 0.38
N SER A 30 8.09 -4.95 -0.87
CA SER A 30 7.77 -3.68 -1.49
C SER A 30 6.38 -3.74 -2.06
N VAL A 31 5.53 -2.87 -1.57
CA VAL A 31 4.19 -2.81 -2.03
C VAL A 31 3.90 -1.51 -2.73
N THR A 32 2.81 -1.48 -3.44
CA THR A 32 2.33 -0.30 -4.13
C THR A 32 0.81 -0.30 -4.14
N VAL A 33 0.22 0.86 -4.34
CA VAL A 33 -1.23 0.98 -4.29
C VAL A 33 -1.74 1.80 -5.44
N GLU A 34 -2.89 1.42 -5.93
CA GLU A 34 -3.48 2.05 -7.09
C GLU A 34 -4.81 2.70 -6.69
N TYR A 35 -4.87 4.03 -6.75
CA TYR A 35 -6.03 4.76 -6.24
C TYR A 35 -7.05 5.02 -7.33
N THR A 36 -8.27 5.28 -6.88
CA THR A 36 -9.38 5.62 -7.74
C THR A 36 -9.06 6.76 -8.72
N HIS A 37 -8.41 7.83 -8.26
CA HIS A 37 -8.11 8.96 -9.15
C HIS A 37 -6.71 8.84 -9.74
N GLY A 38 -5.70 9.07 -8.93
CA GLY A 38 -4.34 8.83 -9.39
C GLY A 38 -3.30 9.61 -8.61
N GLN A 39 -3.36 9.55 -7.28
CA GLN A 39 -2.32 10.14 -6.44
C GLN A 39 -1.02 9.36 -6.59
N TRP A 40 0.09 10.06 -6.41
CA TRP A 40 1.40 9.45 -6.49
C TRP A 40 1.79 8.79 -5.17
N ALA A 41 1.81 7.46 -5.16
CA ALA A 41 2.29 6.68 -4.01
C ALA A 41 2.40 5.18 -4.31
N PRO A 42 2.60 4.73 -5.58
CA PRO A 42 2.53 3.33 -5.90
C PRO A 42 3.89 2.64 -5.80
N CYS A 43 4.53 2.72 -4.62
CA CYS A 43 5.75 1.96 -4.31
C CYS A 43 6.29 2.31 -2.91
N ARG A 44 6.32 1.33 -2.02
CA ARG A 44 6.80 1.50 -0.66
C ARG A 44 7.15 0.14 -0.06
N VAL A 45 8.37 -0.05 0.41
CA VAL A 45 8.74 -1.33 1.02
C VAL A 45 8.30 -1.38 2.48
N ILE A 46 7.79 -2.53 2.87
CA ILE A 46 7.26 -2.76 4.18
C ILE A 46 8.27 -3.51 5.01
N GLU A 47 8.28 -3.25 6.28
CA GLU A 47 9.01 -4.07 7.21
C GLU A 47 8.07 -5.17 7.70
N PRO A 48 8.58 -6.39 7.92
CA PRO A 48 7.81 -7.50 8.47
C PRO A 48 6.97 -7.08 9.68
N GLY A 49 5.72 -6.72 9.43
CA GLY A 49 4.85 -6.33 10.53
C GLY A 49 4.69 -4.83 10.62
N GLY A 50 5.15 -4.13 9.59
CA GLY A 50 5.05 -2.69 9.56
C GLY A 50 3.87 -2.22 8.74
N TRP A 51 3.77 -0.90 8.62
CA TRP A 51 2.67 -0.27 7.90
C TRP A 51 3.17 0.54 6.73
N ALA A 52 2.25 0.90 5.87
CA ALA A 52 2.50 1.82 4.79
C ALA A 52 1.26 2.68 4.62
N THR A 53 1.38 3.95 4.96
CA THR A 53 0.25 4.86 4.94
C THR A 53 -0.03 5.33 3.53
N PHE A 54 -1.29 5.25 3.14
CA PHE A 54 -1.67 5.63 1.81
C PHE A 54 -3.00 6.36 1.89
N ALA A 55 -3.16 7.39 1.06
CA ALA A 55 -4.34 8.24 1.13
C ALA A 55 -5.61 7.42 1.00
N GLY A 56 -6.25 7.20 2.14
CA GLY A 56 -7.51 6.49 2.13
C GLY A 56 -8.60 7.31 1.48
N TYR A 57 -9.82 6.81 1.47
CA TYR A 57 -10.87 7.49 0.73
C TYR A 57 -11.52 8.58 1.60
N GLY A 58 -11.02 9.79 1.44
CA GLY A 58 -11.62 10.93 2.10
C GLY A 58 -12.67 11.56 1.23
N THR A 59 -13.43 12.48 1.80
CA THR A 59 -14.45 13.19 1.06
C THR A 59 -13.81 14.04 -0.05
N ASP A 60 -14.10 13.69 -1.31
CA ASP A 60 -13.51 14.34 -2.47
C ASP A 60 -12.00 14.07 -2.52
N GLY A 61 -11.66 12.80 -2.67
CA GLY A 61 -10.27 12.41 -2.76
C GLY A 61 -10.11 11.18 -3.61
N ASN A 62 -9.14 10.35 -3.29
CA ASN A 62 -8.96 9.09 -3.95
C ASN A 62 -9.40 7.97 -3.04
N TYR A 63 -9.31 6.78 -3.55
CA TYR A 63 -9.50 5.58 -2.76
C TYR A 63 -8.62 4.49 -3.32
N VAL A 64 -7.70 3.99 -2.50
CA VAL A 64 -6.85 2.90 -2.91
C VAL A 64 -7.74 1.68 -3.16
N THR A 65 -7.53 1.02 -4.29
CA THR A 65 -8.36 -0.14 -4.61
C THR A 65 -7.51 -1.39 -4.72
N GLY A 66 -6.32 -1.25 -5.29
CA GLY A 66 -5.51 -2.42 -5.55
C GLY A 66 -4.09 -2.27 -5.05
N LEU A 67 -3.71 -3.20 -4.20
CA LEU A 67 -2.34 -3.28 -3.73
C LEU A 67 -1.54 -4.12 -4.71
N HIS A 68 -0.31 -3.76 -4.89
CA HIS A 68 0.54 -4.39 -5.88
C HIS A 68 1.94 -4.60 -5.32
N THR A 69 2.69 -5.51 -5.90
CA THR A 69 4.08 -5.71 -5.49
C THR A 69 5.00 -4.71 -6.17
N CYS A 70 5.75 -3.99 -5.37
CA CYS A 70 6.75 -3.07 -5.86
C CYS A 70 8.10 -3.77 -5.86
N ASP A 71 9.11 -3.13 -6.42
CA ASP A 71 10.47 -3.63 -6.34
C ASP A 71 11.39 -2.48 -6.05
N PRO A 72 12.50 -2.73 -5.31
CA PRO A 72 13.54 -1.76 -4.96
C PRO A 72 13.53 -0.48 -5.77
N ALA A 73 12.68 0.44 -5.34
CA ALA A 73 12.46 1.68 -6.04
C ALA A 73 11.73 2.66 -5.13
N THR A 74 12.46 3.64 -4.64
CA THR A 74 11.90 4.62 -3.72
C THR A 74 11.06 5.65 -4.46
N PRO A 75 9.86 5.96 -3.93
CA PRO A 75 8.98 6.98 -4.52
C PRO A 75 9.61 8.36 -4.50
N SER A 76 9.33 9.14 -5.53
CA SER A 76 9.93 10.45 -5.67
C SER A 76 9.23 11.45 -4.75
N GLY A 77 9.87 11.75 -3.63
CA GLY A 77 9.33 12.69 -2.68
C GLY A 77 10.43 13.47 -1.99
N VAL A 78 10.15 14.72 -1.65
CA VAL A 78 11.14 15.58 -1.02
C VAL A 78 11.05 15.49 0.49
N ALA A 1 -7.03 -12.04 -8.59
CA ALA A 1 -7.77 -12.70 -7.49
C ALA A 1 -8.25 -11.67 -6.47
N THR A 2 -9.30 -12.03 -5.75
CA THR A 2 -9.90 -11.12 -4.78
C THR A 2 -8.99 -10.89 -3.58
N GLY A 3 -8.42 -11.96 -3.03
CA GLY A 3 -7.58 -11.83 -1.87
C GLY A 3 -6.14 -12.20 -2.13
N SER A 4 -5.57 -11.66 -3.20
CA SER A 4 -4.18 -11.94 -3.55
C SER A 4 -3.48 -10.67 -4.04
N PRO A 5 -3.35 -9.64 -3.18
CA PRO A 5 -2.64 -8.42 -3.49
C PRO A 5 -1.22 -8.43 -2.94
N VAL A 6 -0.29 -7.91 -3.73
CA VAL A 6 1.14 -7.82 -3.36
C VAL A 6 1.66 -9.17 -2.79
N ALA A 7 2.60 -9.09 -1.87
CA ALA A 7 3.15 -10.24 -1.16
C ALA A 7 2.09 -11.11 -0.45
N GLU A 8 0.82 -10.68 -0.52
CA GLU A 8 -0.31 -11.39 0.10
C GLU A 8 -0.30 -11.34 1.63
N CYS A 9 0.87 -11.15 2.21
CA CYS A 9 1.01 -11.12 3.67
C CYS A 9 0.63 -9.75 4.22
N VAL A 10 0.59 -8.74 3.36
CA VAL A 10 0.30 -7.39 3.79
C VAL A 10 -1.21 -7.14 3.68
N GLU A 11 -1.77 -6.42 4.64
CA GLU A 11 -3.21 -6.26 4.74
C GLU A 11 -3.58 -4.81 5.04
N TYR A 12 -4.25 -4.14 4.12
CA TYR A 12 -4.69 -2.77 4.36
C TYR A 12 -6.13 -2.69 4.88
N PHE A 13 -6.43 -1.52 5.41
CA PHE A 13 -7.77 -1.16 5.83
C PHE A 13 -7.95 0.34 5.60
N GLN A 14 -9.15 0.87 5.78
CA GLN A 14 -9.37 2.29 5.57
C GLN A 14 -9.93 2.95 6.83
N SER A 15 -9.29 4.02 7.27
CA SER A 15 -9.75 4.75 8.43
C SER A 15 -9.38 6.23 8.33
N TRP A 16 -10.27 7.01 7.72
CA TRP A 16 -10.11 8.47 7.59
C TRP A 16 -8.79 8.84 6.91
N ARG A 17 -8.78 8.74 5.58
CA ARG A 17 -7.64 9.19 4.76
C ARG A 17 -6.36 8.44 5.13
N TYR A 18 -6.51 7.25 5.69
CA TYR A 18 -5.37 6.47 6.16
C TYR A 18 -5.58 5.01 5.79
N THR A 19 -4.99 4.59 4.70
CA THR A 19 -5.00 3.20 4.31
C THR A 19 -3.81 2.48 4.93
N ASP A 20 -4.08 1.78 6.03
CA ASP A 20 -3.06 1.06 6.79
C ASP A 20 -2.80 -0.32 6.22
N VAL A 21 -1.63 -0.51 5.63
CA VAL A 21 -1.25 -1.83 5.17
C VAL A 21 -0.27 -2.44 6.15
N HIS A 22 -0.77 -3.42 6.86
CA HIS A 22 0.01 -4.15 7.85
C HIS A 22 0.48 -5.49 7.27
N ASN A 23 1.79 -5.58 7.05
CA ASN A 23 2.37 -6.80 6.49
C ASN A 23 2.57 -7.86 7.59
N GLY A 24 2.63 -9.13 7.18
CA GLY A 24 2.99 -10.19 8.11
C GLY A 24 3.74 -11.31 7.41
N CYS A 25 4.50 -10.96 6.36
CA CYS A 25 5.27 -11.93 5.59
C CYS A 25 6.53 -12.34 6.32
N ALA A 26 6.91 -11.51 7.29
CA ALA A 26 8.12 -11.70 8.13
C ALA A 26 9.35 -11.09 7.49
N ASP A 27 9.28 -10.81 6.20
CA ASP A 27 10.36 -10.11 5.52
C ASP A 27 9.84 -8.82 4.90
N ALA A 28 10.76 -7.91 4.64
CA ALA A 28 10.44 -6.63 4.00
C ALA A 28 9.98 -6.84 2.57
N VAL A 29 8.79 -6.35 2.26
CA VAL A 29 8.24 -6.47 0.92
C VAL A 29 7.82 -5.12 0.38
N SER A 30 8.11 -4.89 -0.87
CA SER A 30 7.76 -3.63 -1.50
C SER A 30 6.35 -3.73 -2.05
N VAL A 31 5.49 -2.87 -1.55
CA VAL A 31 4.11 -2.83 -1.97
C VAL A 31 3.80 -1.51 -2.67
N THR A 32 2.84 -1.54 -3.54
CA THR A 32 2.35 -0.36 -4.23
C THR A 32 0.82 -0.38 -4.19
N VAL A 33 0.19 0.77 -4.39
CA VAL A 33 -1.26 0.88 -4.33
C VAL A 33 -1.77 1.69 -5.50
N GLU A 34 -2.89 1.28 -6.04
CA GLU A 34 -3.47 1.97 -7.19
C GLU A 34 -4.77 2.62 -6.77
N TYR A 35 -4.84 3.93 -6.89
CA TYR A 35 -5.97 4.70 -6.39
C TYR A 35 -7.03 4.93 -7.46
N THR A 36 -8.19 5.33 -6.99
CA THR A 36 -9.29 5.77 -7.83
C THR A 36 -8.87 6.86 -8.83
N HIS A 37 -7.86 7.66 -8.47
CA HIS A 37 -7.41 8.74 -9.35
C HIS A 37 -6.02 8.44 -9.92
N GLY A 38 -4.97 8.79 -9.20
CA GLY A 38 -3.63 8.49 -9.65
C GLY A 38 -2.56 9.24 -8.89
N GLN A 39 -2.69 9.29 -7.57
CA GLN A 39 -1.71 9.95 -6.73
C GLN A 39 -0.42 9.14 -6.67
N TRP A 40 0.71 9.83 -6.57
CA TRP A 40 1.99 9.14 -6.41
C TRP A 40 2.10 8.63 -4.98
N ALA A 41 2.65 7.43 -4.85
CA ALA A 41 2.65 6.65 -3.60
C ALA A 41 2.93 5.17 -3.88
N PRO A 42 2.28 4.59 -4.95
CA PRO A 42 2.46 3.18 -5.38
C PRO A 42 3.91 2.67 -5.48
N CYS A 43 4.61 2.56 -4.35
CA CYS A 43 5.86 1.81 -4.21
C CYS A 43 6.52 2.13 -2.86
N ARG A 44 6.38 1.20 -1.93
CA ARG A 44 6.89 1.35 -0.57
C ARG A 44 7.28 -0.02 -0.02
N VAL A 45 8.51 -0.14 0.45
CA VAL A 45 8.92 -1.38 1.10
C VAL A 45 8.42 -1.40 2.53
N ILE A 46 7.80 -2.50 2.89
CA ILE A 46 7.23 -2.67 4.19
C ILE A 46 8.23 -3.35 5.09
N GLU A 47 8.15 -3.03 6.34
CA GLU A 47 8.88 -3.75 7.35
C GLU A 47 8.06 -4.97 7.75
N PRO A 48 8.72 -6.10 8.05
CA PRO A 48 8.05 -7.29 8.58
C PRO A 48 7.07 -6.96 9.69
N GLY A 49 5.80 -6.81 9.34
CA GLY A 49 4.79 -6.53 10.35
C GLY A 49 4.56 -5.05 10.52
N GLY A 50 5.04 -4.28 9.57
CA GLY A 50 4.93 -2.84 9.63
C GLY A 50 3.78 -2.32 8.80
N TRP A 51 3.68 -1.00 8.71
CA TRP A 51 2.61 -0.36 7.96
C TRP A 51 3.15 0.49 6.81
N ALA A 52 2.25 0.88 5.94
CA ALA A 52 2.52 1.82 4.88
C ALA A 52 1.28 2.68 4.71
N THR A 53 1.43 3.97 4.93
CA THR A 53 0.30 4.87 4.92
C THR A 53 0.02 5.36 3.51
N PHE A 54 -1.23 5.27 3.12
CA PHE A 54 -1.64 5.64 1.78
C PHE A 54 -2.94 6.40 1.86
N ALA A 55 -3.11 7.37 0.97
CA ALA A 55 -4.27 8.25 1.01
C ALA A 55 -5.57 7.46 0.96
N GLY A 56 -6.15 7.24 2.14
CA GLY A 56 -7.43 6.58 2.20
C GLY A 56 -8.52 7.51 1.73
N TYR A 57 -9.75 7.03 1.55
CA TYR A 57 -10.77 7.86 0.94
C TYR A 57 -11.47 8.74 1.99
N GLY A 58 -10.91 9.93 2.19
CA GLY A 58 -11.48 10.89 3.11
C GLY A 58 -11.94 12.15 2.39
N THR A 59 -10.99 12.98 1.99
CA THR A 59 -11.31 14.19 1.25
C THR A 59 -10.93 13.99 -0.21
N ASP A 60 -11.73 14.58 -1.11
CA ASP A 60 -11.45 14.57 -2.55
C ASP A 60 -11.68 13.18 -3.17
N GLY A 61 -11.23 12.16 -2.48
CA GLY A 61 -11.42 10.80 -2.94
C GLY A 61 -10.13 10.02 -2.88
N ASN A 62 -9.61 9.64 -4.05
CA ASN A 62 -8.32 8.99 -4.17
C ASN A 62 -8.27 7.69 -3.38
N TYR A 63 -9.36 6.94 -3.42
CA TYR A 63 -9.45 5.68 -2.70
C TYR A 63 -8.50 4.65 -3.30
N VAL A 64 -7.62 4.11 -2.48
CA VAL A 64 -6.80 2.98 -2.88
C VAL A 64 -7.71 1.78 -3.12
N THR A 65 -7.57 1.14 -4.26
CA THR A 65 -8.47 0.06 -4.58
C THR A 65 -7.72 -1.25 -4.80
N GLY A 66 -6.44 -1.15 -5.13
CA GLY A 66 -5.68 -2.36 -5.37
C GLY A 66 -4.24 -2.24 -4.93
N LEU A 67 -3.81 -3.21 -4.13
CA LEU A 67 -2.42 -3.32 -3.76
C LEU A 67 -1.67 -4.16 -4.80
N HIS A 68 -0.47 -3.72 -5.12
CA HIS A 68 0.37 -4.38 -6.11
C HIS A 68 1.75 -4.58 -5.50
N THR A 69 2.45 -5.64 -5.86
CA THR A 69 3.79 -5.80 -5.31
C THR A 69 4.78 -4.95 -6.08
N CYS A 70 5.51 -4.13 -5.35
CA CYS A 70 6.47 -3.23 -5.93
C CYS A 70 7.81 -3.93 -6.07
N ASP A 71 8.66 -3.44 -6.95
CA ASP A 71 9.98 -3.98 -7.12
C ASP A 71 10.97 -2.84 -7.26
N PRO A 72 12.18 -3.00 -6.67
CA PRO A 72 13.27 -2.02 -6.61
C PRO A 72 13.16 -0.84 -7.55
N ALA A 73 12.25 0.06 -7.22
CA ALA A 73 11.96 1.22 -8.04
C ALA A 73 11.04 2.17 -7.29
N THR A 74 11.60 2.82 -6.28
CA THR A 74 10.82 3.68 -5.41
C THR A 74 10.57 5.05 -6.05
N PRO A 75 9.44 5.69 -5.71
CA PRO A 75 9.10 7.01 -6.21
C PRO A 75 10.06 8.09 -5.71
N SER A 76 10.98 8.48 -6.59
CA SER A 76 11.95 9.52 -6.27
C SER A 76 12.91 9.09 -5.16
N GLY A 77 13.56 10.05 -4.53
CA GLY A 77 14.53 9.75 -3.50
C GLY A 77 15.90 10.24 -3.91
N VAL A 78 16.23 10.01 -5.17
CA VAL A 78 17.46 10.51 -5.77
C VAL A 78 17.17 11.01 -7.17
#